data_6UBS
#
_entry.id   6UBS
#
_cell.length_a   1.00
_cell.length_b   1.00
_cell.length_c   1.00
_cell.angle_alpha   90.00
_cell.angle_beta   90.00
_cell.angle_gamma   90.00
#
_symmetry.space_group_name_H-M   'P 1'
#
loop_
_entity.id
_entity.type
_entity.pdbx_description
1 polymer 'Glycine receptor subunit alphaZ1'
2 branched 2-acetamido-2-deoxy-beta-D-glucopyranose-(1-4)-2-acetamido-2-deoxy-beta-D-glucopyranose
3 non-polymer 1,2-DIMYRISTOYL-SN-GLYCERO-3-PHOSPHOCHOLINE
4 non-polymer '[(2R)-2-octanoyloxy-3-[oxidanyl-[(1R,2R,3S,4R,5R,6S)-2,3,6-tris(oxidanyl)-4,5-diphosphonooxy-cyclohexyl]oxy-phosphoryl]oxy-propyl] octanoate'
#
_entity_poly.entity_id   1
_entity_poly.type   'polypeptide(L)'
_entity_poly.pdbx_seq_one_letter_code
;MFALGIYLWETIVFFSLAASQQAAARKAASPMPPSEFLDKLMGKVSGYDARIRPNFKGPPVNVTCNIFINSFGSIAETTM
DYRVNIFLRQQWNDPRLAYSEYPDDSLDLDPSMLDSIWKPDLFFANEKGANFHEVTTDNKLLRISKNGNVLYSIRITLVL
ACPMDLKNFPMDVQTCIMQLESFGYTMNDLIFEWDEKGAVQVADGLTLPQFILKEEKDLRYCTKHYNTGKFTCIEARFHL
ERQMGYYLIQMYIPSLLIVILSWVSFWINMDAAPARVGLGITTVLTMTTQSSGSRASLPKVSYVKAIDIWMAVCLLFVFS
ALLEYAAVNFIARQHKELLRFQRRRRHLKEDEAGDGRFSFAAYGMGPACLQAKDGMAIKGNNNNAPTSTNPPEKTVEEMR
KLFISRAKRIDTVSRVAFPLVFLIFNIFYWITYKIIRSEDIHKQ
;
_entity_poly.pdbx_strand_id   A,B,C,D,E
#
loop_
_chem_comp.id
_chem_comp.type
_chem_comp.name
_chem_comp.formula
NAG D-saccharide, beta linking 2-acetamido-2-deoxy-beta-D-glucopyranose 'C8 H15 N O6'
PIO non-polymer '[(2R)-2-octanoyloxy-3-[oxidanyl-[(1R,2R,3S,4R,5R,6S)-2,3,6-tris(oxidanyl)-4,5-diphosphonooxy-cyclohexyl]oxy-phosphoryl]oxy-propyl] octanoate' 'C25 H49 O19 P3'
PX4 non-polymer 1,2-DIMYRISTOYL-SN-GLYCERO-3-PHOSPHOCHOLINE 'C36 H73 N O8 P 1'
#
# COMPACT_ATOMS: atom_id res chain seq x y z
N PRO A 31 48.15 -29.18 -21.75
CA PRO A 31 48.63 -30.20 -20.81
C PRO A 31 48.65 -29.70 -19.37
N MET A 32 48.30 -28.43 -19.17
CA MET A 32 48.23 -27.84 -17.85
C MET A 32 46.83 -27.31 -17.58
N PRO A 33 46.38 -27.31 -16.33
CA PRO A 33 45.04 -26.79 -16.01
C PRO A 33 44.99 -25.29 -16.18
N PRO A 34 43.87 -24.75 -16.67
CA PRO A 34 43.83 -23.31 -17.01
C PRO A 34 43.85 -22.39 -15.81
N SER A 35 43.42 -22.86 -14.63
CA SER A 35 43.48 -22.02 -13.44
C SER A 35 44.92 -21.75 -13.03
N GLU A 36 45.82 -22.68 -13.29
CA GLU A 36 47.24 -22.47 -13.04
C GLU A 36 47.90 -21.66 -14.15
N PHE A 37 47.17 -21.32 -15.22
CA PHE A 37 47.68 -20.41 -16.24
C PHE A 37 47.05 -19.03 -16.20
N LEU A 38 45.75 -18.93 -15.88
CA LEU A 38 45.09 -17.63 -15.92
C LEU A 38 45.57 -16.71 -14.81
N ASP A 39 46.10 -17.28 -13.72
CA ASP A 39 46.66 -16.46 -12.66
C ASP A 39 48.08 -16.00 -12.96
N LYS A 40 48.68 -16.42 -14.08
CA LYS A 40 50.01 -15.94 -14.43
C LYS A 40 49.99 -14.91 -15.56
N LEU A 41 48.86 -14.76 -16.27
CA LEU A 41 48.70 -13.64 -17.19
C LEU A 41 48.57 -12.33 -16.42
N MET A 42 47.63 -12.27 -15.48
CA MET A 42 47.44 -11.11 -14.62
C MET A 42 48.10 -11.28 -13.26
N GLY A 43 49.22 -11.98 -13.21
CA GLY A 43 49.94 -12.18 -11.97
C GLY A 43 50.68 -10.94 -11.51
N LYS A 44 51.38 -11.09 -10.38
CA LYS A 44 52.16 -9.99 -9.84
C LYS A 44 53.36 -9.67 -10.71
N VAL A 45 54.17 -10.68 -11.03
CA VAL A 45 55.31 -10.50 -11.95
C VAL A 45 54.76 -10.78 -13.34
N SER A 46 54.13 -9.76 -13.91
CA SER A 46 53.64 -9.75 -15.30
C SER A 46 53.27 -8.32 -15.65
N GLY A 47 53.38 -7.98 -16.93
CA GLY A 47 53.08 -6.64 -17.39
C GLY A 47 51.60 -6.34 -17.49
N TYR A 48 50.88 -6.47 -16.37
CA TYR A 48 49.45 -6.18 -16.33
C TYR A 48 49.16 -5.31 -15.11
N ASP A 49 48.45 -4.20 -15.35
CA ASP A 49 47.86 -3.41 -14.29
C ASP A 49 46.34 -3.46 -14.43
N ALA A 50 45.65 -3.65 -13.30
CA ALA A 50 44.20 -3.81 -13.37
C ALA A 50 43.50 -2.49 -13.63
N ARG A 51 43.99 -1.41 -13.04
CA ARG A 51 43.39 -0.09 -13.23
C ARG A 51 44.16 0.72 -14.27
N ILE A 52 44.17 0.21 -15.50
CA ILE A 52 44.79 0.91 -16.61
C ILE A 52 44.02 0.57 -17.89
N ARG A 53 44.02 1.50 -18.83
CA ARG A 53 43.30 1.30 -20.07
C ARG A 53 44.10 0.39 -21.01
N PRO A 54 43.44 -0.48 -21.77
CA PRO A 54 44.14 -1.17 -22.86
C PRO A 54 44.63 -0.18 -23.91
N ASN A 55 45.78 -0.53 -24.51
CA ASN A 55 46.60 0.32 -25.39
C ASN A 55 46.64 1.77 -24.92
N PHE A 56 47.18 1.94 -23.71
CA PHE A 56 47.24 3.24 -23.05
C PHE A 56 48.05 4.24 -23.86
N LYS A 57 47.67 5.51 -23.73
CA LYS A 57 48.23 6.63 -24.51
C LYS A 57 48.08 6.39 -26.01
N GLY A 58 46.94 5.84 -26.41
CA GLY A 58 46.69 5.50 -27.79
C GLY A 58 45.26 5.78 -28.20
N PRO A 59 44.77 5.03 -29.21
CA PRO A 59 43.39 5.21 -29.64
C PRO A 59 42.41 4.65 -28.62
N PRO A 60 41.18 5.16 -28.57
CA PRO A 60 40.21 4.68 -27.58
C PRO A 60 39.70 3.28 -27.89
N VAL A 61 39.56 2.47 -26.85
CA VAL A 61 39.06 1.10 -26.97
C VAL A 61 37.53 1.10 -26.93
N ASN A 62 36.90 0.78 -28.06
CA ASN A 62 35.45 0.73 -28.10
C ASN A 62 34.93 -0.64 -27.69
N VAL A 63 33.68 -0.67 -27.24
CA VAL A 63 33.01 -1.88 -26.80
C VAL A 63 31.69 -2.03 -27.55
N THR A 64 31.21 -3.26 -27.60
CA THR A 64 29.95 -3.60 -28.26
C THR A 64 29.01 -4.18 -27.23
N CYS A 65 27.82 -3.59 -27.12
CA CYS A 65 26.87 -3.93 -26.06
C CYS A 65 25.69 -4.70 -26.62
N ASN A 66 25.06 -5.47 -25.73
CA ASN A 66 23.85 -6.23 -26.07
C ASN A 66 22.99 -6.34 -24.82
N ILE A 67 21.68 -6.24 -25.00
CA ILE A 67 20.71 -6.24 -23.91
C ILE A 67 19.66 -7.29 -24.21
N PHE A 68 19.43 -8.19 -23.25
CA PHE A 68 18.37 -9.20 -23.33
C PHE A 68 17.45 -9.03 -22.13
N ILE A 69 16.23 -8.54 -22.36
CA ILE A 69 15.26 -8.34 -21.31
C ILE A 69 14.59 -9.67 -21.01
N ASN A 70 14.66 -10.11 -19.74
CA ASN A 70 13.90 -11.28 -19.32
C ASN A 70 12.48 -10.88 -18.92
N SER A 71 12.34 -9.93 -18.01
CA SER A 71 11.04 -9.52 -17.49
C SER A 71 10.91 -8.01 -17.52
N PHE A 72 9.67 -7.55 -17.55
CA PHE A 72 9.35 -6.14 -17.73
C PHE A 72 8.01 -5.87 -17.06
N GLY A 73 7.94 -4.80 -16.28
CA GLY A 73 6.68 -4.43 -15.65
C GLY A 73 6.90 -3.61 -14.40
N SER A 74 5.87 -3.61 -13.54
CA SER A 74 5.73 -2.71 -12.40
C SER A 74 5.92 -1.25 -12.82
N ILE A 75 5.20 -0.86 -13.86
CA ILE A 75 5.22 0.51 -14.38
C ILE A 75 4.37 1.37 -13.46
N ALA A 76 5.01 2.13 -12.59
CA ALA A 76 4.34 2.95 -11.58
C ALA A 76 4.46 4.42 -11.93
N GLU A 77 3.35 5.15 -11.82
CA GLU A 77 3.30 6.55 -12.19
C GLU A 77 3.56 7.49 -11.02
N THR A 78 3.38 7.02 -9.78
CA THR A 78 3.57 7.88 -8.63
C THR A 78 5.03 8.24 -8.43
N THR A 79 5.92 7.24 -8.49
CA THR A 79 7.35 7.47 -8.42
C THR A 79 8.01 7.53 -9.81
N MET A 80 7.22 7.37 -10.87
CA MET A 80 7.61 7.67 -12.26
C MET A 80 8.82 6.82 -12.71
N ASP A 81 8.64 5.51 -12.66
CA ASP A 81 9.73 4.61 -13.02
C ASP A 81 9.16 3.27 -13.47
N TYR A 82 10.06 2.36 -13.82
CA TYR A 82 9.71 0.97 -14.13
C TYR A 82 10.92 0.12 -13.79
N ARG A 83 10.74 -1.20 -13.87
CA ARG A 83 11.77 -2.11 -13.37
C ARG A 83 11.99 -3.23 -14.38
N VAL A 84 13.26 -3.54 -14.62
CA VAL A 84 13.65 -4.53 -15.63
C VAL A 84 14.60 -5.54 -15.03
N ASN A 85 14.79 -6.62 -15.80
CA ASN A 85 15.78 -7.66 -15.57
C ASN A 85 16.55 -7.85 -16.87
N ILE A 86 17.78 -7.35 -16.95
CA ILE A 86 18.50 -7.38 -18.20
C ILE A 86 19.67 -8.35 -18.12
N PHE A 87 20.17 -8.73 -19.29
CA PHE A 87 21.37 -9.51 -19.51
C PHE A 87 22.36 -8.66 -20.29
N LEU A 88 23.09 -7.82 -19.59
CA LEU A 88 24.01 -6.90 -20.25
C LEU A 88 25.26 -7.68 -20.68
N ARG A 89 25.56 -7.66 -21.96
CA ARG A 89 26.73 -8.35 -22.50
C ARG A 89 27.61 -7.36 -23.24
N GLN A 90 28.89 -7.31 -22.88
CA GLN A 90 29.86 -6.43 -23.49
C GLN A 90 30.94 -7.24 -24.17
N GLN A 91 31.48 -6.69 -25.26
CA GLN A 91 32.54 -7.32 -26.04
C GLN A 91 33.54 -6.23 -26.39
N TRP A 92 34.77 -6.36 -25.89
CA TRP A 92 35.81 -5.42 -26.28
C TRP A 92 37.11 -6.16 -26.60
N ASN A 93 37.99 -5.49 -27.33
CA ASN A 93 39.30 -6.04 -27.64
C ASN A 93 40.34 -5.52 -26.64
N ASP A 94 41.37 -6.33 -26.41
CA ASP A 94 42.47 -5.98 -25.54
C ASP A 94 43.75 -6.47 -26.21
N PRO A 95 44.81 -5.64 -26.28
CA PRO A 95 45.97 -6.02 -27.10
C PRO A 95 46.84 -7.09 -26.47
N ARG A 96 46.98 -7.09 -25.14
CA ARG A 96 47.64 -8.18 -24.44
C ARG A 96 46.62 -9.29 -24.15
N LEU A 97 47.00 -10.23 -23.27
CA LEU A 97 46.21 -11.41 -22.93
C LEU A 97 45.89 -12.25 -24.18
N ALA A 98 46.95 -12.78 -24.78
CA ALA A 98 46.84 -13.70 -25.89
C ALA A 98 47.73 -14.91 -25.63
N TYR A 99 47.24 -16.10 -26.00
CA TYR A 99 47.99 -17.33 -25.76
C TYR A 99 48.83 -17.70 -26.97
N SER A 100 48.18 -17.96 -28.11
CA SER A 100 48.76 -18.37 -29.39
C SER A 100 49.53 -19.69 -29.33
N GLU A 101 49.43 -20.45 -28.22
CA GLU A 101 50.13 -21.72 -28.13
C GLU A 101 49.34 -22.78 -27.37
N TYR A 102 48.05 -22.57 -27.12
CA TYR A 102 47.24 -23.50 -26.36
C TYR A 102 46.09 -24.03 -27.23
N PRO A 103 45.64 -25.27 -26.99
CA PRO A 103 44.55 -25.80 -27.82
C PRO A 103 43.19 -25.20 -27.50
N ASP A 104 42.91 -24.93 -26.22
CA ASP A 104 41.63 -24.33 -25.86
C ASP A 104 41.60 -22.87 -26.29
N ASP A 105 40.63 -22.53 -27.15
CA ASP A 105 40.51 -21.19 -27.69
C ASP A 105 39.75 -20.23 -26.77
N SER A 106 39.08 -20.75 -25.74
CA SER A 106 38.22 -19.94 -24.88
C SER A 106 38.51 -20.28 -23.42
N LEU A 107 38.89 -19.28 -22.64
CA LEU A 107 39.15 -19.44 -21.22
C LEU A 107 38.00 -18.82 -20.43
N ASP A 108 37.85 -19.27 -19.19
CA ASP A 108 36.80 -18.76 -18.30
C ASP A 108 37.41 -18.31 -16.99
N LEU A 109 37.09 -17.08 -16.57
CA LEU A 109 37.58 -16.51 -15.32
C LEU A 109 36.56 -16.74 -14.21
N ASP A 110 37.06 -16.93 -12.99
CA ASP A 110 36.18 -17.25 -11.87
C ASP A 110 35.44 -15.99 -11.41
N PRO A 111 34.13 -16.05 -11.18
CA PRO A 111 33.37 -14.85 -10.82
C PRO A 111 33.67 -14.28 -9.44
N SER A 112 34.52 -14.93 -8.64
CA SER A 112 34.96 -14.33 -7.38
C SER A 112 35.99 -13.24 -7.62
N MET A 113 37.06 -13.56 -8.33
CA MET A 113 38.18 -12.62 -8.50
C MET A 113 38.04 -11.82 -9.80
N LEU A 114 36.89 -11.14 -9.91
CA LEU A 114 36.65 -10.23 -11.02
C LEU A 114 37.49 -8.97 -10.93
N ASP A 115 38.07 -8.68 -9.77
CA ASP A 115 38.86 -7.48 -9.56
C ASP A 115 40.23 -7.55 -10.23
N SER A 116 40.64 -8.72 -10.72
CA SER A 116 41.93 -8.84 -11.37
C SER A 116 41.94 -8.25 -12.78
N ILE A 117 40.81 -8.31 -13.48
CA ILE A 117 40.76 -7.87 -14.86
C ILE A 117 40.27 -6.43 -14.91
N TRP A 118 40.52 -5.77 -16.04
CA TRP A 118 40.00 -4.43 -16.29
C TRP A 118 38.61 -4.52 -16.90
N LYS A 119 37.68 -3.74 -16.38
CA LYS A 119 36.34 -3.64 -16.94
C LYS A 119 36.01 -2.17 -17.18
N PRO A 120 35.30 -1.85 -18.27
CA PRO A 120 34.99 -0.46 -18.56
C PRO A 120 33.88 0.06 -17.65
N ASP A 121 34.10 1.28 -17.14
CA ASP A 121 33.16 1.90 -16.23
C ASP A 121 31.88 2.29 -16.96
N LEU A 122 30.79 1.59 -16.66
CA LEU A 122 29.51 1.80 -17.30
C LEU A 122 28.46 2.03 -16.22
N PHE A 123 27.59 3.01 -16.43
CA PHE A 123 26.46 3.18 -15.51
C PHE A 123 25.25 3.71 -16.26
N PHE A 124 24.07 3.44 -15.72
CA PHE A 124 22.83 3.90 -16.33
C PHE A 124 22.49 5.29 -15.83
N ALA A 125 22.16 6.19 -16.76
CA ALA A 125 22.05 7.61 -16.41
C ALA A 125 20.77 7.90 -15.63
N ASN A 126 19.68 7.25 -16.00
CA ASN A 126 18.36 7.57 -15.44
C ASN A 126 17.82 6.46 -14.55
N GLU A 127 18.69 5.76 -13.84
CA GLU A 127 18.28 4.66 -12.99
C GLU A 127 18.13 5.13 -11.55
N LYS A 128 17.15 4.55 -10.85
CA LYS A 128 16.90 4.86 -9.45
C LYS A 128 17.68 3.93 -8.53
N GLY A 129 17.62 2.63 -8.79
CA GLY A 129 18.31 1.65 -7.98
C GLY A 129 18.62 0.43 -8.80
N ALA A 130 19.72 -0.25 -8.45
CA ALA A 130 20.15 -1.40 -9.23
C ALA A 130 20.83 -2.39 -8.30
N ASN A 131 20.79 -3.66 -8.70
CA ASN A 131 21.51 -4.70 -7.96
C ASN A 131 21.76 -5.92 -8.84
N PHE A 132 22.72 -6.72 -8.37
CA PHE A 132 23.10 -7.99 -8.99
C PHE A 132 22.11 -9.07 -8.58
N HIS A 133 22.43 -10.32 -8.89
CA HIS A 133 21.61 -11.46 -8.53
C HIS A 133 22.42 -12.41 -7.67
N GLU A 134 21.78 -12.98 -6.64
CA GLU A 134 22.50 -13.71 -5.60
C GLU A 134 21.95 -15.13 -5.49
N VAL A 135 21.80 -15.80 -6.63
CA VAL A 135 21.39 -17.20 -6.67
C VAL A 135 22.67 -18.00 -6.42
N THR A 136 22.56 -19.33 -6.29
CA THR A 136 23.59 -20.26 -5.82
C THR A 136 25.00 -20.04 -6.38
N THR A 137 25.10 -19.53 -7.60
CA THR A 137 26.35 -19.04 -8.14
C THR A 137 26.26 -17.55 -8.44
N ASP A 138 27.41 -16.89 -8.38
CA ASP A 138 27.50 -15.49 -8.77
C ASP A 138 27.27 -15.37 -10.27
N ASN A 139 26.21 -14.66 -10.65
CA ASN A 139 25.77 -14.58 -12.04
C ASN A 139 26.70 -13.64 -12.82
N LYS A 140 27.89 -14.15 -13.11
CA LYS A 140 28.89 -13.43 -13.87
C LYS A 140 29.49 -14.36 -14.91
N LEU A 141 30.11 -13.78 -15.93
CA LEU A 141 30.71 -14.57 -16.99
C LEU A 141 31.81 -13.75 -17.65
N LEU A 142 32.99 -14.35 -17.78
CA LEU A 142 34.12 -13.74 -18.47
C LEU A 142 34.72 -14.75 -19.44
N ARG A 143 34.97 -14.31 -20.66
CA ARG A 143 35.47 -15.20 -21.71
C ARG A 143 36.54 -14.49 -22.51
N ILE A 144 37.73 -15.07 -22.56
CA ILE A 144 38.89 -14.49 -23.22
C ILE A 144 39.25 -15.39 -24.40
N SER A 145 39.19 -14.83 -25.61
CA SER A 145 39.47 -15.59 -26.82
C SER A 145 40.97 -15.63 -27.09
N LYS A 146 41.36 -16.10 -28.27
CA LYS A 146 42.77 -16.26 -28.60
C LYS A 146 43.44 -14.91 -28.82
N ASN A 147 42.83 -14.05 -29.65
CA ASN A 147 43.45 -12.78 -29.99
C ASN A 147 43.42 -11.78 -28.85
N GLY A 148 42.56 -11.98 -27.86
CA GLY A 148 42.44 -11.05 -26.76
C GLY A 148 41.08 -10.39 -26.64
N ASN A 149 40.09 -10.87 -27.39
CA ASN A 149 38.73 -10.36 -27.25
C ASN A 149 38.12 -10.86 -25.95
N VAL A 150 37.43 -9.95 -25.26
CA VAL A 150 36.82 -10.23 -23.96
C VAL A 150 35.32 -10.10 -24.10
N LEU A 151 34.61 -11.13 -23.63
CA LEU A 151 33.16 -11.17 -23.53
C LEU A 151 32.77 -11.20 -22.06
N TYR A 152 31.96 -10.24 -21.64
CA TYR A 152 31.60 -10.06 -20.23
C TYR A 152 30.09 -9.93 -20.16
N SER A 153 29.42 -10.95 -19.61
CA SER A 153 27.97 -11.02 -19.61
C SER A 153 27.46 -11.21 -18.18
N ILE A 154 26.66 -10.28 -17.71
CA ILE A 154 26.07 -10.31 -16.38
C ILE A 154 24.55 -10.35 -16.50
N ARG A 155 23.90 -10.55 -15.36
CA ARG A 155 22.45 -10.58 -15.26
C ARG A 155 22.06 -9.72 -14.07
N ILE A 156 21.45 -8.57 -14.33
CA ILE A 156 21.19 -7.59 -13.27
C ILE A 156 19.73 -7.19 -13.30
N THR A 157 19.24 -6.65 -12.19
CA THR A 157 17.92 -6.05 -12.19
C THR A 157 17.97 -4.62 -11.66
N LEU A 158 17.14 -3.76 -12.25
CA LEU A 158 17.29 -2.34 -11.98
C LEU A 158 16.03 -1.57 -12.35
N VAL A 159 15.90 -0.38 -11.75
CA VAL A 159 14.72 0.46 -11.82
C VAL A 159 15.05 1.76 -12.55
N LEU A 160 14.52 1.92 -13.76
CA LEU A 160 14.82 3.08 -14.59
C LEU A 160 13.71 4.13 -14.42
N ALA A 161 14.12 5.37 -14.21
CA ALA A 161 13.18 6.48 -14.11
C ALA A 161 12.73 6.88 -15.51
N CYS A 162 11.42 7.08 -15.68
CA CYS A 162 10.88 7.63 -16.90
C CYS A 162 9.81 8.64 -16.54
N PRO A 163 9.79 9.79 -17.20
CA PRO A 163 8.70 10.75 -16.98
C PRO A 163 7.52 10.52 -17.90
N MET A 164 6.31 10.51 -17.35
CA MET A 164 5.10 10.25 -18.11
C MET A 164 4.23 11.51 -18.14
N ASP A 165 3.58 11.75 -19.28
CA ASP A 165 2.66 12.87 -19.45
C ASP A 165 1.28 12.30 -19.72
N LEU A 166 0.30 12.68 -18.90
CA LEU A 166 -1.03 12.10 -19.03
C LEU A 166 -2.08 13.15 -19.37
N LYS A 167 -1.76 14.03 -20.32
CA LYS A 167 -2.74 15.02 -20.77
C LYS A 167 -3.92 14.37 -21.47
N ASN A 168 -3.70 13.25 -22.15
CA ASN A 168 -4.76 12.46 -22.79
C ASN A 168 -4.64 11.02 -22.28
N PHE A 169 -5.27 10.75 -21.12
CA PHE A 169 -4.89 9.56 -20.35
C PHE A 169 -5.32 8.25 -21.00
N PRO A 170 -6.60 7.98 -21.29
CA PRO A 170 -6.94 6.64 -21.79
C PRO A 170 -6.61 6.40 -23.25
N MET A 171 -5.97 7.35 -23.94
CA MET A 171 -5.54 7.15 -25.32
C MET A 171 -4.06 7.45 -25.52
N ASP A 172 -3.28 7.46 -24.44
CA ASP A 172 -1.90 7.90 -24.54
C ASP A 172 -0.99 6.82 -25.09
N VAL A 173 0.12 7.27 -25.67
CA VAL A 173 1.29 6.43 -25.94
C VAL A 173 2.42 6.95 -25.07
N GLN A 174 3.30 6.05 -24.66
CA GLN A 174 4.40 6.41 -23.78
C GLN A 174 5.72 5.95 -24.40
N THR A 175 6.71 6.83 -24.32
CA THR A 175 8.07 6.53 -24.76
C THR A 175 8.94 6.36 -23.53
N CYS A 176 9.46 5.15 -23.33
CA CYS A 176 10.30 4.86 -22.17
C CYS A 176 11.69 4.50 -22.66
N ILE A 177 12.68 5.30 -22.29
CA ILE A 177 14.02 5.16 -22.84
C ILE A 177 14.94 4.62 -21.76
N MET A 178 16.11 4.15 -22.20
CA MET A 178 17.24 3.89 -21.33
C MET A 178 18.49 4.39 -22.03
N GLN A 179 19.51 4.74 -21.26
CA GLN A 179 20.73 5.28 -21.82
C GLN A 179 21.87 4.97 -20.86
N LEU A 180 23.01 4.56 -21.41
CA LEU A 180 24.10 4.11 -20.57
C LEU A 180 25.39 4.84 -20.89
N GLU A 181 26.05 5.34 -19.85
CA GLU A 181 27.15 6.28 -19.94
C GLU A 181 28.43 5.60 -19.47
N SER A 182 29.53 6.36 -19.60
CA SER A 182 30.78 6.15 -18.89
C SER A 182 30.83 7.06 -17.68
N PHE A 183 31.72 6.72 -16.73
CA PHE A 183 31.85 7.48 -15.49
C PHE A 183 33.31 7.91 -15.35
N GLY A 184 33.65 9.04 -15.97
CA GLY A 184 34.97 9.63 -15.86
C GLY A 184 35.90 9.43 -17.04
N TYR A 185 35.46 8.70 -18.08
CA TYR A 185 36.27 8.51 -19.27
C TYR A 185 35.69 9.31 -20.43
N THR A 186 36.56 10.04 -21.13
CA THR A 186 36.18 10.93 -22.21
C THR A 186 35.91 10.15 -23.50
N MET A 187 35.35 10.85 -24.49
CA MET A 187 35.06 10.24 -25.78
C MET A 187 36.33 9.83 -26.52
N ASN A 188 37.43 10.56 -26.33
CA ASN A 188 38.72 10.17 -26.89
C ASN A 188 39.43 9.12 -26.05
N ASP A 189 38.76 8.56 -25.04
CA ASP A 189 39.32 7.51 -24.21
C ASP A 189 38.49 6.24 -24.18
N LEU A 190 37.18 6.33 -24.40
CA LEU A 190 36.30 5.17 -24.34
C LEU A 190 35.01 5.48 -25.08
N ILE A 191 34.69 4.66 -26.09
CA ILE A 191 33.52 4.86 -26.94
C ILE A 191 32.59 3.67 -26.76
N PHE A 192 31.28 3.93 -26.77
CA PHE A 192 30.28 2.87 -26.75
C PHE A 192 29.68 2.69 -28.13
N GLU A 193 29.25 1.46 -28.41
CA GLU A 193 28.73 1.09 -29.72
C GLU A 193 27.63 0.04 -29.56
N TRP A 194 26.50 0.26 -30.26
CA TRP A 194 25.48 -0.77 -30.33
C TRP A 194 25.94 -1.91 -31.23
N ASP A 195 25.35 -3.08 -31.03
CA ASP A 195 25.66 -4.21 -31.89
C ASP A 195 24.98 -4.04 -33.25
N GLU A 196 25.50 -4.77 -34.24
CA GLU A 196 25.01 -4.58 -35.60
C GLU A 196 23.75 -5.39 -35.87
N LYS A 197 23.67 -6.62 -35.36
CA LYS A 197 22.54 -7.50 -35.59
C LYS A 197 22.04 -8.02 -34.25
N GLY A 198 20.80 -7.65 -33.91
CA GLY A 198 20.19 -8.09 -32.67
C GLY A 198 20.84 -7.48 -31.44
N ALA A 199 20.82 -6.14 -31.35
CA ALA A 199 21.41 -5.47 -30.20
C ALA A 199 20.51 -5.59 -28.97
N VAL A 200 19.22 -5.36 -29.13
CA VAL A 200 18.24 -5.42 -28.04
C VAL A 200 17.24 -6.51 -28.38
N GLN A 201 17.19 -7.55 -27.56
CA GLN A 201 16.27 -8.67 -27.74
C GLN A 201 15.31 -8.75 -26.57
N VAL A 202 14.10 -9.22 -26.84
CA VAL A 202 13.03 -9.32 -25.85
C VAL A 202 12.51 -10.76 -25.85
N ALA A 203 12.52 -11.39 -24.69
CA ALA A 203 11.98 -12.74 -24.55
C ALA A 203 10.47 -12.75 -24.76
N ASP A 204 9.96 -13.88 -25.23
CA ASP A 204 8.59 -13.97 -25.70
C ASP A 204 7.63 -14.15 -24.52
N GLY A 205 6.42 -13.61 -24.68
CA GLY A 205 5.38 -13.79 -23.69
C GLY A 205 5.58 -12.99 -22.42
N LEU A 206 5.46 -11.66 -22.51
CA LEU A 206 5.69 -10.80 -21.36
C LEU A 206 4.39 -10.43 -20.66
N THR A 207 3.36 -10.02 -21.42
CA THR A 207 1.99 -9.82 -20.94
C THR A 207 1.94 -8.78 -19.82
N LEU A 208 2.20 -7.54 -20.22
CA LEU A 208 2.04 -6.41 -19.31
C LEU A 208 0.59 -6.27 -18.85
N PRO A 209 0.36 -5.83 -17.62
CA PRO A 209 -1.03 -5.70 -17.14
C PRO A 209 -1.73 -4.46 -17.66
N GLN A 210 -1.01 -3.42 -18.04
CA GLN A 210 -1.60 -2.17 -18.49
C GLN A 210 -1.32 -1.86 -19.96
N PHE A 211 -0.04 -1.87 -20.35
CA PHE A 211 0.34 -1.41 -21.67
C PHE A 211 0.50 -2.58 -22.64
N ILE A 212 0.91 -2.26 -23.86
CA ILE A 212 1.32 -3.20 -24.88
C ILE A 212 2.62 -2.68 -25.47
N LEU A 213 3.68 -3.48 -25.36
CA LEU A 213 4.99 -3.11 -25.90
C LEU A 213 5.01 -3.34 -27.41
N LYS A 214 5.72 -2.47 -28.13
CA LYS A 214 5.81 -2.53 -29.57
C LYS A 214 7.23 -2.90 -29.98
N GLU A 215 7.36 -3.46 -31.17
CA GLU A 215 8.66 -3.90 -31.69
C GLU A 215 9.35 -2.81 -32.51
N GLU A 216 9.44 -1.61 -31.95
CA GLU A 216 10.18 -0.54 -32.62
C GLU A 216 11.66 -0.64 -32.32
N LYS A 217 12.03 -0.48 -31.04
CA LYS A 217 13.39 -0.67 -30.52
C LYS A 217 14.42 0.20 -31.23
N ASP A 218 14.11 1.48 -31.40
CA ASP A 218 15.02 2.38 -32.10
C ASP A 218 16.18 2.73 -31.17
N LEU A 219 17.40 2.63 -31.71
CA LEU A 219 18.62 2.77 -30.92
C LEU A 219 19.38 4.02 -31.37
N ARG A 220 19.56 4.97 -30.45
CA ARG A 220 20.16 6.23 -30.82
C ARG A 220 21.46 6.45 -30.04
N TYR A 221 22.05 7.63 -30.23
CA TYR A 221 23.30 8.02 -29.60
C TYR A 221 23.09 9.34 -28.85
N CYS A 222 23.84 9.53 -27.77
CA CYS A 222 24.00 10.84 -27.18
C CYS A 222 25.48 11.12 -26.91
N THR A 223 25.83 12.41 -26.92
CA THR A 223 27.16 12.86 -26.55
C THR A 223 27.02 13.88 -25.44
N LYS A 224 27.37 13.47 -24.23
CA LYS A 224 27.26 14.30 -23.03
C LYS A 224 28.33 15.38 -23.08
N HIS A 225 27.96 16.59 -23.51
CA HIS A 225 28.90 17.70 -23.58
C HIS A 225 28.96 18.37 -22.21
N TYR A 226 30.11 18.26 -21.54
CA TYR A 226 30.34 18.88 -20.25
C TYR A 226 31.48 19.87 -20.36
N ASN A 227 31.89 20.43 -19.20
CA ASN A 227 33.06 21.28 -19.16
C ASN A 227 34.34 20.50 -19.43
N THR A 228 34.40 19.25 -18.94
CA THR A 228 35.62 18.46 -19.06
C THR A 228 35.81 17.94 -20.47
N GLY A 229 34.72 17.55 -21.13
CA GLY A 229 34.80 17.02 -22.47
C GLY A 229 33.57 16.23 -22.82
N LYS A 230 33.58 15.70 -24.04
CA LYS A 230 32.48 14.90 -24.54
C LYS A 230 32.51 13.50 -23.95
N PHE A 231 31.35 13.00 -23.55
CA PHE A 231 31.21 11.65 -23.04
C PHE A 231 30.29 10.85 -23.95
N THR A 232 30.55 9.55 -24.06
CA THR A 232 29.81 8.70 -24.98
C THR A 232 28.49 8.26 -24.37
N CYS A 233 27.52 7.99 -25.24
CA CYS A 233 26.24 7.45 -24.77
C CYS A 233 25.56 6.71 -25.91
N ILE A 234 24.88 5.64 -25.56
CA ILE A 234 23.91 4.98 -26.43
C ILE A 234 22.62 4.82 -25.64
N GLU A 235 21.52 4.81 -26.38
CA GLU A 235 20.19 4.89 -25.77
C GLU A 235 19.21 4.00 -26.52
N ALA A 236 18.56 3.10 -25.79
CA ALA A 236 17.44 2.34 -26.30
C ALA A 236 16.15 3.10 -26.01
N ARG A 237 15.08 2.72 -26.71
CA ARG A 237 13.84 3.51 -26.66
C ARG A 237 12.68 2.58 -26.98
N PHE A 238 11.80 2.36 -26.01
CA PHE A 238 10.65 1.48 -26.15
C PHE A 238 9.39 2.30 -26.27
N HIS A 239 8.44 1.78 -27.05
CA HIS A 239 7.13 2.38 -27.24
C HIS A 239 6.07 1.51 -26.57
N LEU A 240 5.25 2.12 -25.73
CA LEU A 240 4.17 1.43 -25.02
C LEU A 240 2.85 2.09 -25.41
N GLU A 241 1.85 1.28 -25.72
CA GLU A 241 0.54 1.78 -26.07
C GLU A 241 -0.47 1.23 -25.08
N ARG A 242 -1.35 2.10 -24.59
CA ARG A 242 -2.30 1.70 -23.55
C ARG A 242 -3.59 1.21 -24.17
N GLN A 243 -4.06 0.06 -23.71
CA GLN A 243 -5.36 -0.42 -24.16
C GLN A 243 -6.48 0.40 -23.52
N MET A 244 -7.53 0.63 -24.30
CA MET A 244 -8.73 1.31 -23.81
C MET A 244 -9.94 0.39 -23.81
N GLY A 245 -9.73 -0.93 -23.73
CA GLY A 245 -10.85 -1.86 -23.74
C GLY A 245 -11.66 -1.79 -22.46
N TYR A 246 -10.99 -1.84 -21.31
CA TYR A 246 -11.69 -1.73 -20.03
C TYR A 246 -12.22 -0.31 -19.84
N TYR A 247 -11.47 0.70 -20.29
CA TYR A 247 -11.86 2.09 -20.11
C TYR A 247 -13.03 2.48 -21.01
N LEU A 248 -13.45 1.61 -21.92
CA LEU A 248 -14.57 1.83 -22.83
C LEU A 248 -15.84 1.21 -22.25
N ILE A 249 -15.74 -0.04 -21.80
CA ILE A 249 -16.86 -0.73 -21.20
C ILE A 249 -17.26 -0.03 -19.90
N GLN A 250 -16.26 0.39 -19.12
CA GLN A 250 -16.51 1.06 -17.85
C GLN A 250 -16.05 2.51 -17.93
N MET A 251 -16.92 3.43 -17.49
CA MET A 251 -16.83 4.90 -17.37
C MET A 251 -17.14 5.64 -18.68
N TYR A 252 -17.43 4.93 -19.77
CA TYR A 252 -17.82 5.55 -21.04
C TYR A 252 -19.22 5.11 -21.45
N ILE A 253 -19.45 3.80 -21.59
CA ILE A 253 -20.79 3.31 -21.95
C ILE A 253 -21.83 3.63 -20.88
N PRO A 254 -21.59 3.45 -19.56
CA PRO A 254 -22.63 3.87 -18.60
C PRO A 254 -22.90 5.36 -18.59
N SER A 255 -21.86 6.19 -18.74
CA SER A 255 -22.06 7.64 -18.75
C SER A 255 -22.84 8.08 -19.99
N LEU A 256 -22.60 7.41 -21.12
CA LEU A 256 -23.35 7.74 -22.33
C LEU A 256 -24.79 7.30 -22.17
N LEU A 257 -25.00 6.12 -21.57
CA LEU A 257 -26.35 5.59 -21.46
C LEU A 257 -27.15 6.45 -20.50
N ILE A 258 -26.52 6.97 -19.44
CA ILE A 258 -27.28 7.82 -18.53
C ILE A 258 -27.49 9.22 -19.10
N VAL A 259 -26.68 9.66 -20.07
CA VAL A 259 -27.08 10.87 -20.81
C VAL A 259 -28.32 10.60 -21.66
N ILE A 260 -28.40 9.41 -22.25
CA ILE A 260 -29.61 9.09 -23.02
C ILE A 260 -30.79 8.92 -22.07
N LEU A 261 -30.52 8.45 -20.85
CA LEU A 261 -31.55 8.32 -19.84
C LEU A 261 -32.02 9.69 -19.34
N SER A 262 -31.12 10.68 -19.32
CA SER A 262 -31.55 12.03 -18.97
C SER A 262 -32.39 12.62 -20.10
N TRP A 263 -32.16 12.16 -21.33
CA TRP A 263 -32.93 12.68 -22.46
C TRP A 263 -34.34 12.13 -22.51
N VAL A 264 -34.67 11.15 -21.65
CA VAL A 264 -36.04 10.63 -21.57
C VAL A 264 -37.00 11.70 -21.08
N SER A 265 -36.51 12.62 -20.24
CA SER A 265 -37.32 13.71 -19.70
C SER A 265 -37.76 14.73 -20.75
N PHE A 266 -37.30 14.63 -21.99
CA PHE A 266 -37.84 15.46 -23.07
C PHE A 266 -39.06 14.83 -23.74
N TRP A 267 -39.41 13.59 -23.37
CA TRP A 267 -40.54 12.88 -23.97
C TRP A 267 -41.68 12.65 -22.98
N ILE A 268 -41.65 13.29 -21.82
CA ILE A 268 -42.69 13.15 -20.80
C ILE A 268 -43.39 14.50 -20.66
N ASN A 269 -44.71 14.45 -20.48
CA ASN A 269 -45.54 15.65 -20.42
C ASN A 269 -45.20 16.49 -19.19
N MET A 270 -45.53 17.78 -19.28
CA MET A 270 -45.09 18.75 -18.29
C MET A 270 -45.88 18.67 -16.99
N ASP A 271 -47.15 18.28 -17.05
CA ASP A 271 -47.97 18.25 -15.84
C ASP A 271 -47.57 17.12 -14.89
N ALA A 272 -46.82 16.12 -15.37
CA ALA A 272 -46.22 15.12 -14.49
C ALA A 272 -44.94 15.70 -13.91
N ALA A 273 -45.11 16.55 -12.89
CA ALA A 273 -43.96 17.29 -12.35
C ALA A 273 -43.02 16.42 -11.51
N PRO A 274 -43.47 15.65 -10.51
CA PRO A 274 -42.49 14.90 -9.71
C PRO A 274 -41.89 13.73 -10.45
N ALA A 275 -42.46 13.31 -11.58
CA ALA A 275 -41.85 12.25 -12.38
C ALA A 275 -40.59 12.78 -13.07
N ARG A 276 -40.72 13.92 -13.75
CA ARG A 276 -39.58 14.45 -14.49
C ARG A 276 -38.55 15.04 -13.54
N VAL A 277 -38.98 15.58 -12.39
CA VAL A 277 -38.00 16.06 -11.41
C VAL A 277 -37.26 14.89 -10.78
N GLY A 278 -37.98 13.81 -10.42
CA GLY A 278 -37.33 12.65 -9.86
C GLY A 278 -36.43 11.93 -10.84
N LEU A 279 -36.74 12.01 -12.14
CA LEU A 279 -35.81 11.46 -13.12
C LEU A 279 -34.58 12.35 -13.27
N GLY A 280 -34.78 13.68 -13.20
CA GLY A 280 -33.67 14.58 -13.50
C GLY A 280 -32.63 14.57 -12.38
N ILE A 281 -33.09 14.62 -11.14
CA ILE A 281 -32.12 14.75 -10.06
C ILE A 281 -31.45 13.40 -9.85
N THR A 282 -32.17 12.29 -10.09
CA THR A 282 -31.55 10.99 -9.90
C THR A 282 -30.58 10.70 -11.03
N THR A 283 -30.80 11.27 -12.22
CA THR A 283 -29.79 11.15 -13.27
C THR A 283 -28.52 11.93 -12.92
N VAL A 284 -28.69 13.08 -12.27
CA VAL A 284 -27.52 13.81 -11.77
C VAL A 284 -26.81 13.01 -10.68
N LEU A 285 -27.59 12.38 -9.80
CA LEU A 285 -27.02 11.54 -8.74
C LEU A 285 -26.31 10.33 -9.33
N THR A 286 -26.85 9.77 -10.41
CA THR A 286 -26.21 8.65 -11.07
C THR A 286 -24.90 9.08 -11.71
N MET A 287 -24.87 10.27 -12.30
CA MET A 287 -23.63 10.76 -12.90
C MET A 287 -22.56 11.05 -11.86
N THR A 288 -22.96 11.55 -10.68
CA THR A 288 -21.95 11.83 -9.65
C THR A 288 -21.41 10.53 -9.06
N THR A 289 -22.29 9.56 -8.73
CA THR A 289 -21.78 8.31 -8.17
C THR A 289 -21.06 7.47 -9.21
N GLN A 290 -21.31 7.72 -10.51
CA GLN A 290 -20.49 7.09 -11.55
C GLN A 290 -19.11 7.72 -11.63
N SER A 291 -19.01 9.04 -11.45
CA SER A 291 -17.72 9.70 -11.52
C SER A 291 -16.88 9.45 -10.26
N SER A 292 -17.42 9.78 -9.09
CA SER A 292 -16.67 9.65 -7.84
C SER A 292 -16.44 8.20 -7.44
N GLY A 293 -17.26 7.28 -7.92
CA GLY A 293 -17.02 5.87 -7.65
C GLY A 293 -15.82 5.30 -8.39
N SER A 294 -15.37 5.96 -9.45
CA SER A 294 -14.28 5.46 -10.27
C SER A 294 -12.96 6.17 -10.02
N ARG A 295 -12.94 7.18 -9.15
CA ARG A 295 -11.73 8.00 -8.97
C ARG A 295 -10.63 7.24 -8.25
N ALA A 296 -10.96 6.21 -7.47
CA ALA A 296 -9.92 5.43 -6.81
C ALA A 296 -9.18 4.53 -7.80
N SER A 297 -9.82 4.17 -8.91
CA SER A 297 -9.17 3.31 -9.90
C SER A 297 -8.25 4.09 -10.82
N LEU A 298 -8.52 5.38 -11.04
CA LEU A 298 -7.69 6.18 -11.92
C LEU A 298 -6.37 6.55 -11.26
N PRO A 299 -5.33 6.79 -12.06
CA PRO A 299 -4.09 7.33 -11.50
C PRO A 299 -4.27 8.76 -11.03
N LYS A 300 -3.41 9.18 -10.09
CA LYS A 300 -3.56 10.45 -9.40
C LYS A 300 -2.55 11.46 -9.93
N VAL A 301 -3.05 12.50 -10.59
CA VAL A 301 -2.25 13.65 -11.02
C VAL A 301 -3.01 14.92 -10.65
N SER A 302 -2.34 16.05 -10.83
CA SER A 302 -2.90 17.34 -10.43
C SER A 302 -3.38 18.17 -11.62
N TYR A 303 -3.14 17.73 -12.85
CA TYR A 303 -3.62 18.42 -14.03
C TYR A 303 -4.78 17.66 -14.63
N VAL A 304 -5.38 18.25 -15.66
CA VAL A 304 -6.56 17.67 -16.28
C VAL A 304 -6.17 16.51 -17.18
N LYS A 305 -7.09 15.57 -17.36
CA LYS A 305 -6.94 14.43 -18.24
C LYS A 305 -8.07 14.43 -19.27
N ALA A 306 -8.15 13.35 -20.05
CA ALA A 306 -9.23 13.19 -21.01
C ALA A 306 -10.49 12.64 -20.37
N ILE A 307 -10.38 11.99 -19.21
CA ILE A 307 -11.54 11.34 -18.60
C ILE A 307 -12.42 12.36 -17.89
N ASP A 308 -11.83 13.31 -17.17
CA ASP A 308 -12.66 14.24 -16.43
C ASP A 308 -13.20 15.39 -17.27
N ILE A 309 -12.69 15.58 -18.49
CA ILE A 309 -13.40 16.45 -19.44
C ILE A 309 -14.69 15.79 -19.89
N TRP A 310 -14.65 14.48 -20.15
CA TRP A 310 -15.87 13.75 -20.48
C TRP A 310 -16.82 13.69 -19.30
N MET A 311 -16.28 13.60 -18.08
CA MET A 311 -17.15 13.58 -16.91
C MET A 311 -17.73 14.95 -16.63
N ALA A 312 -17.04 16.01 -17.05
CA ALA A 312 -17.55 17.35 -16.84
C ALA A 312 -18.66 17.66 -17.85
N VAL A 313 -18.47 17.25 -19.11
CA VAL A 313 -19.49 17.55 -20.11
C VAL A 313 -20.70 16.66 -19.88
N CYS A 314 -20.48 15.41 -19.46
CA CYS A 314 -21.59 14.52 -19.14
C CYS A 314 -22.36 14.99 -17.90
N LEU A 315 -21.69 15.64 -16.95
CA LEU A 315 -22.43 16.24 -15.84
C LEU A 315 -23.12 17.53 -16.27
N LEU A 316 -22.55 18.26 -17.22
CA LEU A 316 -23.16 19.52 -17.65
C LEU A 316 -24.38 19.27 -18.52
N PHE A 317 -24.48 18.10 -19.13
CA PHE A 317 -25.67 17.79 -19.92
C PHE A 317 -26.84 17.44 -19.02
N VAL A 318 -26.62 16.63 -17.98
CA VAL A 318 -27.70 16.33 -17.06
C VAL A 318 -28.01 17.54 -16.18
N PHE A 319 -27.07 18.49 -16.08
CA PHE A 319 -27.39 19.81 -15.51
C PHE A 319 -28.32 20.60 -16.43
N SER A 320 -28.07 20.55 -17.73
CA SER A 320 -28.84 21.41 -18.63
C SER A 320 -30.22 20.82 -18.93
N ALA A 321 -30.36 19.50 -18.82
CA ALA A 321 -31.68 18.90 -19.02
C ALA A 321 -32.61 19.15 -17.84
N LEU A 322 -32.08 19.55 -16.69
CA LEU A 322 -32.93 19.93 -15.57
C LEU A 322 -33.17 21.44 -15.59
N LEU A 323 -32.20 22.23 -16.06
CA LEU A 323 -32.45 23.66 -16.20
C LEU A 323 -33.45 23.95 -17.32
N GLU A 324 -33.52 23.08 -18.34
CA GLU A 324 -34.53 23.24 -19.37
C GLU A 324 -35.91 22.96 -18.79
N TYR A 325 -35.99 21.99 -17.87
CA TYR A 325 -37.26 21.69 -17.22
C TYR A 325 -37.69 22.80 -16.28
N ALA A 326 -36.74 23.43 -15.58
CA ALA A 326 -37.10 24.55 -14.73
C ALA A 326 -37.53 25.77 -15.54
N ALA A 327 -36.93 25.94 -16.73
CA ALA A 327 -37.36 27.02 -17.63
C ALA A 327 -38.71 26.74 -18.26
N VAL A 328 -39.09 25.47 -18.37
CA VAL A 328 -40.42 25.15 -18.90
C VAL A 328 -41.48 25.27 -17.80
N ASN A 329 -41.19 24.67 -16.64
CA ASN A 329 -42.14 24.65 -15.54
C ASN A 329 -42.39 26.03 -14.95
N PHE A 330 -41.44 26.97 -15.07
CA PHE A 330 -41.73 28.34 -14.62
C PHE A 330 -42.80 28.99 -15.49
N ILE A 331 -42.76 28.69 -16.79
CA ILE A 331 -43.71 29.28 -17.72
C ILE A 331 -45.07 28.62 -17.57
N ALA A 332 -45.09 27.30 -17.40
CA ALA A 332 -46.38 26.63 -17.23
C ALA A 332 -46.99 26.91 -15.86
N ARG A 333 -46.17 27.24 -14.86
CA ARG A 333 -46.72 27.63 -13.57
C ARG A 333 -47.30 29.03 -13.64
N GLN A 334 -46.61 29.98 -14.28
CA GLN A 334 -47.24 31.27 -14.36
C GLN A 334 -48.36 31.32 -15.41
N HIS A 335 -48.45 30.29 -16.27
CA HIS A 335 -49.66 30.06 -17.05
C HIS A 335 -50.82 29.69 -16.15
N LYS A 336 -50.57 28.80 -15.17
CA LYS A 336 -51.66 28.41 -14.29
C LYS A 336 -52.02 29.56 -13.35
N GLU A 337 -51.03 30.39 -12.99
CA GLU A 337 -51.30 31.59 -12.19
C GLU A 337 -52.14 32.61 -12.94
N LEU A 338 -51.97 32.72 -14.26
CA LEU A 338 -52.87 33.58 -15.02
C LEU A 338 -54.20 32.93 -15.32
N LEU A 339 -54.28 31.59 -15.29
CA LEU A 339 -55.58 30.93 -15.36
C LEU A 339 -56.36 31.12 -14.06
N ARG A 340 -55.65 31.27 -12.94
CA ARG A 340 -56.31 31.70 -11.70
C ARG A 340 -56.78 33.15 -11.78
N PHE A 341 -56.09 33.99 -12.56
CA PHE A 341 -56.49 35.38 -12.71
C PHE A 341 -57.36 35.58 -13.94
N LYS A 394 -60.33 38.41 -24.34
CA LYS A 394 -59.64 37.16 -24.56
C LYS A 394 -58.19 37.27 -24.05
N THR A 395 -57.80 38.49 -23.68
CA THR A 395 -56.44 38.78 -23.25
C THR A 395 -56.06 37.99 -22.00
N VAL A 396 -57.04 37.68 -21.15
CA VAL A 396 -56.81 36.83 -19.98
C VAL A 396 -56.41 35.41 -20.41
N GLU A 397 -56.98 34.92 -21.51
CA GLU A 397 -56.69 33.57 -21.98
C GLU A 397 -55.95 33.53 -23.32
N GLU A 398 -55.56 34.70 -23.86
CA GLU A 398 -54.67 34.70 -25.02
C GLU A 398 -53.25 34.33 -24.63
N MET A 399 -52.78 34.83 -23.48
CA MET A 399 -51.49 34.42 -22.96
C MET A 399 -51.50 32.99 -22.42
N ARG A 400 -52.67 32.38 -22.25
CA ARG A 400 -52.74 30.96 -21.94
C ARG A 400 -52.22 30.14 -23.12
N LYS A 401 -52.79 30.36 -24.31
CA LYS A 401 -52.35 29.58 -25.46
C LYS A 401 -51.00 30.07 -25.96
N LEU A 402 -50.64 31.32 -25.64
CA LEU A 402 -49.30 31.79 -25.98
C LEU A 402 -48.25 31.08 -25.14
N PHE A 403 -48.52 30.91 -23.84
CA PHE A 403 -47.54 30.24 -22.97
C PHE A 403 -47.52 28.74 -23.23
N ILE A 404 -48.62 28.16 -23.73
CA ILE A 404 -48.61 26.74 -24.07
C ILE A 404 -47.80 26.51 -25.34
N SER A 405 -48.01 27.35 -26.37
CA SER A 405 -47.21 27.20 -27.58
C SER A 405 -45.74 27.56 -27.34
N ARG A 406 -45.47 28.45 -26.38
CA ARG A 406 -44.09 28.76 -26.02
C ARG A 406 -43.44 27.57 -25.32
N ALA A 407 -44.19 26.88 -24.47
CA ALA A 407 -43.60 25.78 -23.72
C ALA A 407 -43.38 24.59 -24.64
N LYS A 408 -44.33 24.33 -25.55
CA LYS A 408 -44.16 23.17 -26.41
C LYS A 408 -43.09 23.45 -27.47
N ARG A 409 -42.90 24.71 -27.85
CA ARG A 409 -41.82 25.00 -28.79
C ARG A 409 -40.46 24.91 -28.10
N ILE A 410 -40.39 25.18 -26.80
CA ILE A 410 -39.12 24.95 -26.09
C ILE A 410 -38.88 23.46 -25.94
N ASP A 411 -39.93 22.68 -25.66
CA ASP A 411 -39.71 21.25 -25.45
C ASP A 411 -39.41 20.53 -26.77
N THR A 412 -39.82 21.11 -27.88
CA THR A 412 -39.48 20.54 -29.19
C THR A 412 -38.07 20.94 -29.60
N VAL A 413 -37.72 22.22 -29.46
CA VAL A 413 -36.40 22.62 -29.89
C VAL A 413 -35.34 22.05 -28.96
N SER A 414 -35.67 21.74 -27.70
CA SER A 414 -34.71 21.02 -26.88
C SER A 414 -34.69 19.54 -27.21
N ARG A 415 -35.82 19.01 -27.70
CA ARG A 415 -35.92 17.58 -28.03
C ARG A 415 -35.10 17.28 -29.26
N VAL A 416 -34.89 18.29 -30.11
CA VAL A 416 -34.11 18.13 -31.32
C VAL A 416 -32.67 18.58 -31.12
N ALA A 417 -32.47 19.65 -30.37
CA ALA A 417 -31.15 20.24 -30.21
C ALA A 417 -30.24 19.41 -29.30
N PHE A 418 -30.78 18.85 -28.21
CA PHE A 418 -29.90 18.15 -27.25
C PHE A 418 -29.16 16.92 -27.77
N PRO A 419 -29.70 16.06 -28.64
CA PRO A 419 -28.82 15.05 -29.27
C PRO A 419 -27.84 15.62 -30.28
N LEU A 420 -28.16 16.73 -30.94
CA LEU A 420 -27.31 17.18 -32.05
C LEU A 420 -26.02 17.85 -31.56
N VAL A 421 -26.10 18.70 -30.54
CA VAL A 421 -24.88 19.35 -30.08
C VAL A 421 -24.01 18.35 -29.33
N PHE A 422 -24.61 17.31 -28.72
CA PHE A 422 -23.81 16.27 -28.11
C PHE A 422 -23.13 15.40 -29.17
N LEU A 423 -23.77 15.20 -30.33
CA LEU A 423 -23.08 14.45 -31.38
C LEU A 423 -21.96 15.28 -32.00
N ILE A 424 -22.15 16.60 -32.10
CA ILE A 424 -21.12 17.47 -32.62
C ILE A 424 -19.92 17.52 -31.66
N PHE A 425 -20.21 17.57 -30.36
CA PHE A 425 -19.15 17.54 -29.36
C PHE A 425 -18.42 16.20 -29.37
N ASN A 426 -19.16 15.09 -29.56
CA ASN A 426 -18.49 13.80 -29.55
C ASN A 426 -17.65 13.59 -30.80
N ILE A 427 -18.00 14.25 -31.90
CA ILE A 427 -17.16 14.20 -33.09
C ILE A 427 -15.91 15.04 -32.88
N PHE A 428 -16.06 16.26 -32.36
CA PHE A 428 -14.90 17.12 -32.16
C PHE A 428 -13.99 16.57 -31.06
N TYR A 429 -14.55 15.78 -30.14
CA TYR A 429 -13.78 15.15 -29.08
C TYR A 429 -12.95 14.00 -29.63
N TRP A 430 -13.58 13.12 -30.42
CA TRP A 430 -12.82 11.94 -30.80
C TRP A 430 -11.83 12.32 -31.89
N ILE A 431 -12.12 13.38 -32.65
CA ILE A 431 -11.17 13.83 -33.66
C ILE A 431 -9.97 14.50 -32.99
N THR A 432 -10.22 15.37 -31.98
CA THR A 432 -9.11 16.09 -31.36
C THR A 432 -8.27 15.17 -30.49
N TYR A 433 -8.73 13.95 -30.23
CA TYR A 433 -7.91 13.01 -29.46
C TYR A 433 -7.20 12.02 -30.37
N LYS A 434 -7.84 11.59 -31.47
CA LYS A 434 -7.14 10.74 -32.41
C LYS A 434 -5.97 11.44 -33.06
N ILE A 435 -6.13 12.73 -33.45
CA ILE A 435 -4.99 13.40 -34.08
C ILE A 435 -3.83 13.57 -33.10
N ILE A 436 -4.11 13.97 -31.85
CA ILE A 436 -3.05 14.17 -30.88
C ILE A 436 -2.34 12.85 -30.55
N ARG A 437 -3.09 11.75 -30.39
CA ARG A 437 -2.41 10.49 -30.09
C ARG A 437 -1.57 10.06 -31.30
N SER A 438 -2.08 10.26 -32.52
CA SER A 438 -1.33 9.88 -33.70
C SER A 438 -0.04 10.67 -33.80
N GLU A 439 -0.12 11.97 -33.47
CA GLU A 439 1.06 12.83 -33.50
C GLU A 439 2.12 12.37 -32.51
N ASP A 440 1.69 11.97 -31.30
CA ASP A 440 2.63 11.52 -30.27
C ASP A 440 3.42 10.25 -30.62
N ILE A 441 3.12 9.62 -31.75
CA ILE A 441 3.78 8.40 -32.20
C ILE A 441 4.85 8.77 -33.23
N HIS A 442 4.60 9.83 -33.98
CA HIS A 442 5.50 10.21 -35.07
C HIS A 442 6.77 10.87 -34.58
N LYS A 443 6.71 11.62 -33.48
CA LYS A 443 7.91 12.26 -32.94
C LYS A 443 8.85 11.29 -32.25
N GLN A 444 8.34 10.13 -31.81
CA GLN A 444 9.12 9.06 -31.17
C GLN A 444 9.94 9.54 -29.98
N PRO B 31 56.94 8.77 -18.03
CA PRO B 31 57.56 7.53 -18.49
C PRO B 31 57.23 6.34 -17.60
N MET B 32 56.52 6.60 -16.50
CA MET B 32 56.09 5.55 -15.58
C MET B 32 54.58 5.53 -15.46
N PRO B 33 53.98 4.38 -15.21
CA PRO B 33 52.52 4.31 -15.07
C PRO B 33 52.07 4.98 -13.78
N PRO B 34 50.91 5.66 -13.80
CA PRO B 34 50.52 6.47 -12.64
C PRO B 34 50.10 5.65 -11.43
N SER B 35 49.67 4.40 -11.61
CA SER B 35 49.32 3.56 -10.48
C SER B 35 50.56 3.21 -9.65
N GLU B 36 51.71 3.11 -10.30
CA GLU B 36 52.96 2.89 -9.58
C GLU B 36 53.52 4.20 -8.99
N PHE B 37 52.88 5.33 -9.25
CA PHE B 37 53.24 6.58 -8.59
C PHE B 37 52.25 7.04 -7.54
N LEU B 38 50.95 6.82 -7.74
CA LEU B 38 49.95 7.33 -6.81
C LEU B 38 49.99 6.58 -5.48
N ASP B 39 50.50 5.35 -5.49
CA ASP B 39 50.66 4.60 -4.25
C ASP B 39 51.91 4.99 -3.48
N LYS B 40 52.76 5.87 -4.03
CA LYS B 40 53.93 6.32 -3.28
C LYS B 40 53.78 7.73 -2.72
N LEU B 41 52.77 8.48 -3.16
CA LEU B 41 52.44 9.73 -2.48
C LEU B 41 51.82 9.47 -1.12
N MET B 42 50.79 8.63 -1.06
CA MET B 42 50.15 8.23 0.19
C MET B 42 50.64 6.88 0.66
N GLY B 43 51.90 6.54 0.40
CA GLY B 43 52.46 5.28 0.83
C GLY B 43 52.75 5.25 2.33
N LYS B 44 53.30 4.11 2.75
CA LYS B 44 53.65 3.95 4.17
C LYS B 44 54.83 4.83 4.56
N VAL B 45 55.92 4.75 3.80
CA VAL B 45 57.08 5.64 4.02
C VAL B 45 56.83 6.87 3.17
N SER B 46 56.02 7.78 3.71
CA SER B 46 55.76 9.10 3.15
C SER B 46 55.04 9.94 4.20
N GLY B 47 55.24 11.25 4.14
CA GLY B 47 54.63 12.14 5.10
C GLY B 47 53.16 12.39 4.87
N TYR B 48 52.35 11.33 4.88
CA TYR B 48 50.91 11.44 4.70
C TYR B 48 50.21 10.61 5.78
N ASP B 49 49.26 11.23 6.47
CA ASP B 49 48.33 10.52 7.33
C ASP B 49 46.92 10.69 6.76
N ALA B 50 46.17 9.59 6.72
CA ALA B 50 44.84 9.65 6.10
C ALA B 50 43.84 10.37 6.99
N ARG B 51 43.92 10.18 8.30
CA ARG B 51 42.99 10.81 9.23
C ARG B 51 43.64 12.04 9.88
N ILE B 52 43.97 13.02 9.04
CA ILE B 52 44.51 14.29 9.51
C ILE B 52 44.06 15.40 8.57
N ARG B 53 43.93 16.59 9.11
CA ARG B 53 43.47 17.73 8.32
C ARG B 53 44.63 18.27 7.47
N PRO B 54 44.35 18.71 6.24
CA PRO B 54 45.36 19.48 5.50
C PRO B 54 45.70 20.78 6.21
N ASN B 55 46.96 21.18 6.08
CA ASN B 55 47.63 22.27 6.81
C ASN B 55 47.18 22.32 8.27
N PHE B 56 47.48 21.22 8.97
CA PHE B 56 47.08 21.03 10.36
C PHE B 56 47.68 22.11 11.26
N LYS B 57 46.94 22.43 12.34
CA LYS B 57 47.26 23.52 13.26
C LYS B 57 47.40 24.85 12.53
N GLY B 58 46.53 25.08 11.56
CA GLY B 58 46.58 26.28 10.75
C GLY B 58 45.20 26.82 10.41
N PRO B 59 45.09 27.52 9.28
CA PRO B 59 43.78 28.05 8.87
C PRO B 59 42.87 26.92 8.38
N PRO B 60 41.56 27.11 8.47
CA PRO B 60 40.64 26.04 8.04
C PRO B 60 40.59 25.89 6.52
N VAL B 61 40.54 24.63 6.09
CA VAL B 61 40.46 24.29 4.66
C VAL B 61 39.00 24.32 4.19
N ASN B 62 38.67 25.29 3.36
CA ASN B 62 37.31 25.37 2.85
C ASN B 62 37.16 24.53 1.58
N VAL B 63 35.90 24.15 1.30
CA VAL B 63 35.55 23.34 0.14
C VAL B 63 34.45 24.05 -0.64
N THR B 64 34.34 23.70 -1.92
CA THR B 64 33.34 24.26 -2.82
C THR B 64 32.47 23.11 -3.31
N CYS B 65 31.16 23.25 -3.12
CA CYS B 65 30.20 22.19 -3.39
C CYS B 65 29.38 22.49 -4.64
N ASN B 66 28.87 21.43 -5.24
CA ASN B 66 27.99 21.51 -6.40
C ASN B 66 27.03 20.34 -6.37
N ILE B 67 25.79 20.59 -6.76
CA ILE B 67 24.72 19.60 -6.71
C ILE B 67 24.05 19.56 -8.09
N PHE B 68 23.96 18.36 -8.67
CA PHE B 68 23.25 18.14 -9.92
C PHE B 68 22.16 17.10 -9.70
N ILE B 69 20.90 17.54 -9.71
CA ILE B 69 19.77 16.65 -9.50
C ILE B 69 19.46 15.94 -10.81
N ASN B 70 19.49 14.60 -10.78
CA ASN B 70 19.03 13.83 -11.94
C ASN B 70 17.51 13.64 -11.91
N SER B 71 16.98 13.11 -10.82
CA SER B 71 15.57 12.80 -10.70
C SER B 71 15.02 13.36 -9.39
N PHE B 72 13.71 13.59 -9.37
CA PHE B 72 13.04 14.25 -8.26
C PHE B 72 11.60 13.76 -8.24
N GLY B 73 11.12 13.39 -7.06
CA GLY B 73 9.73 12.98 -6.93
C GLY B 73 9.53 12.07 -5.73
N SER B 74 8.44 11.31 -5.78
CA SER B 74 7.90 10.54 -4.66
C SER B 74 7.72 11.42 -3.43
N ILE B 75 7.06 12.56 -3.63
CA ILE B 75 6.77 13.52 -2.56
C ILE B 75 5.59 12.98 -1.76
N ALA B 76 5.87 12.38 -0.61
CA ALA B 76 4.85 11.74 0.22
C ALA B 76 4.60 12.57 1.48
N GLU B 77 3.31 12.74 1.82
CA GLU B 77 2.93 13.58 2.95
C GLU B 77 2.74 12.78 4.23
N THR B 78 2.54 11.47 4.13
CA THR B 78 2.32 10.66 5.33
C THR B 78 3.57 10.54 6.17
N THR B 79 4.71 10.24 5.54
CA THR B 79 5.99 10.20 6.21
C THR B 79 6.79 11.49 6.04
N MET B 80 6.23 12.47 5.31
CA MET B 80 6.72 13.85 5.28
C MET B 80 8.16 13.96 4.76
N ASP B 81 8.36 13.47 3.53
CA ASP B 81 9.70 13.47 2.96
C ASP B 81 9.60 13.45 1.44
N TYR B 82 10.76 13.44 0.80
CA TYR B 82 10.87 13.27 -0.65
C TYR B 82 12.21 12.61 -0.93
N ARG B 83 12.42 12.25 -2.20
CA ARG B 83 13.59 11.43 -2.54
C ARG B 83 14.26 11.98 -3.78
N VAL B 84 15.59 12.06 -3.75
CA VAL B 84 16.36 12.67 -4.81
C VAL B 84 17.48 11.72 -5.25
N ASN B 85 18.07 12.07 -6.39
CA ASN B 85 19.27 11.46 -6.94
C ASN B 85 20.23 12.60 -7.27
N ILE B 86 21.27 12.79 -6.47
CA ILE B 86 22.14 13.93 -6.66
C ILE B 86 23.52 13.48 -7.13
N PHE B 87 24.26 14.44 -7.69
CA PHE B 87 25.65 14.33 -8.08
C PHE B 87 26.45 15.32 -7.25
N LEU B 88 26.82 14.92 -6.04
CA LEU B 88 27.53 15.82 -5.14
C LEU B 88 28.98 15.91 -5.57
N ARG B 89 29.45 17.11 -5.87
CA ARG B 89 30.82 17.34 -6.29
C ARG B 89 31.48 18.34 -5.36
N GLN B 90 32.62 17.97 -4.80
CA GLN B 90 33.38 18.81 -3.89
C GLN B 90 34.74 19.13 -4.50
N GLN B 91 35.24 20.32 -4.17
CA GLN B 91 36.53 20.80 -4.64
C GLN B 91 37.24 21.46 -3.47
N TRP B 92 38.36 20.90 -3.04
CA TRP B 92 39.15 21.56 -2.00
C TRP B 92 40.63 21.55 -2.35
N ASN B 93 41.37 22.44 -1.69
CA ASN B 93 42.81 22.49 -1.88
C ASN B 93 43.51 21.70 -0.78
N ASP B 94 44.69 21.16 -1.11
CA ASP B 94 45.51 20.43 -0.17
C ASP B 94 46.96 20.83 -0.42
N PRO B 95 47.73 21.15 0.63
CA PRO B 95 49.06 21.74 0.41
C PRO B 95 50.10 20.75 -0.09
N ARG B 96 50.05 19.50 0.37
CA ARG B 96 50.88 18.45 -0.19
C ARG B 96 50.19 17.84 -1.41
N LEU B 97 50.69 16.67 -1.86
CA LEU B 97 50.24 15.98 -3.06
C LEU B 97 50.35 16.88 -4.30
N ALA B 98 51.58 17.22 -4.63
CA ALA B 98 51.90 17.97 -5.85
C ALA B 98 53.05 17.28 -6.57
N TYR B 99 52.97 17.25 -7.90
CA TYR B 99 53.99 16.57 -8.69
C TYR B 99 55.06 17.56 -9.14
N SER B 100 54.68 18.55 -9.94
CA SER B 100 55.53 19.59 -10.51
C SER B 100 56.62 19.05 -11.44
N GLU B 101 56.58 17.78 -11.81
CA GLU B 101 57.59 17.22 -12.69
C GLU B 101 57.04 16.18 -13.66
N TYR B 102 55.72 16.06 -13.80
CA TYR B 102 55.11 15.07 -14.65
C TYR B 102 54.29 15.74 -15.76
N PRO B 103 54.19 15.12 -16.93
CA PRO B 103 53.41 15.75 -18.01
C PRO B 103 51.92 15.71 -17.80
N ASP B 104 51.38 14.61 -17.25
CA ASP B 104 49.96 14.52 -16.99
C ASP B 104 49.57 15.42 -15.82
N ASP B 105 48.68 16.38 -16.09
CA ASP B 105 48.26 17.35 -15.10
C ASP B 105 47.13 16.83 -14.20
N SER B 106 46.51 15.71 -14.55
CA SER B 106 45.34 15.21 -13.82
C SER B 106 45.51 13.72 -13.59
N LEU B 107 45.48 13.32 -12.32
CA LEU B 107 45.57 11.91 -11.95
C LEU B 107 44.19 11.42 -11.50
N ASP B 108 44.00 10.11 -11.57
CA ASP B 108 42.75 9.50 -11.16
C ASP B 108 43.01 8.38 -10.15
N LEU B 109 42.31 8.42 -9.03
CA LEU B 109 42.43 7.42 -7.98
C LEU B 109 41.37 6.34 -8.15
N ASP B 110 41.72 5.11 -7.78
CA ASP B 110 40.83 3.98 -7.99
C ASP B 110 39.71 3.99 -6.95
N PRO B 111 38.44 3.81 -7.35
CA PRO B 111 37.33 3.91 -6.40
C PRO B 111 37.27 2.80 -5.37
N SER B 112 38.14 1.79 -5.43
CA SER B 112 38.21 0.80 -4.36
C SER B 112 38.92 1.35 -3.13
N MET B 113 40.13 1.88 -3.30
CA MET B 113 40.94 2.31 -2.16
C MET B 113 40.76 3.81 -1.90
N LEU B 114 39.49 4.18 -1.68
CA LEU B 114 39.17 5.55 -1.28
C LEU B 114 39.60 5.87 0.14
N ASP B 115 39.90 4.84 0.94
CA ASP B 115 40.28 5.04 2.34
C ASP B 115 41.70 5.59 2.49
N SER B 116 42.49 5.63 1.41
CA SER B 116 43.84 6.15 1.51
C SER B 116 43.87 7.67 1.60
N ILE B 117 42.92 8.35 0.98
CA ILE B 117 42.93 9.81 0.92
C ILE B 117 42.06 10.36 2.05
N TRP B 118 42.27 11.64 2.37
CA TRP B 118 41.44 12.36 3.32
C TRP B 118 40.23 12.94 2.62
N LYS B 119 39.05 12.75 3.19
CA LYS B 119 37.84 13.36 2.70
C LYS B 119 37.14 14.10 3.83
N PRO B 120 36.53 15.25 3.54
CA PRO B 120 35.87 16.01 4.61
C PRO B 120 34.56 15.38 5.02
N ASP B 121 34.34 15.30 6.33
CA ASP B 121 33.14 14.68 6.87
C ASP B 121 31.91 15.55 6.60
N LEU B 122 31.04 15.07 5.72
CA LEU B 122 29.86 15.80 5.31
C LEU B 122 28.65 14.90 5.52
N PHE B 123 27.57 15.46 6.07
CA PHE B 123 26.33 14.69 6.14
C PHE B 123 25.14 15.63 6.01
N PHE B 124 24.01 15.07 5.56
CA PHE B 124 22.79 15.85 5.39
C PHE B 124 22.01 15.86 6.70
N ALA B 125 21.58 17.05 7.12
CA ALA B 125 21.02 17.21 8.46
C ALA B 125 19.61 16.62 8.56
N ASN B 126 18.80 16.79 7.52
CA ASN B 126 17.39 16.43 7.57
C ASN B 126 17.06 15.23 6.68
N GLU B 127 18.00 14.29 6.55
CA GLU B 127 17.80 13.13 5.69
C GLU B 127 17.32 11.94 6.52
N LYS B 128 16.45 11.13 5.92
CA LYS B 128 15.93 9.92 6.54
C LYS B 128 16.80 8.71 6.24
N GLY B 129 17.16 8.52 4.98
CA GLY B 129 17.97 7.39 4.57
C GLY B 129 18.74 7.75 3.32
N ALA B 130 19.91 7.14 3.16
CA ALA B 130 20.76 7.47 2.02
C ALA B 130 21.55 6.23 1.63
N ASN B 131 21.93 6.18 0.35
CA ASN B 131 22.80 5.11 -0.12
C ASN B 131 23.51 5.52 -1.41
N PHE B 132 24.58 4.77 -1.68
CA PHE B 132 25.39 4.89 -2.89
C PHE B 132 24.69 4.18 -4.04
N HIS B 133 25.39 4.05 -5.17
CA HIS B 133 24.89 3.34 -6.33
C HIS B 133 25.81 2.18 -6.66
N GLU B 134 25.23 1.05 -7.05
CA GLU B 134 25.97 -0.21 -7.15
C GLU B 134 25.83 -0.78 -8.56
N VAL B 135 26.04 0.07 -9.57
CA VAL B 135 26.05 -0.35 -10.97
C VAL B 135 27.46 -0.91 -11.21
N THR B 136 27.71 -1.47 -12.39
CA THR B 136 28.89 -2.26 -12.76
C THR B 136 30.24 -1.72 -12.30
N THR B 137 30.36 -0.40 -12.18
CA THR B 137 31.48 0.23 -11.52
C THR B 137 31.01 1.01 -10.31
N ASP B 138 31.92 1.13 -9.33
CA ASP B 138 31.66 1.99 -8.17
C ASP B 138 31.62 3.45 -8.60
N ASN B 139 30.47 4.08 -8.42
CA ASN B 139 30.22 5.44 -8.92
C ASN B 139 30.94 6.45 -8.04
N LYS B 140 32.26 6.50 -8.21
CA LYS B 140 33.11 7.43 -7.47
C LYS B 140 34.09 8.06 -8.45
N LEU B 141 34.64 9.20 -8.05
CA LEU B 141 35.60 9.91 -8.90
C LEU B 141 36.50 10.76 -8.03
N LEU B 142 37.81 10.63 -8.24
CA LEU B 142 38.80 11.44 -7.54
C LEU B 142 39.78 11.99 -8.58
N ARG B 143 40.08 13.28 -8.48
CA ARG B 143 40.95 13.95 -9.46
C ARG B 143 41.87 14.90 -8.73
N ILE B 144 43.18 14.71 -8.89
CA ILE B 144 44.20 15.49 -8.21
C ILE B 144 44.97 16.27 -9.26
N SER B 145 44.92 17.61 -9.16
CA SER B 145 45.57 18.47 -10.14
C SER B 145 47.04 18.65 -9.78
N LYS B 146 47.70 19.59 -10.45
CA LYS B 146 49.13 19.80 -10.25
C LYS B 146 49.42 20.43 -8.90
N ASN B 147 48.71 21.52 -8.58
CA ASN B 147 48.98 22.26 -7.36
C ASN B 147 48.52 21.53 -6.11
N GLY B 148 47.62 20.55 -6.25
CA GLY B 148 47.09 19.85 -5.11
C GLY B 148 45.59 20.01 -4.90
N ASN B 149 44.90 20.59 -5.88
CA ASN B 149 43.45 20.68 -5.81
C ASN B 149 42.82 19.31 -6.04
N VAL B 150 41.81 18.99 -5.23
CA VAL B 150 41.14 17.70 -5.26
C VAL B 150 39.69 17.93 -5.67
N LEU B 151 39.25 17.17 -6.67
CA LEU B 151 37.86 17.11 -7.13
C LEU B 151 37.30 15.73 -6.81
N TYR B 152 36.20 15.69 -6.08
CA TYR B 152 35.61 14.45 -5.58
C TYR B 152 34.12 14.48 -5.92
N SER B 153 33.70 13.64 -6.87
CA SER B 153 32.35 13.67 -7.40
C SER B 153 31.73 12.28 -7.28
N ILE B 154 30.63 12.19 -6.54
CA ILE B 154 29.90 10.95 -6.34
C ILE B 154 28.49 11.10 -6.89
N ARG B 155 27.77 9.98 -6.93
CA ARG B 155 26.37 9.94 -7.38
C ARG B 155 25.61 9.13 -6.35
N ILE B 156 24.73 9.78 -5.59
CA ILE B 156 24.06 9.12 -4.47
C ILE B 156 22.56 9.35 -4.58
N THR B 157 21.80 8.51 -3.89
CA THR B 157 20.37 8.76 -3.78
C THR B 157 19.95 8.74 -2.31
N LEU B 158 18.99 9.61 -1.99
CA LEU B 158 18.70 9.85 -0.59
C LEU B 158 17.34 10.50 -0.39
N VAL B 159 16.80 10.34 0.81
CA VAL B 159 15.44 10.74 1.17
C VAL B 159 15.49 11.86 2.22
N LEU B 160 15.12 13.06 1.82
CA LEU B 160 15.17 14.23 2.70
C LEU B 160 13.81 14.46 3.33
N ALA B 161 13.82 14.67 4.65
CA ALA B 161 12.60 14.99 5.38
C ALA B 161 12.25 16.47 5.17
N CYS B 162 10.97 16.73 4.87
CA CYS B 162 10.49 18.09 4.82
C CYS B 162 9.12 18.14 5.49
N PRO B 163 8.87 19.15 6.32
CA PRO B 163 7.54 19.30 6.91
C PRO B 163 6.61 20.14 6.04
N MET B 164 5.39 19.66 5.83
CA MET B 164 4.41 20.33 4.99
C MET B 164 3.24 20.81 5.82
N ASP B 165 2.71 21.98 5.48
CA ASP B 165 1.55 22.56 6.16
C ASP B 165 0.44 22.68 5.13
N LEU B 166 -0.71 22.08 5.40
CA LEU B 166 -1.79 22.05 4.43
C LEU B 166 -3.03 22.76 4.93
N LYS B 167 -2.85 23.94 5.53
CA LYS B 167 -3.99 24.74 5.97
C LYS B 167 -4.84 25.22 4.80
N ASN B 168 -4.21 25.47 3.65
CA ASN B 168 -4.90 25.84 2.41
C ASN B 168 -4.46 24.87 1.32
N PHE B 169 -5.14 23.71 1.24
CA PHE B 169 -4.55 22.57 0.53
C PHE B 169 -4.49 22.75 -0.99
N PRO B 170 -5.59 22.97 -1.72
CA PRO B 170 -5.47 23.00 -3.18
C PRO B 170 -4.89 24.29 -3.75
N MET B 171 -4.44 25.23 -2.91
CA MET B 171 -3.79 26.44 -3.38
C MET B 171 -2.44 26.67 -2.72
N ASP B 172 -1.85 25.63 -2.13
CA ASP B 172 -0.65 25.84 -1.32
C ASP B 172 0.59 25.95 -2.18
N VAL B 173 1.59 26.61 -1.62
CA VAL B 173 2.98 26.53 -2.08
C VAL B 173 3.78 25.85 -0.99
N GLN B 174 4.82 25.13 -1.40
CA GLN B 174 5.64 24.38 -0.46
C GLN B 174 7.10 24.76 -0.64
N THR B 175 7.79 24.94 0.48
CA THR B 175 9.22 25.21 0.50
C THR B 175 9.92 23.97 1.01
N CYS B 176 10.72 23.33 0.15
CA CYS B 176 11.45 22.12 0.50
C CYS B 176 12.94 22.42 0.47
N ILE B 177 13.59 22.29 1.61
CA ILE B 177 14.98 22.72 1.74
C ILE B 177 15.86 21.49 1.87
N MET B 178 17.17 21.70 1.69
CA MET B 178 18.19 20.74 2.09
C MET B 178 19.33 21.53 2.70
N GLN B 179 20.09 20.88 3.57
CA GLN B 179 21.17 21.55 4.27
C GLN B 179 22.21 20.50 4.64
N LEU B 180 23.48 20.85 4.47
CA LEU B 180 24.54 19.85 4.66
C LEU B 180 25.59 20.37 5.63
N GLU B 181 25.94 19.53 6.61
CA GLU B 181 26.72 19.89 7.77
C GLU B 181 28.07 19.17 7.71
N SER B 182 28.91 19.51 8.68
CA SER B 182 30.06 18.72 9.11
C SER B 182 29.67 17.88 10.32
N PHE B 183 30.48 16.85 10.59
CA PHE B 183 30.22 15.93 11.71
C PHE B 183 31.47 15.89 12.59
N GLY B 184 31.55 16.85 13.51
CA GLY B 184 32.63 16.90 14.49
C GLY B 184 33.72 17.91 14.23
N TYR B 185 33.67 18.65 13.13
CA TYR B 185 34.66 19.68 12.84
C TYR B 185 34.04 21.06 13.00
N THR B 186 34.75 21.93 13.72
CA THR B 186 34.29 23.27 14.06
C THR B 186 34.44 24.22 12.87
N MET B 187 33.85 25.41 13.01
CA MET B 187 33.92 26.43 11.97
C MET B 187 35.35 26.94 11.79
N ASN B 188 36.15 26.97 12.84
CA ASN B 188 37.56 27.31 12.71
C ASN B 188 38.43 26.14 12.25
N ASP B 189 37.81 25.03 11.86
CA ASP B 189 38.53 23.87 11.35
C ASP B 189 38.09 23.44 9.96
N LEU B 190 36.85 23.72 9.57
CA LEU B 190 36.33 23.31 8.26
C LEU B 190 35.13 24.16 7.91
N ILE B 191 35.19 24.84 6.76
CA ILE B 191 34.15 25.75 6.31
C ILE B 191 33.58 25.21 5.00
N PHE B 192 32.26 25.35 4.83
CA PHE B 192 31.60 25.01 3.57
C PHE B 192 31.28 26.27 2.78
N GLU B 193 31.26 26.13 1.46
CA GLU B 193 31.05 27.26 0.55
C GLU B 193 30.28 26.79 -0.67
N TRP B 194 29.25 27.55 -1.06
CA TRP B 194 28.59 27.32 -2.33
C TRP B 194 29.48 27.76 -3.48
N ASP B 195 29.22 27.20 -4.66
CA ASP B 195 29.96 27.61 -5.84
C ASP B 195 29.44 28.97 -6.33
N GLU B 196 30.28 29.64 -7.12
CA GLU B 196 29.96 30.99 -7.54
C GLU B 196 29.02 31.02 -8.74
N LYS B 197 29.23 30.13 -9.70
CA LYS B 197 28.44 30.09 -10.93
C LYS B 197 27.91 28.67 -11.13
N GLY B 198 26.59 28.52 -11.08
CA GLY B 198 25.97 27.23 -11.27
C GLY B 198 26.23 26.26 -10.14
N ALA B 199 25.83 26.62 -8.92
CA ALA B 199 26.04 25.75 -7.78
C ALA B 199 25.04 24.59 -7.77
N VAL B 200 23.77 24.86 -8.03
CA VAL B 200 22.72 23.85 -8.05
C VAL B 200 22.11 23.85 -9.44
N GLN B 201 22.25 22.72 -10.13
CA GLN B 201 21.73 22.54 -11.48
C GLN B 201 20.67 21.45 -11.49
N VAL B 202 19.69 21.59 -12.39
CA VAL B 202 18.57 20.66 -12.50
C VAL B 202 18.48 20.20 -13.95
N ALA B 203 18.50 18.89 -14.15
CA ALA B 203 18.36 18.32 -15.49
C ALA B 203 16.95 18.58 -16.03
N ASP B 204 16.86 18.65 -17.35
CA ASP B 204 15.65 19.11 -18.01
C ASP B 204 14.63 17.97 -18.11
N GLY B 205 13.35 18.35 -18.05
CA GLY B 205 12.28 17.40 -18.24
C GLY B 205 12.05 16.47 -17.05
N LEU B 206 11.59 17.01 -15.94
CA LEU B 206 11.39 16.21 -14.73
C LEU B 206 9.95 15.73 -14.57
N THR B 207 8.97 16.62 -14.77
CA THR B 207 7.55 16.29 -14.89
C THR B 207 7.05 15.59 -13.61
N LEU B 208 7.00 16.37 -12.54
CA LEU B 208 6.41 15.91 -11.29
C LEU B 208 4.93 15.58 -11.49
N PRO B 209 4.40 14.58 -10.77
CA PRO B 209 2.99 14.23 -10.93
C PRO B 209 2.03 15.17 -10.22
N GLN B 210 2.49 15.85 -9.17
CA GLN B 210 1.63 16.72 -8.37
C GLN B 210 2.02 18.18 -8.47
N PHE B 211 3.29 18.51 -8.21
CA PHE B 211 3.70 19.90 -8.08
C PHE B 211 4.33 20.40 -9.38
N ILE B 212 4.79 21.65 -9.34
CA ILE B 212 5.59 22.26 -10.39
C ILE B 212 6.77 22.95 -9.69
N LEU B 213 7.98 22.53 -10.03
CA LEU B 213 9.18 23.12 -9.46
C LEU B 213 9.48 24.46 -10.14
N LYS B 214 10.00 25.40 -9.36
CA LYS B 214 10.32 26.74 -9.83
C LYS B 214 11.83 26.94 -9.84
N GLU B 215 12.27 27.87 -10.69
CA GLU B 215 13.70 28.15 -10.83
C GLU B 215 14.17 29.27 -9.89
N GLU B 216 13.84 29.15 -8.61
CA GLU B 216 14.32 30.12 -7.63
C GLU B 216 15.72 29.75 -7.16
N LYS B 217 15.84 28.58 -6.50
CA LYS B 217 17.11 27.98 -6.08
C LYS B 217 17.95 28.91 -5.21
N ASP B 218 17.31 29.51 -4.20
CA ASP B 218 18.02 30.43 -3.33
C ASP B 218 18.89 29.64 -2.36
N LEU B 219 20.15 30.07 -2.23
CA LEU B 219 21.17 29.33 -1.49
C LEU B 219 21.58 30.15 -0.27
N ARG B 220 21.36 29.60 0.93
CA ARG B 220 21.63 30.35 2.14
C ARG B 220 22.69 29.65 2.98
N TYR B 221 22.94 30.20 4.16
CA TYR B 221 23.92 29.70 5.11
C TYR B 221 23.25 29.45 6.46
N CYS B 222 23.76 28.47 7.19
CA CYS B 222 23.46 28.36 8.61
C CYS B 222 24.74 28.14 9.41
N THR B 223 24.71 28.57 10.66
CA THR B 223 25.80 28.33 11.60
C THR B 223 25.21 27.65 12.83
N LYS B 224 25.49 26.35 12.95
CA LYS B 224 24.98 25.52 14.03
C LYS B 224 25.71 25.88 15.32
N HIS B 225 25.07 26.72 16.15
CA HIS B 225 25.66 27.12 17.42
C HIS B 225 25.34 26.05 18.47
N TYR B 226 26.36 25.35 18.93
CA TYR B 226 26.22 24.33 19.96
C TYR B 226 27.05 24.73 21.19
N ASN B 227 27.11 23.82 22.17
CA ASN B 227 27.98 24.03 23.32
C ASN B 227 29.45 23.97 22.93
N THR B 228 29.79 23.08 21.98
CA THR B 228 31.19 22.88 21.62
C THR B 228 31.71 24.03 20.76
N GLY B 229 30.89 24.54 19.88
CA GLY B 229 31.30 25.64 19.00
C GLY B 229 30.40 25.74 17.80
N LYS B 230 30.73 26.70 16.95
CA LYS B 230 29.98 26.95 15.73
C LYS B 230 30.33 25.91 14.67
N PHE B 231 29.30 25.41 13.98
CA PHE B 231 29.49 24.47 12.88
C PHE B 231 28.96 25.09 11.60
N THR B 232 29.60 24.74 10.48
CA THR B 232 29.27 25.35 9.21
C THR B 232 28.04 24.67 8.58
N CYS B 233 27.33 25.43 7.76
CA CYS B 233 26.21 24.87 7.02
C CYS B 233 25.93 25.71 5.79
N ILE B 234 25.54 25.03 4.72
CA ILE B 234 24.93 25.67 3.56
C ILE B 234 23.64 24.92 3.26
N GLU B 235 22.69 25.65 2.67
CA GLU B 235 21.33 25.15 2.51
C GLU B 235 20.75 25.60 1.18
N ALA B 236 20.29 24.62 0.40
CA ALA B 236 19.51 24.90 -0.80
C ALA B 236 18.03 24.91 -0.43
N ARG B 237 17.22 25.49 -1.32
CA ARG B 237 15.83 25.75 -0.99
C ARG B 237 15.02 25.79 -2.29
N PHE B 238 14.12 24.83 -2.46
CA PHE B 238 13.30 24.70 -3.65
C PHE B 238 11.87 25.14 -3.34
N HIS B 239 11.24 25.73 -4.36
CA HIS B 239 9.85 26.16 -4.29
C HIS B 239 9.00 25.28 -5.20
N LEU B 240 7.93 24.73 -4.64
CA LEU B 240 7.00 23.86 -5.37
C LEU B 240 5.62 24.49 -5.31
N GLU B 241 4.94 24.56 -6.46
CA GLU B 241 3.60 25.11 -6.53
C GLU B 241 2.66 24.02 -7.03
N ARG B 242 1.51 23.89 -6.38
CA ARG B 242 0.58 22.81 -6.70
C ARG B 242 -0.42 23.28 -7.74
N GLN B 243 -0.61 22.47 -8.78
CA GLN B 243 -1.63 22.77 -9.76
C GLN B 243 -3.02 22.50 -9.17
N MET B 244 -3.97 23.35 -9.54
CA MET B 244 -5.37 23.17 -9.16
C MET B 244 -6.27 22.89 -10.36
N GLY B 245 -5.70 22.37 -11.45
CA GLY B 245 -6.50 22.10 -12.63
C GLY B 245 -7.47 20.95 -12.42
N TYR B 246 -6.98 19.82 -11.90
CA TYR B 246 -7.85 18.68 -11.62
C TYR B 246 -8.79 19.00 -10.46
N TYR B 247 -8.29 19.75 -9.46
CA TYR B 247 -9.09 20.07 -8.28
C TYR B 247 -10.18 21.09 -8.58
N LEU B 248 -10.20 21.66 -9.78
CA LEU B 248 -11.21 22.62 -10.21
C LEU B 248 -12.31 21.93 -10.97
N ILE B 249 -11.92 21.07 -11.93
CA ILE B 249 -12.89 20.31 -12.71
C ILE B 249 -13.63 19.34 -11.81
N GLN B 250 -12.92 18.71 -10.87
CA GLN B 250 -13.52 17.76 -9.96
C GLN B 250 -13.48 18.32 -8.53
N MET B 251 -14.62 18.23 -7.84
CA MET B 251 -14.97 18.64 -6.46
C MET B 251 -15.30 20.12 -6.31
N TYR B 252 -15.22 20.92 -7.37
CA TYR B 252 -15.59 22.34 -7.33
C TYR B 252 -16.74 22.62 -8.29
N ILE B 253 -16.56 22.31 -9.58
CA ILE B 253 -17.64 22.53 -10.55
C ILE B 253 -18.88 21.68 -10.26
N PRO B 254 -18.77 20.37 -9.94
CA PRO B 254 -20.01 19.64 -9.59
C PRO B 254 -20.70 20.15 -8.34
N SER B 255 -19.92 20.54 -7.31
CA SER B 255 -20.52 21.04 -6.08
C SER B 255 -21.21 22.39 -6.32
N LEU B 256 -20.64 23.22 -7.19
CA LEU B 256 -21.27 24.50 -7.51
C LEU B 256 -22.55 24.24 -8.31
N LEU B 257 -22.48 23.29 -9.23
CA LEU B 257 -23.62 23.06 -10.10
C LEU B 257 -24.77 22.48 -9.28
N ILE B 258 -24.46 21.63 -8.29
CA ILE B 258 -25.56 21.09 -7.49
C ILE B 258 -26.08 22.12 -6.47
N VAL B 259 -25.30 23.15 -6.12
CA VAL B 259 -25.91 24.26 -5.39
C VAL B 259 -26.89 25.01 -6.29
N ILE B 260 -26.55 25.17 -7.57
CA ILE B 260 -27.50 25.83 -8.46
C ILE B 260 -28.70 24.92 -8.71
N LEU B 261 -28.49 23.61 -8.66
CA LEU B 261 -29.58 22.65 -8.77
C LEU B 261 -30.47 22.67 -7.54
N SER B 262 -29.90 22.96 -6.36
CA SER B 262 -30.74 23.10 -5.18
C SER B 262 -31.54 24.38 -5.26
N TRP B 263 -31.03 25.38 -5.99
CA TRP B 263 -31.74 26.64 -6.12
C TRP B 263 -32.92 26.56 -7.08
N VAL B 264 -33.08 25.43 -7.78
CA VAL B 264 -34.24 25.23 -8.66
C VAL B 264 -35.51 25.17 -7.84
N SER B 265 -35.44 24.67 -6.60
CA SER B 265 -36.59 24.57 -5.71
C SER B 265 -37.15 25.92 -5.26
N PHE B 266 -36.51 27.04 -5.59
CA PHE B 266 -37.11 28.34 -5.36
C PHE B 266 -37.98 28.80 -6.52
N TRP B 267 -38.03 28.05 -7.61
CA TRP B 267 -38.81 28.42 -8.79
C TRP B 267 -39.96 27.45 -9.05
N ILE B 268 -40.29 26.57 -8.10
CA ILE B 268 -41.37 25.62 -8.23
C ILE B 268 -42.44 25.96 -7.21
N ASN B 269 -43.70 25.83 -7.61
CA ASN B 269 -44.84 26.21 -6.77
C ASN B 269 -44.92 25.32 -5.52
N MET B 270 -45.58 25.86 -4.50
CA MET B 270 -45.58 25.24 -3.18
C MET B 270 -46.49 24.02 -3.09
N ASP B 271 -47.58 23.98 -3.87
CA ASP B 271 -48.51 22.87 -3.78
C ASP B 271 -47.94 21.58 -4.37
N ALA B 272 -46.89 21.66 -5.18
CA ALA B 272 -46.16 20.47 -5.61
C ALA B 272 -45.18 20.08 -4.51
N ALA B 273 -45.74 19.42 -3.48
CA ALA B 273 -44.93 19.11 -2.30
C ALA B 273 -43.91 18.00 -2.51
N PRO B 274 -44.26 16.81 -3.03
CA PRO B 274 -43.22 15.77 -3.16
C PRO B 274 -42.22 16.04 -4.25
N ALA B 275 -42.48 16.99 -5.15
CA ALA B 275 -41.49 17.35 -6.15
C ALA B 275 -40.37 18.14 -5.51
N ARG B 276 -40.70 19.17 -4.72
CA ARG B 276 -39.68 20.00 -4.13
C ARG B 276 -38.98 19.28 -2.97
N VAL B 277 -39.70 18.38 -2.28
CA VAL B 277 -39.06 17.60 -1.24
C VAL B 277 -38.10 16.57 -1.85
N GLY B 278 -38.53 15.91 -2.93
CA GLY B 278 -37.67 14.95 -3.60
C GLY B 278 -36.47 15.60 -4.27
N LEU B 279 -36.61 16.86 -4.70
CA LEU B 279 -35.44 17.56 -5.21
C LEU B 279 -34.51 17.96 -4.07
N GLY B 280 -35.07 18.34 -2.92
CA GLY B 280 -34.23 18.88 -1.85
C GLY B 280 -33.41 17.81 -1.19
N ILE B 281 -34.03 16.66 -0.90
CA ILE B 281 -33.29 15.67 -0.14
C ILE B 281 -32.31 14.97 -1.08
N THR B 282 -32.65 14.86 -2.36
CA THR B 282 -31.72 14.22 -3.28
C THR B 282 -30.55 15.14 -3.59
N THR B 283 -30.75 16.47 -3.52
CA THR B 283 -29.61 17.38 -3.65
C THR B 283 -28.68 17.26 -2.44
N VAL B 284 -29.25 17.06 -1.25
CA VAL B 284 -28.43 16.79 -0.07
C VAL B 284 -27.67 15.46 -0.22
N LEU B 285 -28.35 14.45 -0.77
CA LEU B 285 -27.73 13.15 -1.01
C LEU B 285 -26.63 13.26 -2.06
N THR B 286 -26.83 14.11 -3.07
CA THR B 286 -25.81 14.33 -4.08
C THR B 286 -24.61 15.02 -3.49
N MET B 287 -24.84 15.98 -2.58
CA MET B 287 -23.71 16.67 -1.94
C MET B 287 -22.92 15.75 -1.03
N THR B 288 -23.60 14.82 -0.32
CA THR B 288 -22.87 13.91 0.55
C THR B 288 -22.08 12.89 -0.26
N THR B 289 -22.68 12.29 -1.30
CA THR B 289 -21.92 11.33 -2.08
C THR B 289 -20.85 12.00 -2.93
N GLN B 290 -20.98 13.30 -3.20
CA GLN B 290 -19.89 14.04 -3.84
C GLN B 290 -18.74 14.27 -2.86
N SER B 291 -19.05 14.55 -1.59
CA SER B 291 -18.00 14.80 -0.61
C SER B 291 -17.30 13.50 -0.18
N SER B 292 -18.07 12.53 0.32
CA SER B 292 -17.50 11.28 0.82
C SER B 292 -16.93 10.40 -0.28
N GLY B 293 -17.37 10.57 -1.52
CA GLY B 293 -16.78 9.83 -2.62
C GLY B 293 -15.39 10.28 -2.99
N SER B 294 -15.00 11.49 -2.58
CA SER B 294 -13.71 12.05 -2.95
C SER B 294 -12.69 12.00 -1.82
N ARG B 295 -13.08 11.53 -0.63
CA ARG B 295 -12.19 11.59 0.53
C ARG B 295 -11.03 10.62 0.43
N ALA B 296 -11.16 9.55 -0.35
CA ALA B 296 -10.04 8.63 -0.53
C ALA B 296 -8.95 9.23 -1.41
N SER B 297 -9.31 10.17 -2.29
CA SER B 297 -8.31 10.79 -3.17
C SER B 297 -7.52 11.88 -2.46
N LEU B 298 -8.11 12.53 -1.46
CA LEU B 298 -7.43 13.60 -0.75
C LEU B 298 -6.36 13.05 0.20
N PRO B 299 -5.34 13.85 0.50
CA PRO B 299 -4.40 13.46 1.54
C PRO B 299 -5.04 13.52 2.92
N LYS B 300 -4.47 12.74 3.84
CA LYS B 300 -5.07 12.53 5.16
C LYS B 300 -4.32 13.34 6.21
N VAL B 301 -5.00 14.33 6.78
CA VAL B 301 -4.51 15.09 7.93
C VAL B 301 -5.63 15.20 8.95
N SER B 302 -5.30 15.73 10.13
CA SER B 302 -6.24 15.82 11.23
C SER B 302 -6.78 17.23 11.45
N TYR B 303 -6.25 18.23 10.75
CA TYR B 303 -6.74 19.59 10.85
C TYR B 303 -7.54 19.94 9.62
N VAL B 304 -8.13 21.14 9.64
CA VAL B 304 -9.00 21.55 8.54
C VAL B 304 -8.16 21.99 7.35
N LYS B 305 -8.76 21.89 6.18
CA LYS B 305 -8.17 22.32 4.91
C LYS B 305 -9.10 23.33 4.24
N ALA B 306 -8.76 23.69 3.01
CA ALA B 306 -9.61 24.59 2.23
C ALA B 306 -10.74 23.84 1.53
N ILE B 307 -10.60 22.53 1.34
CA ILE B 307 -11.61 21.77 0.59
C ILE B 307 -12.83 21.49 1.45
N ASP B 308 -12.64 21.11 2.71
CA ASP B 308 -13.80 20.75 3.51
C ASP B 308 -14.52 21.97 4.11
N ILE B 309 -13.92 23.16 4.06
CA ILE B 309 -14.70 24.37 4.33
C ILE B 309 -15.68 24.62 3.19
N TRP B 310 -15.24 24.41 1.95
CA TRP B 310 -16.14 24.52 0.80
C TRP B 310 -17.19 23.43 0.83
N MET B 311 -16.82 22.23 1.29
CA MET B 311 -17.80 21.15 1.35
C MET B 311 -18.78 21.37 2.51
N ALA B 312 -18.37 22.11 3.54
CA ALA B 312 -19.26 22.39 4.65
C ALA B 312 -20.25 23.47 4.27
N VAL B 313 -19.79 24.51 3.57
CA VAL B 313 -20.71 25.59 3.20
C VAL B 313 -21.64 25.13 2.08
N CYS B 314 -21.13 24.30 1.17
CA CYS B 314 -21.98 23.73 0.13
C CYS B 314 -23.00 22.76 0.69
N LEU B 315 -22.68 22.06 1.78
CA LEU B 315 -23.70 21.25 2.43
C LEU B 315 -24.68 22.12 3.23
N LEU B 316 -24.20 23.24 3.77
CA LEU B 316 -25.08 24.08 4.58
C LEU B 316 -26.06 24.87 3.71
N PHE B 317 -25.72 25.04 2.43
CA PHE B 317 -26.65 25.73 1.53
C PHE B 317 -27.80 24.80 1.13
N VAL B 318 -27.49 23.55 0.79
CA VAL B 318 -28.58 22.61 0.48
C VAL B 318 -29.33 22.22 1.74
N PHE B 319 -28.73 22.41 2.92
CA PHE B 319 -29.48 22.33 4.18
C PHE B 319 -30.46 23.49 4.32
N SER B 320 -30.03 24.70 3.93
CA SER B 320 -30.87 25.85 4.18
C SER B 320 -31.96 26.00 3.13
N ALA B 321 -31.75 25.44 1.93
CA ALA B 321 -32.79 25.47 0.92
C ALA B 321 -33.92 24.49 1.22
N LEU B 322 -33.68 23.52 2.10
CA LEU B 322 -34.76 22.64 2.54
C LEU B 322 -35.41 23.18 3.80
N LEU B 323 -34.64 23.86 4.66
CA LEU B 323 -35.27 24.47 5.83
C LEU B 323 -36.15 25.66 5.42
N GLU B 324 -35.82 26.33 4.31
CA GLU B 324 -36.69 27.38 3.81
C GLU B 324 -38.00 26.80 3.30
N TYR B 325 -37.93 25.60 2.71
CA TYR B 325 -39.15 24.95 2.24
C TYR B 325 -39.99 24.45 3.40
N ALA B 326 -39.36 23.97 4.47
CA ALA B 326 -40.15 23.57 5.63
C ALA B 326 -40.78 24.76 6.32
N ALA B 327 -40.10 25.92 6.31
CA ALA B 327 -40.69 27.13 6.86
C ALA B 327 -41.79 27.69 5.99
N VAL B 328 -41.79 27.38 4.69
CA VAL B 328 -42.88 27.81 3.83
C VAL B 328 -44.07 26.86 3.94
N ASN B 329 -43.79 25.55 3.87
CA ASN B 329 -44.84 24.55 3.88
C ASN B 329 -45.55 24.47 5.23
N PHE B 330 -44.90 24.87 6.33
CA PHE B 330 -45.62 24.92 7.61
C PHE B 330 -46.70 26.01 7.59
N ILE B 331 -46.40 27.13 6.93
CA ILE B 331 -47.35 28.23 6.88
C ILE B 331 -48.46 27.90 5.90
N ALA B 332 -48.13 27.31 4.76
CA ALA B 332 -49.19 26.96 3.80
C ALA B 332 -50.04 25.80 4.30
N ARG B 333 -49.49 24.94 5.16
CA ARG B 333 -50.30 23.88 5.73
C ARG B 333 -51.25 24.44 6.78
N GLN B 334 -50.76 25.34 7.65
CA GLN B 334 -51.72 25.88 8.59
C GLN B 334 -52.65 26.92 7.95
N HIS B 335 -52.32 27.38 6.74
CA HIS B 335 -53.29 28.08 5.91
C HIS B 335 -54.41 27.15 5.50
N LYS B 336 -54.07 25.93 5.08
CA LYS B 336 -55.11 24.99 4.67
C LYS B 336 -55.91 24.53 5.88
N GLU B 337 -55.26 24.44 7.05
CA GLU B 337 -55.96 24.09 8.28
C GLU B 337 -56.94 25.17 8.70
N LEU B 338 -56.62 26.46 8.44
CA LEU B 338 -57.62 27.49 8.70
C LEU B 338 -58.66 27.60 7.59
N LEU B 339 -58.35 27.12 6.38
CA LEU B 339 -59.39 27.01 5.36
C LEU B 339 -60.37 25.89 5.69
N ARG B 340 -59.90 24.85 6.40
CA ARG B 340 -60.82 23.86 6.97
C ARG B 340 -61.67 24.45 8.09
N PHE B 341 -61.14 25.43 8.81
CA PHE B 341 -61.89 26.06 9.89
C PHE B 341 -62.60 27.32 9.42
N LYS B 394 -64.78 38.16 7.79
CA LYS B 394 -63.72 37.92 6.81
C LYS B 394 -62.46 37.41 7.52
N THR B 395 -62.49 37.49 8.86
CA THR B 395 -61.33 37.12 9.68
C THR B 395 -60.93 35.67 9.48
N VAL B 396 -61.89 34.80 9.16
CA VAL B 396 -61.59 33.40 8.83
C VAL B 396 -60.75 33.30 7.55
N GLU B 397 -60.99 34.19 6.58
CA GLU B 397 -60.27 34.16 5.32
C GLU B 397 -59.38 35.39 5.11
N GLU B 398 -59.26 36.27 6.10
CA GLU B 398 -58.26 37.33 6.01
C GLU B 398 -56.85 36.79 6.25
N MET B 399 -56.71 35.87 7.21
CA MET B 399 -55.44 35.19 7.40
C MET B 399 -55.13 34.19 6.29
N ARG B 400 -56.08 33.87 5.43
CA ARG B 400 -55.79 33.11 4.23
C ARG B 400 -54.90 33.91 3.29
N LYS B 401 -55.33 35.12 2.93
CA LYS B 401 -54.54 35.93 2.02
C LYS B 401 -53.33 36.51 2.73
N LEU B 402 -53.38 36.62 4.06
CA LEU B 402 -52.20 37.06 4.79
C LEU B 402 -51.11 35.98 4.73
N PHE B 403 -51.51 34.70 4.91
CA PHE B 403 -50.52 33.64 4.89
C PHE B 403 -50.03 33.36 3.47
N ILE B 404 -50.84 33.67 2.46
CA ILE B 404 -50.38 33.52 1.08
C ILE B 404 -49.37 34.60 0.72
N SER B 405 -49.65 35.86 1.09
CA SER B 405 -48.69 36.92 0.82
C SER B 405 -47.43 36.76 1.68
N ARG B 406 -47.57 36.16 2.87
CA ARG B 406 -46.40 35.86 3.69
C ARG B 406 -45.53 34.77 3.06
N ALA B 407 -46.18 33.77 2.46
CA ALA B 407 -45.41 32.67 1.89
C ALA B 407 -44.72 33.13 0.61
N LYS B 408 -45.44 33.93 -0.21
CA LYS B 408 -44.82 34.34 -1.47
C LYS B 408 -43.74 35.37 -1.21
N ARG B 409 -43.85 36.17 -0.13
CA ARG B 409 -42.78 37.10 0.18
C ARG B 409 -41.56 36.38 0.73
N ILE B 410 -41.76 35.23 1.40
CA ILE B 410 -40.59 34.45 1.81
C ILE B 410 -39.96 33.80 0.60
N ASP B 411 -40.77 33.31 -0.35
CA ASP B 411 -40.19 32.62 -1.49
C ASP B 411 -39.51 33.59 -2.45
N THR B 412 -39.91 34.86 -2.40
CA THR B 412 -39.24 35.88 -3.22
C THR B 412 -37.97 36.36 -2.55
N VAL B 413 -38.02 36.64 -1.24
CA VAL B 413 -36.81 37.14 -0.61
C VAL B 413 -35.78 36.03 -0.50
N SER B 414 -36.19 34.75 -0.48
CA SER B 414 -35.18 33.70 -0.57
C SER B 414 -34.70 33.50 -2.00
N ARG B 415 -35.56 33.83 -2.99
CA ARG B 415 -35.20 33.67 -4.39
C ARG B 415 -34.15 34.69 -4.79
N VAL B 416 -34.13 35.81 -4.08
CA VAL B 416 -33.17 36.88 -4.37
C VAL B 416 -31.96 36.78 -3.45
N ALA B 417 -32.17 36.43 -2.18
CA ALA B 417 -31.11 36.43 -1.19
C ALA B 417 -30.14 35.26 -1.37
N PHE B 418 -30.64 34.06 -1.70
CA PHE B 418 -29.76 32.90 -1.76
C PHE B 418 -28.62 32.94 -2.78
N PRO B 419 -28.77 33.48 -4.00
CA PRO B 419 -27.57 33.69 -4.82
C PRO B 419 -26.65 34.81 -4.33
N LEU B 420 -27.18 35.82 -3.64
CA LEU B 420 -26.35 36.98 -3.31
C LEU B 420 -25.39 36.70 -2.16
N VAL B 421 -25.84 36.03 -1.09
CA VAL B 421 -24.93 35.78 0.01
C VAL B 421 -23.92 34.69 -0.38
N PHE B 422 -24.30 33.80 -1.31
CA PHE B 422 -23.32 32.84 -1.80
C PHE B 422 -22.28 33.51 -2.69
N LEU B 423 -22.66 34.56 -3.43
CA LEU B 423 -21.66 35.27 -4.22
C LEU B 423 -20.74 36.09 -3.32
N ILE B 424 -21.29 36.64 -2.23
CA ILE B 424 -20.47 37.39 -1.28
C ILE B 424 -19.49 36.46 -0.56
N PHE B 425 -19.96 35.26 -0.21
CA PHE B 425 -19.08 34.28 0.41
C PHE B 425 -18.02 33.80 -0.57
N ASN B 426 -18.37 33.63 -1.85
CA ASN B 426 -17.38 33.16 -2.81
C ASN B 426 -16.33 34.23 -3.11
N ILE B 427 -16.71 35.50 -2.97
CA ILE B 427 -15.73 36.57 -3.12
C ILE B 427 -14.80 36.62 -1.91
N PHE B 428 -15.37 36.54 -0.71
CA PHE B 428 -14.54 36.60 0.49
C PHE B 428 -13.67 35.35 0.63
N TYR B 429 -14.11 34.23 0.03
CA TYR B 429 -13.34 33.00 0.04
C TYR B 429 -12.15 33.10 -0.90
N TRP B 430 -12.39 33.56 -2.14
CA TRP B 430 -11.29 33.50 -3.09
C TRP B 430 -10.30 34.61 -2.77
N ILE B 431 -10.77 35.69 -2.14
CA ILE B 431 -9.85 36.75 -1.75
C ILE B 431 -9.00 36.31 -0.57
N THR B 432 -9.63 35.68 0.45
CA THR B 432 -8.86 35.29 1.63
C THR B 432 -7.93 34.13 1.35
N TYR B 433 -8.06 33.48 0.19
CA TYR B 433 -7.13 32.41 -0.16
C TYR B 433 -6.04 32.90 -1.11
N LYS B 434 -6.38 33.81 -2.03
CA LYS B 434 -5.34 34.39 -2.89
C LYS B 434 -4.34 35.20 -2.08
N ILE B 435 -4.79 36.00 -1.10
CA ILE B 435 -3.82 36.78 -0.34
C ILE B 435 -2.90 35.88 0.49
N ILE B 436 -3.46 34.84 1.14
CA ILE B 436 -2.63 33.96 1.97
C ILE B 436 -1.64 33.18 1.11
N ARG B 437 -2.06 32.68 -0.07
CA ARG B 437 -1.10 31.95 -0.89
C ARG B 437 -0.02 32.91 -1.40
N SER B 438 -0.39 34.14 -1.75
CA SER B 438 0.61 35.10 -2.24
C SER B 438 1.61 35.40 -1.15
N GLU B 439 1.13 35.54 0.10
CA GLU B 439 2.01 35.83 1.23
C GLU B 439 3.00 34.69 1.46
N ASP B 440 2.54 33.43 1.33
CA ASP B 440 3.42 32.28 1.56
C ASP B 440 4.57 32.14 0.56
N ILE B 441 4.63 33.00 -0.46
CA ILE B 441 5.67 32.99 -1.49
C ILE B 441 6.72 34.04 -1.13
N HIS B 442 6.28 35.13 -0.50
CA HIS B 442 7.18 36.24 -0.22
C HIS B 442 8.13 35.95 0.93
N LYS B 443 7.70 35.17 1.92
CA LYS B 443 8.58 34.85 3.04
C LYS B 443 9.65 33.83 2.68
N GLN B 444 9.44 33.04 1.62
CA GLN B 444 10.40 32.06 1.09
C GLN B 444 10.87 31.06 2.15
N PRO C 31 54.05 17.79 19.72
CA PRO C 31 55.05 17.76 18.64
C PRO C 31 54.94 16.51 17.78
N MET C 32 54.03 15.61 18.15
CA MET C 32 53.79 14.39 17.39
C MET C 32 52.34 14.32 16.94
N PRO C 33 52.07 13.69 15.80
CA PRO C 33 50.68 13.59 15.33
C PRO C 33 49.88 12.63 16.21
N PRO C 34 48.60 12.94 16.45
CA PRO C 34 47.83 12.16 17.44
C PRO C 34 47.50 10.76 16.97
N SER C 35 47.46 10.50 15.67
CA SER C 35 47.21 9.15 15.18
C SER C 35 48.35 8.21 15.53
N GLU C 36 49.57 8.73 15.59
CA GLU C 36 50.71 7.94 16.02
C GLU C 36 50.80 7.84 17.54
N PHE C 37 49.90 8.51 18.27
CA PHE C 37 49.81 8.33 19.72
C PHE C 37 48.59 7.55 20.17
N LEU C 38 47.45 7.70 19.49
CA LEU C 38 46.23 7.05 19.94
C LEU C 38 46.28 5.54 19.72
N ASP C 39 47.12 5.08 18.78
CA ASP C 39 47.30 3.66 18.57
C ASP C 39 48.27 3.03 19.57
N LYS C 40 48.91 3.83 20.44
CA LYS C 40 49.78 3.25 21.45
C LYS C 40 49.16 3.24 22.85
N LEU C 41 48.05 3.95 23.05
CA LEU C 41 47.30 3.78 24.28
C LEU C 41 46.59 2.43 24.31
N MET C 42 45.83 2.12 23.26
CA MET C 42 45.17 0.84 23.12
C MET C 42 45.95 -0.12 22.21
N GLY C 43 47.26 -0.03 22.22
CA GLY C 43 48.10 -0.90 21.42
C GLY C 43 48.17 -2.32 21.97
N LYS C 44 48.94 -3.15 21.27
CA LYS C 44 49.12 -4.53 21.70
C LYS C 44 49.94 -4.62 22.98
N VAL C 45 51.11 -3.98 23.00
CA VAL C 45 51.92 -3.92 24.22
C VAL C 45 51.47 -2.67 24.97
N SER C 46 50.36 -2.82 25.71
CA SER C 46 49.83 -1.81 26.61
C SER C 46 48.76 -2.48 27.47
N GLY C 47 48.59 -1.95 28.69
CA GLY C 47 47.62 -2.51 29.62
C GLY C 47 46.19 -2.15 29.30
N TYR C 48 45.72 -2.51 28.10
CA TYR C 48 44.35 -2.27 27.69
C TYR C 48 43.77 -3.55 27.08
N ASP C 49 42.60 -3.95 27.58
CA ASP C 49 41.78 -4.96 26.93
C ASP C 49 40.49 -4.32 26.47
N ALA C 50 40.07 -4.64 25.24
CA ALA C 50 38.89 -4.01 24.66
C ALA C 50 37.61 -4.54 25.29
N ARG C 51 37.56 -5.84 25.57
CA ARG C 51 36.36 -6.45 26.16
C ARG C 51 36.55 -6.64 27.66
N ILE C 52 36.70 -5.51 28.37
CA ILE C 52 36.79 -5.52 29.83
C ILE C 52 36.18 -4.23 30.35
N ARG C 53 35.65 -4.30 31.56
CA ARG C 53 35.01 -3.15 32.17
C ARG C 53 36.08 -2.20 32.72
N PRO C 54 35.86 -0.89 32.64
CA PRO C 54 36.71 0.05 33.39
C PRO C 54 36.57 -0.17 34.88
N ASN C 55 37.67 0.07 35.60
CA ASN C 55 37.90 -0.26 37.02
C ASN C 55 37.26 -1.60 37.40
N PHE C 56 37.74 -2.65 36.75
CA PHE C 56 37.23 -4.00 36.91
C PHE C 56 37.36 -4.47 38.36
N LYS C 57 36.42 -5.33 38.76
CA LYS C 57 36.29 -5.82 40.14
C LYS C 57 36.15 -4.67 41.13
N GLY C 58 35.38 -3.65 40.74
CA GLY C 58 35.21 -2.46 41.56
C GLY C 58 33.81 -1.91 41.50
N PRO C 59 33.67 -0.60 41.72
CA PRO C 59 32.33 0.01 41.63
C PRO C 59 31.86 0.10 40.20
N PRO C 60 30.55 0.12 39.97
CA PRO C 60 30.03 0.18 38.59
C PRO C 60 30.25 1.54 37.95
N VAL C 61 30.61 1.50 36.67
CA VAL C 61 30.83 2.71 35.88
C VAL C 61 29.51 3.21 35.28
N ASN C 62 29.04 4.35 35.78
CA ASN C 62 27.79 4.90 35.25
C ASN C 62 28.06 5.79 34.03
N VAL C 63 27.02 5.95 33.21
CA VAL C 63 27.08 6.76 32.00
C VAL C 63 25.94 7.78 32.04
N THR C 64 26.12 8.85 31.27
CA THR C 64 25.15 9.92 31.15
C THR C 64 24.70 10.01 29.70
N CYS C 65 23.39 9.92 29.48
CA CYS C 65 22.83 9.82 28.14
C CYS C 65 22.14 11.12 27.75
N ASN C 66 22.03 11.33 26.43
CA ASN C 66 21.35 12.47 25.86
C ASN C 66 20.76 12.06 24.52
N ILE C 67 19.55 12.56 24.23
CA ILE C 67 18.80 12.20 23.03
C ILE C 67 18.39 13.49 22.33
N PHE C 68 18.71 13.60 21.04
CA PHE C 68 18.28 14.72 20.20
C PHE C 68 17.51 14.17 19.01
N ILE C 69 16.20 14.38 19.02
CA ILE C 69 15.33 13.91 17.93
C ILE C 69 15.43 14.90 16.77
N ASN C 70 15.82 14.40 15.59
CA ASN C 70 15.77 15.20 14.39
C ASN C 70 14.38 15.16 13.76
N SER C 71 13.87 13.97 13.48
CA SER C 71 12.59 13.80 12.81
C SER C 71 11.74 12.80 13.56
N PHE C 72 10.43 12.91 13.36
CA PHE C 72 9.45 12.13 14.10
C PHE C 72 8.22 11.97 13.23
N GLY C 73 7.69 10.76 13.14
CA GLY C 73 6.47 10.54 12.38
C GLY C 73 6.37 9.11 11.90
N SER C 74 5.55 8.93 10.85
CA SER C 74 5.09 7.62 10.38
C SER C 74 4.51 6.78 11.51
N ILE C 75 3.59 7.40 12.26
CA ILE C 75 2.89 6.76 13.37
C ILE C 75 1.81 5.86 12.78
N ALA C 76 2.08 4.56 12.72
CA ALA C 76 1.17 3.59 12.10
C ALA C 76 0.52 2.73 13.18
N GLU C 77 -0.79 2.52 13.05
CA GLU C 77 -1.55 1.77 14.04
C GLU C 77 -1.69 0.29 13.70
N THR C 78 -1.50 -0.09 12.43
CA THR C 78 -1.66 -1.48 12.03
C THR C 78 -0.55 -2.35 12.60
N THR C 79 0.70 -1.91 12.47
CA THR C 79 1.83 -2.59 13.06
C THR C 79 2.26 -2.00 14.39
N MET C 80 1.56 -0.95 14.87
CA MET C 80 1.63 -0.44 16.24
C MET C 80 3.05 0.03 16.61
N ASP C 81 3.55 0.99 15.83
CA ASP C 81 4.91 1.48 16.06
C ASP C 81 5.03 2.90 15.51
N TYR C 82 6.23 3.46 15.65
CA TYR C 82 6.58 4.75 15.06
C TYR C 82 8.07 4.73 14.80
N ARG C 83 8.57 5.77 14.12
CA ARG C 83 9.94 5.76 13.65
C ARG C 83 10.60 7.10 13.95
N VAL C 84 11.83 7.05 14.44
CA VAL C 84 12.56 8.23 14.87
C VAL C 84 13.94 8.26 14.23
N ASN C 85 14.57 9.44 14.35
CA ASN C 85 15.97 9.69 14.00
C ASN C 85 16.60 10.37 15.20
N ILE C 86 17.42 9.65 15.96
CA ILE C 86 17.95 10.21 17.19
C ILE C 86 19.45 10.44 17.05
N PHE C 87 19.96 11.28 17.97
CA PHE C 87 21.38 11.55 18.17
C PHE C 87 21.73 11.12 19.58
N LEU C 88 22.03 9.83 19.74
CA LEU C 88 22.32 9.28 21.06
C LEU C 88 23.73 9.67 21.44
N ARG C 89 23.87 10.36 22.57
CA ARG C 89 25.18 10.79 23.06
C ARG C 89 25.39 10.24 24.47
N GLN C 90 26.51 9.56 24.67
CA GLN C 90 26.87 8.98 25.95
C GLN C 90 28.15 9.62 26.47
N GLN C 91 28.24 9.72 27.80
CA GLN C 91 29.40 10.30 28.47
C GLN C 91 29.71 9.41 29.67
N TRP C 92 30.88 8.76 29.66
CA TRP C 92 31.29 8.00 30.83
C TRP C 92 32.75 8.28 31.17
N ASN C 93 33.12 7.95 32.42
CA ASN C 93 34.50 8.10 32.85
C ASN C 93 35.22 6.76 32.71
N ASP C 94 36.54 6.84 32.50
CA ASP C 94 37.41 5.68 32.41
C ASP C 94 38.69 6.00 33.15
N PRO C 95 39.19 5.11 34.01
CA PRO C 95 40.32 5.49 34.88
C PRO C 95 41.65 5.55 34.17
N ARG C 96 41.89 4.68 33.18
CA ARG C 96 43.05 4.80 32.32
C ARG C 96 42.74 5.75 31.16
N LEU C 97 43.60 5.73 30.13
CA LEU C 97 43.53 6.63 28.98
C LEU C 97 43.56 8.10 29.40
N ALA C 98 44.69 8.49 29.98
CA ALA C 98 44.95 9.88 30.34
C ALA C 98 46.34 10.26 29.85
N TYR C 99 46.46 11.49 29.36
CA TYR C 99 47.73 11.96 28.81
C TYR C 99 48.55 12.69 29.88
N SER C 100 48.01 13.81 30.39
CA SER C 100 48.61 14.70 31.40
C SER C 100 49.92 15.32 30.95
N GLU C 101 50.30 15.21 29.68
CA GLU C 101 51.55 15.81 29.21
C GLU C 101 51.45 16.36 27.79
N TYR C 102 50.25 16.48 27.23
CA TYR C 102 50.06 16.96 25.86
C TYR C 102 49.26 18.25 25.85
N PRO C 103 49.50 19.13 24.87
CA PRO C 103 48.74 20.39 24.84
C PRO C 103 47.30 20.23 24.40
N ASP C 104 47.03 19.34 23.44
CA ASP C 104 45.65 19.11 23.00
C ASP C 104 44.87 18.36 24.07
N ASP C 105 43.80 18.99 24.55
CA ASP C 105 42.98 18.42 25.61
C ASP C 105 41.93 17.43 25.10
N SER C 106 41.71 17.37 23.79
CA SER C 106 40.64 16.56 23.22
C SER C 106 41.17 15.81 22.02
N LEU C 107 41.08 14.48 22.06
CA LEU C 107 41.50 13.62 20.96
C LEU C 107 40.28 13.08 20.25
N ASP C 108 40.47 12.68 18.99
CA ASP C 108 39.39 12.13 18.19
C ASP C 108 39.81 10.78 17.61
N LEU C 109 38.96 9.77 17.80
CA LEU C 109 39.22 8.43 17.29
C LEU C 109 38.55 8.24 15.94
N ASP C 110 39.17 7.44 15.08
CA ASP C 110 38.67 7.26 13.71
C ASP C 110 37.46 6.33 13.73
N PRO C 111 36.36 6.69 13.04
CA PRO C 111 35.15 5.87 13.09
C PRO C 111 35.25 4.51 12.41
N SER C 112 36.37 4.18 11.77
CA SER C 112 36.56 2.83 11.26
C SER C 112 36.90 1.85 12.39
N MET C 113 37.92 2.16 13.18
CA MET C 113 38.42 1.23 14.19
C MET C 113 37.79 1.51 15.55
N LEU C 114 36.45 1.49 15.56
CA LEU C 114 35.70 1.62 16.81
C LEU C 114 35.83 0.38 17.69
N ASP C 115 36.29 -0.74 17.13
CA ASP C 115 36.39 -1.98 17.88
C ASP C 115 37.55 -1.97 18.88
N SER C 116 38.44 -0.99 18.81
CA SER C 116 39.58 -0.93 19.72
C SER C 116 39.17 -0.48 21.11
N ILE C 117 38.15 0.39 21.22
CA ILE C 117 37.77 0.96 22.50
C ILE C 117 36.63 0.12 23.10
N TRP C 118 36.43 0.29 24.41
CA TRP C 118 35.30 -0.33 25.10
C TRP C 118 34.08 0.58 25.01
N LYS C 119 32.94 0.01 24.66
CA LYS C 119 31.68 0.74 24.66
C LYS C 119 30.65 -0.03 25.48
N PRO C 120 29.80 0.67 26.21
CA PRO C 120 28.80 -0.02 27.05
C PRO C 120 27.68 -0.60 26.20
N ASP C 121 27.31 -1.84 26.50
CA ASP C 121 26.26 -2.53 25.75
C ASP C 121 24.89 -1.92 26.06
N LEU C 122 24.32 -1.25 25.06
CA LEU C 122 23.05 -0.56 25.21
C LEU C 122 22.13 -1.04 24.10
N PHE C 123 20.87 -1.31 24.44
CA PHE C 123 19.90 -1.61 23.40
C PHE C 123 18.52 -1.11 23.81
N PHE C 124 17.67 -0.86 22.81
CA PHE C 124 16.32 -0.38 23.08
C PHE C 124 15.39 -1.57 23.27
N ALA C 125 14.59 -1.52 24.33
CA ALA C 125 13.83 -2.69 24.73
C ALA C 125 12.64 -2.95 23.82
N ASN C 126 11.97 -1.89 23.36
CA ASN C 126 10.73 -2.02 22.62
C ASN C 126 10.87 -1.60 21.15
N GLU C 127 12.04 -1.85 20.56
CA GLU C 127 12.30 -1.46 19.18
C GLU C 127 12.06 -2.64 18.25
N LYS C 128 11.55 -2.34 17.06
CA LYS C 128 11.30 -3.34 16.02
C LYS C 128 12.51 -3.52 15.12
N GLY C 129 13.08 -2.42 14.64
CA GLY C 129 14.24 -2.47 13.77
C GLY C 129 15.04 -1.20 13.90
N ALA C 130 16.34 -1.31 13.68
CA ALA C 130 17.22 -0.15 13.86
C ALA C 130 18.37 -0.26 12.88
N ASN C 131 18.93 0.90 12.53
CA ASN C 131 20.13 0.93 11.68
C ASN C 131 20.87 2.25 11.85
N PHE C 132 22.13 2.20 11.42
CA PHE C 132 23.03 3.35 11.40
C PHE C 132 22.73 4.20 10.16
N HIS C 133 23.59 5.17 9.89
CA HIS C 133 23.48 6.02 8.72
C HIS C 133 24.73 5.89 7.87
N GLU C 134 24.54 5.87 6.55
CA GLU C 134 25.62 5.50 5.63
C GLU C 134 25.85 6.61 4.61
N VAL C 135 25.94 7.84 5.10
CA VAL C 135 26.28 9.00 4.27
C VAL C 135 27.80 8.97 4.13
N THR C 136 28.37 9.87 3.31
CA THR C 136 29.76 9.89 2.86
C THR C 136 30.82 9.61 3.92
N THR C 137 30.54 9.98 5.16
CA THR C 137 31.35 9.54 6.30
C THR C 137 30.51 8.69 7.25
N ASP C 138 31.20 7.81 7.97
CA ASP C 138 30.55 7.03 9.02
C ASP C 138 30.17 7.96 10.16
N ASN C 139 28.87 8.06 10.44
CA ASN C 139 28.32 9.01 11.40
C ASN C 139 28.60 8.52 12.82
N LYS C 140 29.85 8.66 13.22
CA LYS C 140 30.31 8.28 14.55
C LYS C 140 31.19 9.38 15.09
N LEU C 141 31.35 9.39 16.42
CA LEU C 141 32.17 10.40 17.06
C LEU C 141 32.67 9.86 18.40
N LEU C 142 33.98 9.97 18.63
CA LEU C 142 34.59 9.58 19.88
C LEU C 142 35.51 10.70 20.34
N ARG C 143 35.41 11.07 21.61
CA ARG C 143 36.19 12.18 22.16
C ARG C 143 36.70 11.81 23.54
N ILE C 144 38.02 11.85 23.71
CA ILE C 144 38.67 11.46 24.96
C ILE C 144 39.33 12.70 25.55
N SER C 145 38.90 13.07 26.75
CA SER C 145 39.41 14.27 27.40
C SER C 145 40.71 13.96 28.14
N LYS C 146 41.16 14.90 28.97
CA LYS C 146 42.44 14.74 29.66
C LYS C 146 42.34 13.70 30.77
N ASN C 147 41.32 13.81 31.62
CA ASN C 147 41.20 12.92 32.78
C ASN C 147 40.79 11.50 32.38
N GLY C 148 40.23 11.33 31.18
CA GLY C 148 39.74 10.02 30.77
C GLY C 148 38.25 9.95 30.51
N ASN C 149 37.58 11.09 30.48
CA ASN C 149 36.17 11.09 30.14
C ASN C 149 35.98 10.85 28.65
N VAL C 150 35.00 10.02 28.31
CA VAL C 150 34.73 9.60 26.94
C VAL C 150 33.35 10.11 26.56
N LEU C 151 33.28 10.78 25.41
CA LEU C 151 32.05 11.25 24.78
C LEU C 151 31.87 10.48 23.48
N TYR C 152 30.72 9.82 23.34
CA TYR C 152 30.44 8.94 22.20
C TYR C 152 29.07 9.31 21.67
N SER C 153 29.05 9.91 20.47
CA SER C 153 27.81 10.45 19.91
C SER C 153 27.61 9.88 18.52
N ILE C 154 26.48 9.19 18.33
CA ILE C 154 26.12 8.59 17.05
C ILE C 154 24.81 9.20 16.57
N ARG C 155 24.43 8.86 15.34
CA ARG C 155 23.19 9.31 14.71
C ARG C 155 22.54 8.09 14.08
N ILE C 156 21.42 7.64 14.64
CA ILE C 156 20.81 6.38 14.23
C ILE C 156 19.34 6.62 13.93
N THR C 157 18.75 5.70 13.16
CA THR C 157 17.31 5.73 12.98
C THR C 157 16.70 4.38 13.30
N LEU C 158 15.51 4.41 13.89
CA LEU C 158 14.96 3.19 14.48
C LEU C 158 13.46 3.30 14.69
N VAL C 159 12.82 2.13 14.78
CA VAL C 159 11.37 1.99 14.84
C VAL C 159 10.96 1.40 16.19
N LEU C 160 10.32 2.22 17.02
CA LEU C 160 9.93 1.82 18.36
C LEU C 160 8.48 1.35 18.35
N ALA C 161 8.24 0.20 18.98
CA ALA C 161 6.88 -0.32 19.13
C ALA C 161 6.17 0.41 20.25
N CYS C 162 4.93 0.83 19.99
CA CYS C 162 4.09 1.37 21.04
C CYS C 162 2.69 0.81 20.88
N PRO C 163 2.04 0.41 21.97
CA PRO C 163 0.65 -0.05 21.89
C PRO C 163 -0.33 1.09 22.05
N MET C 164 -1.33 1.16 21.18
CA MET C 164 -2.33 2.23 21.19
C MET C 164 -3.70 1.65 21.54
N ASP C 165 -4.48 2.41 22.30
CA ASP C 165 -5.84 2.03 22.67
C ASP C 165 -6.78 3.08 22.08
N LEU C 166 -7.74 2.63 21.28
CA LEU C 166 -8.62 3.56 20.60
C LEU C 166 -10.08 3.39 21.01
N LYS C 167 -10.32 3.25 22.32
CA LYS C 167 -11.69 3.16 22.81
C LYS C 167 -12.46 4.46 22.59
N ASN C 168 -11.76 5.61 22.63
CA ASN C 168 -12.35 6.91 22.34
C ASN C 168 -11.51 7.57 21.26
N PHE C 169 -11.81 7.26 19.98
CA PHE C 169 -10.84 7.49 18.92
C PHE C 169 -10.60 8.96 18.59
N PRO C 170 -11.61 9.77 18.22
CA PRO C 170 -11.30 11.14 17.80
C PRO C 170 -11.02 12.11 18.94
N MET C 171 -10.99 11.65 20.19
CA MET C 171 -10.65 12.51 21.32
C MET C 171 -9.53 11.91 22.17
N ASP C 172 -8.75 10.97 21.62
CA ASP C 172 -7.79 10.26 22.44
C ASP C 172 -6.51 11.05 22.65
N VAL C 173 -5.82 10.73 23.74
CA VAL C 173 -4.43 11.09 23.93
C VAL C 173 -3.63 9.80 23.94
N GLN C 174 -2.39 9.88 23.49
CA GLN C 174 -1.53 8.72 23.39
C GLN C 174 -0.22 8.97 24.12
N THR C 175 0.23 7.96 24.86
CA THR C 175 1.50 8.00 25.56
C THR C 175 2.46 7.05 24.84
N CYS C 176 3.51 7.60 24.25
CA CYS C 176 4.48 6.81 23.51
C CYS C 176 5.82 6.90 24.22
N ILE C 177 6.31 5.76 24.70
CA ILE C 177 7.50 5.75 25.55
C ILE C 177 8.67 5.15 24.77
N MET C 178 9.86 5.36 25.30
CA MET C 178 11.05 4.62 24.91
C MET C 178 11.82 4.28 26.17
N GLN C 179 12.60 3.20 26.11
CA GLN C 179 13.35 2.76 27.28
C GLN C 179 14.57 2.01 26.79
N LEU C 180 15.70 2.25 27.43
CA LEU C 180 16.96 1.68 26.94
C LEU C 180 17.68 0.92 28.04
N GLU C 181 18.10 -0.31 27.72
CA GLU C 181 18.59 -1.29 28.68
C GLU C 181 20.07 -1.54 28.44
N SER C 182 20.64 -2.35 29.32
CA SER C 182 21.89 -3.07 29.12
C SER C 182 21.59 -4.49 28.66
N PHE C 183 22.60 -5.13 28.08
CA PHE C 183 22.45 -6.49 27.55
C PHE C 183 23.53 -7.37 28.19
N GLY C 184 23.20 -7.90 29.38
CA GLY C 184 24.07 -8.83 30.07
C GLY C 184 24.87 -8.26 31.23
N TYR C 185 24.77 -6.97 31.51
CA TYR C 185 25.45 -6.36 32.64
C TYR C 185 24.45 -6.01 33.73
N THR C 186 24.79 -6.38 34.97
CA THR C 186 23.93 -6.21 36.13
C THR C 186 23.97 -4.76 36.63
N MET C 187 23.05 -4.46 37.55
CA MET C 187 22.99 -3.12 38.14
C MET C 187 24.22 -2.81 38.98
N ASN C 188 24.84 -3.82 39.60
CA ASN C 188 26.09 -3.62 40.31
C ASN C 188 27.30 -3.64 39.38
N ASP C 189 27.09 -3.65 38.07
CA ASP C 189 28.16 -3.62 37.09
C ASP C 189 28.06 -2.46 36.11
N LEU C 190 26.87 -1.95 35.84
CA LEU C 190 26.68 -0.86 34.89
C LEU C 190 25.35 -0.18 35.16
N ILE C 191 25.37 1.13 35.39
CA ILE C 191 24.19 1.92 35.74
C ILE C 191 23.99 2.96 34.65
N PHE C 192 22.73 3.22 34.31
CA PHE C 192 22.37 4.29 33.39
C PHE C 192 21.83 5.49 34.15
N GLU C 193 22.04 6.68 33.58
CA GLU C 193 21.65 7.93 34.23
C GLU C 193 21.23 8.94 33.17
N TRP C 194 20.09 9.60 33.40
CA TRP C 194 19.70 10.73 32.56
C TRP C 194 20.59 11.94 32.86
N ASP C 195 20.66 12.83 31.89
CA ASP C 195 21.41 14.06 32.09
C ASP C 195 20.63 15.02 32.98
N GLU C 196 21.34 15.97 33.58
CA GLU C 196 20.71 16.85 34.55
C GLU C 196 19.99 18.02 33.88
N LYS C 197 20.57 18.59 32.83
CA LYS C 197 20.01 19.75 32.15
C LYS C 197 19.93 19.45 30.66
N GLY C 198 18.72 19.39 30.13
CA GLY C 198 18.51 19.13 28.72
C GLY C 198 18.87 17.72 28.31
N ALA C 199 18.21 16.73 28.90
CA ALA C 199 18.50 15.33 28.57
C ALA C 199 17.88 14.96 27.22
N VAL C 200 16.62 15.33 26.99
CA VAL C 200 15.91 15.03 25.76
C VAL C 200 15.54 16.35 25.09
N GLN C 201 16.08 16.59 23.90
CA GLN C 201 15.82 17.80 23.15
C GLN C 201 15.13 17.45 21.84
N VAL C 202 14.29 18.37 21.37
CA VAL C 202 13.50 18.18 20.15
C VAL C 202 13.75 19.38 19.23
N ALA C 203 14.17 19.10 18.00
CA ALA C 203 14.38 20.15 17.02
C ALA C 203 13.05 20.79 16.62
N ASP C 204 13.14 22.05 16.22
CA ASP C 204 11.94 22.88 16.03
C ASP C 204 11.31 22.60 14.67
N GLY C 205 9.98 22.72 14.63
CA GLY C 205 9.25 22.59 13.38
C GLY C 205 9.14 21.17 12.87
N LEU C 206 8.39 20.33 13.58
CA LEU C 206 8.25 18.92 13.21
C LEU C 206 6.99 18.65 12.38
N THR C 207 5.85 19.19 12.80
CA THR C 207 4.60 19.23 12.02
C THR C 207 4.14 17.81 11.66
N LEU C 208 3.72 17.09 12.70
CA LEU C 208 3.12 15.78 12.52
C LEU C 208 1.82 15.90 11.70
N PRO C 209 1.52 14.89 10.88
CA PRO C 209 0.29 14.95 10.06
C PRO C 209 -0.97 14.66 10.83
N GLN C 210 -0.89 13.91 11.94
CA GLN C 210 -2.06 13.51 12.70
C GLN C 210 -2.09 14.10 14.11
N PHE C 211 -1.02 13.93 14.87
CA PHE C 211 -1.02 14.30 16.28
C PHE C 211 -0.39 15.67 16.49
N ILE C 212 -0.31 16.05 17.75
CA ILE C 212 0.44 17.22 18.22
C ILE C 212 1.24 16.78 19.43
N LEU C 213 2.57 16.92 19.32
CA LEU C 213 3.47 16.56 20.41
C LEU C 213 3.48 17.64 21.47
N LYS C 214 3.59 17.23 22.73
CA LYS C 214 3.59 18.14 23.87
C LYS C 214 4.96 18.18 24.51
N GLU C 215 5.25 19.27 25.21
CA GLU C 215 6.54 19.46 25.86
C GLU C 215 6.54 18.97 27.30
N GLU C 216 6.07 17.74 27.52
CA GLU C 216 6.12 17.16 28.84
C GLU C 216 7.49 16.54 29.11
N LYS C 217 7.84 15.50 28.33
CA LYS C 217 9.16 14.86 28.33
C LYS C 217 9.57 14.34 29.70
N ASP C 218 8.65 13.64 30.37
CA ASP C 218 8.93 13.13 31.70
C ASP C 218 9.85 11.92 31.59
N LEU C 219 10.91 11.91 32.40
CA LEU C 219 11.97 10.91 32.31
C LEU C 219 11.96 10.05 33.57
N ARG C 220 11.74 8.75 33.40
CA ARG C 220 11.61 7.87 34.56
C ARG C 220 12.70 6.79 34.53
N TYR C 221 12.61 5.88 35.50
CA TYR C 221 13.54 4.79 35.68
C TYR C 221 12.79 3.47 35.69
N CYS C 222 13.44 2.41 35.21
CA CYS C 222 12.99 1.06 35.48
C CYS C 222 14.16 0.20 35.95
N THR C 223 13.83 -0.82 36.74
CA THR C 223 14.79 -1.82 37.18
C THR C 223 14.25 -3.20 36.78
N LYS C 224 14.86 -3.77 35.75
CA LYS C 224 14.47 -5.07 35.21
C LYS C 224 14.87 -6.16 36.20
N HIS C 225 13.92 -6.62 37.00
CA HIS C 225 14.18 -7.68 37.97
C HIS C 225 14.02 -9.02 37.26
N TYR C 226 15.13 -9.75 37.11
CA TYR C 226 15.13 -11.07 36.51
C TYR C 226 15.63 -12.10 37.52
N ASN C 227 15.80 -13.33 37.05
CA ASN C 227 16.41 -14.37 37.88
C ASN C 227 17.88 -14.08 38.16
N THR C 228 18.59 -13.52 37.16
CA THR C 228 20.01 -13.30 37.30
C THR C 228 20.31 -12.11 38.21
N GLY C 229 19.51 -11.07 38.11
CA GLY C 229 19.72 -9.89 38.93
C GLY C 229 19.01 -8.69 38.35
N LYS C 230 19.17 -7.56 39.04
CA LYS C 230 18.57 -6.31 38.60
C LYS C 230 19.34 -5.70 37.44
N PHE C 231 18.60 -5.20 36.45
CA PHE C 231 19.19 -4.52 35.31
C PHE C 231 18.71 -3.08 35.28
N THR C 232 19.57 -2.19 34.80
CA THR C 232 19.27 -0.77 34.82
C THR C 232 18.38 -0.38 33.63
N CYS C 233 17.60 0.67 33.80
CA CYS C 233 16.81 1.20 32.71
C CYS C 233 16.48 2.66 32.97
N ILE C 234 16.44 3.44 31.89
CA ILE C 234 15.86 4.76 31.89
C ILE C 234 14.89 4.82 30.72
N GLU C 235 13.86 5.67 30.88
CA GLU C 235 12.73 5.68 29.96
C GLU C 235 12.25 7.10 29.72
N ALA C 236 12.20 7.50 28.47
CA ALA C 236 11.55 8.74 28.07
C ALA C 236 10.09 8.46 27.74
N ARG C 237 9.29 9.52 27.71
CA ARG C 237 7.84 9.35 27.61
C ARG C 237 7.25 10.60 26.96
N PHE C 238 6.68 10.44 25.77
CA PHE C 238 6.11 11.54 25.01
C PHE C 238 4.59 11.47 25.07
N HIS C 239 3.97 12.64 25.05
CA HIS C 239 2.51 12.79 25.03
C HIS C 239 2.08 13.34 23.68
N LEU C 240 1.14 12.66 23.03
CA LEU C 240 0.60 13.06 21.74
C LEU C 240 -0.89 13.29 21.89
N GLU C 241 -1.38 14.40 21.35
CA GLU C 241 -2.81 14.72 21.40
C GLU C 241 -3.33 14.82 19.98
N ARG C 242 -4.47 14.21 19.72
CA ARG C 242 -5.00 14.15 18.36
C ARG C 242 -5.93 15.32 18.12
N GLN C 243 -5.75 16.01 17.00
CA GLN C 243 -6.66 17.06 16.63
C GLN C 243 -7.98 16.48 16.14
N MET C 244 -9.07 17.15 16.48
CA MET C 244 -10.40 16.78 16.01
C MET C 244 -11.01 17.83 15.08
N GLY C 245 -10.16 18.64 14.43
CA GLY C 245 -10.68 19.67 13.55
C GLY C 245 -11.31 19.11 12.29
N TYR C 246 -10.61 18.20 11.62
CA TYR C 246 -11.15 17.56 10.43
C TYR C 246 -12.30 16.62 10.79
N TYR C 247 -12.18 15.94 11.95
CA TYR C 247 -13.19 14.98 12.37
C TYR C 247 -14.47 15.65 12.84
N LEU C 248 -14.47 16.98 12.96
CA LEU C 248 -15.64 17.76 13.36
C LEU C 248 -16.38 18.26 12.13
N ILE C 249 -15.64 18.84 11.18
CA ILE C 249 -16.23 19.33 9.94
C ILE C 249 -16.79 18.17 9.14
N GLN C 250 -16.08 17.04 9.12
CA GLN C 250 -16.51 15.86 8.38
C GLN C 250 -16.83 14.74 9.35
N MET C 251 -18.00 14.11 9.15
CA MET C 251 -18.63 12.96 9.85
C MET C 251 -19.37 13.37 11.13
N TYR C 252 -19.38 14.64 11.52
CA TYR C 252 -20.13 15.12 12.68
C TYR C 252 -21.16 16.16 12.25
N ILE C 253 -20.73 17.25 11.61
CA ILE C 253 -21.67 18.27 11.15
C ILE C 253 -22.65 17.73 10.10
N PRO C 254 -22.23 16.96 9.06
CA PRO C 254 -23.26 16.42 8.15
C PRO C 254 -24.22 15.45 8.81
N SER C 255 -23.74 14.61 9.73
CA SER C 255 -24.63 13.66 10.39
C SER C 255 -25.63 14.38 11.30
N LEU C 256 -25.19 15.48 11.94
CA LEU C 256 -26.11 16.25 12.76
C LEU C 256 -27.13 16.95 11.87
N LEU C 257 -26.67 17.48 10.75
CA LEU C 257 -27.57 18.24 9.90
C LEU C 257 -28.61 17.31 9.29
N ILE C 258 -28.23 16.07 8.95
CA ILE C 258 -29.23 15.16 8.40
C ILE C 258 -30.14 14.59 9.48
N VAL C 259 -29.74 14.62 10.76
CA VAL C 259 -30.74 14.35 11.80
C VAL C 259 -31.76 15.49 11.87
N ILE C 260 -31.30 16.73 11.69
CA ILE C 260 -32.27 17.83 11.70
C ILE C 260 -33.11 17.78 10.43
N LEU C 261 -32.54 17.26 9.34
CA LEU C 261 -33.29 17.06 8.11
C LEU C 261 -34.32 15.94 8.26
N SER C 262 -34.03 14.93 9.07
CA SER C 262 -35.04 13.91 9.32
C SER C 262 -36.14 14.46 10.21
N TRP C 263 -35.83 15.48 11.00
CA TRP C 263 -36.84 16.08 11.87
C TRP C 263 -37.80 16.99 11.11
N VAL C 264 -37.54 17.25 9.82
CA VAL C 264 -38.45 18.03 9.00
C VAL C 264 -39.77 17.29 8.81
N SER C 265 -39.74 15.96 8.80
CA SER C 265 -40.93 15.13 8.64
C SER C 265 -41.90 15.21 9.81
N PHE C 266 -41.55 15.89 10.90
CA PHE C 266 -42.52 16.16 11.96
C PHE C 266 -43.32 17.43 11.71
N TRP C 267 -43.00 18.19 10.66
CA TRP C 267 -43.68 19.44 10.36
C TRP C 267 -44.46 19.38 9.05
N ILE C 268 -44.66 18.19 8.49
CA ILE C 268 -45.40 18.01 7.25
C ILE C 268 -46.65 17.22 7.56
N ASN C 269 -47.76 17.58 6.91
CA ASN C 269 -49.06 16.98 7.17
C ASN C 269 -49.07 15.50 6.77
N MET C 270 -50.00 14.76 7.38
CA MET C 270 -50.00 13.31 7.26
C MET C 270 -50.54 12.82 5.92
N ASP C 271 -51.46 13.57 5.29
CA ASP C 271 -52.04 13.12 4.03
C ASP C 271 -51.06 13.19 2.87
N ALA C 272 -49.96 13.94 3.01
CA ALA C 272 -48.88 13.90 2.03
C ALA C 272 -48.00 12.69 2.35
N ALA C 273 -48.48 11.51 1.93
CA ALA C 273 -47.79 10.28 2.30
C ALA C 273 -46.48 10.04 1.56
N PRO C 274 -46.41 10.11 0.21
CA PRO C 274 -45.12 9.82 -0.43
C PRO C 274 -44.09 10.90 -0.23
N ALA C 275 -44.48 12.09 0.23
CA ALA C 275 -43.49 13.13 0.54
C ALA C 275 -42.73 12.76 1.80
N ARG C 276 -43.46 12.42 2.87
CA ARG C 276 -42.80 12.12 4.13
C ARG C 276 -42.10 10.77 4.08
N VAL C 277 -42.64 9.81 3.29
CA VAL C 277 -41.95 8.54 3.13
C VAL C 277 -40.67 8.72 2.31
N GLY C 278 -40.73 9.50 1.23
CA GLY C 278 -39.55 9.76 0.43
C GLY C 278 -38.51 10.57 1.16
N LEU C 279 -38.93 11.43 2.09
CA LEU C 279 -37.94 12.11 2.92
C LEU C 279 -37.32 11.16 3.94
N GLY C 280 -38.13 10.24 4.49
CA GLY C 280 -37.65 9.41 5.58
C GLY C 280 -36.64 8.38 5.11
N ILE C 281 -36.96 7.72 3.99
CA ILE C 281 -36.09 6.63 3.57
C ILE C 281 -34.83 7.23 2.96
N THR C 282 -34.94 8.40 2.32
CA THR C 282 -33.75 9.00 1.73
C THR C 282 -32.85 9.57 2.82
N THR C 283 -33.42 9.99 3.96
CA THR C 283 -32.58 10.39 5.09
C THR C 283 -31.83 9.20 5.68
N VAL C 284 -32.49 8.03 5.70
CA VAL C 284 -31.79 6.81 6.11
C VAL C 284 -30.69 6.45 5.12
N LEU C 285 -30.97 6.61 3.83
CA LEU C 285 -29.98 6.36 2.78
C LEU C 285 -28.82 7.34 2.88
N THR C 286 -29.11 8.58 3.23
CA THR C 286 -28.06 9.57 3.41
C THR C 286 -27.19 9.23 4.62
N MET C 287 -27.80 8.73 5.69
CA MET C 287 -27.02 8.35 6.86
C MET C 287 -26.14 7.13 6.58
N THR C 288 -26.63 6.17 5.79
CA THR C 288 -25.81 5.01 5.49
C THR C 288 -24.65 5.37 4.56
N THR C 289 -24.90 6.14 3.50
CA THR C 289 -23.80 6.50 2.62
C THR C 289 -22.85 7.51 3.26
N GLN C 290 -23.30 8.23 4.30
CA GLN C 290 -22.38 9.04 5.09
C GLN C 290 -21.50 8.17 5.98
N SER C 291 -22.05 7.10 6.54
CA SER C 291 -21.26 6.23 7.42
C SER C 291 -20.30 5.35 6.63
N SER C 292 -20.82 4.57 5.68
CA SER C 292 -20.00 3.63 4.91
C SER C 292 -19.06 4.32 3.94
N GLY C 293 -19.35 5.56 3.54
CA GLY C 293 -18.43 6.30 2.71
C GLY C 293 -17.18 6.76 3.43
N SER C 294 -17.20 6.79 4.75
CA SER C 294 -16.08 7.30 5.54
C SER C 294 -15.26 6.18 6.19
N ARG C 295 -15.67 4.92 6.04
CA ARG C 295 -15.01 3.84 6.75
C ARG C 295 -13.61 3.54 6.21
N ALA C 296 -13.32 3.90 4.96
CA ALA C 296 -11.98 3.69 4.43
C ALA C 296 -11.00 4.69 5.01
N SER C 297 -11.46 5.85 5.46
CA SER C 297 -10.57 6.85 6.03
C SER C 297 -10.23 6.57 7.49
N LEU C 298 -11.11 5.87 8.20
CA LEU C 298 -10.87 5.58 9.61
C LEU C 298 -9.84 4.47 9.76
N PRO C 299 -9.13 4.44 10.90
CA PRO C 299 -8.27 3.29 11.18
C PRO C 299 -9.10 2.05 11.49
N LYS C 300 -8.47 0.89 11.28
CA LYS C 300 -9.16 -0.40 11.33
C LYS C 300 -8.83 -1.11 12.64
N VAL C 301 -9.84 -1.27 13.50
CA VAL C 301 -9.74 -2.09 14.70
C VAL C 301 -10.99 -2.96 14.79
N SER C 302 -10.98 -3.88 15.75
CA SER C 302 -12.07 -4.84 15.90
C SER C 302 -13.00 -4.53 17.06
N TYR C 303 -12.68 -3.54 17.88
CA TYR C 303 -13.54 -3.13 18.99
C TYR C 303 -14.23 -1.83 18.64
N VAL C 304 -15.12 -1.40 19.52
CA VAL C 304 -15.91 -0.20 19.27
C VAL C 304 -15.07 1.04 19.53
N LYS C 305 -15.44 2.13 18.86
CA LYS C 305 -14.82 3.43 19.00
C LYS C 305 -15.89 4.45 19.39
N ALA C 306 -15.50 5.73 19.42
CA ALA C 306 -16.44 6.80 19.69
C ALA C 306 -17.21 7.22 18.45
N ILE C 307 -16.68 6.92 17.26
CA ILE C 307 -17.31 7.39 16.02
C ILE C 307 -18.52 6.53 15.68
N ASP C 308 -18.41 5.21 15.81
CA ASP C 308 -19.53 4.37 15.40
C ASP C 308 -20.63 4.28 16.45
N ILE C 309 -20.39 4.73 17.69
CA ILE C 309 -21.51 4.94 18.60
C ILE C 309 -22.35 6.12 18.15
N TRP C 310 -21.69 7.20 17.69
CA TRP C 310 -22.42 8.33 17.13
C TRP C 310 -23.12 7.95 15.83
N MET C 311 -22.49 7.09 15.03
CA MET C 311 -23.13 6.67 13.79
C MET C 311 -24.28 5.70 14.06
N ALA C 312 -24.25 5.00 15.18
CA ALA C 312 -25.33 4.08 15.52
C ALA C 312 -26.53 4.87 16.05
N VAL C 313 -26.28 5.87 16.89
CA VAL C 313 -27.39 6.63 17.45
C VAL C 313 -27.99 7.53 16.37
N CYS C 314 -27.14 8.07 15.49
CA CYS C 314 -27.64 8.88 14.38
C CYS C 314 -28.42 8.04 13.38
N LEU C 315 -28.08 6.76 13.21
CA LEU C 315 -28.92 5.90 12.38
C LEU C 315 -30.19 5.48 13.11
N LEU C 316 -30.14 5.38 14.45
CA LEU C 316 -31.32 4.96 15.19
C LEU C 316 -32.34 6.08 15.31
N PHE C 317 -31.90 7.33 15.13
CA PHE C 317 -32.85 8.44 15.15
C PHE C 317 -33.62 8.52 13.85
N VAL C 318 -32.93 8.37 12.71
CA VAL C 318 -33.64 8.37 11.44
C VAL C 318 -34.43 7.08 11.26
N PHE C 319 -34.08 6.03 12.01
CA PHE C 319 -34.94 4.85 12.13
C PHE C 319 -36.23 5.17 12.90
N SER C 320 -36.10 5.94 13.98
CA SER C 320 -37.26 6.15 14.82
C SER C 320 -38.19 7.23 14.26
N ALA C 321 -37.66 8.13 13.44
CA ALA C 321 -38.52 9.12 12.81
C ALA C 321 -39.35 8.53 11.69
N LEU C 322 -38.98 7.36 11.19
CA LEU C 322 -39.81 6.67 10.21
C LEU C 322 -40.77 5.71 10.90
N LEU C 323 -40.34 5.11 12.03
CA LEU C 323 -41.28 4.27 12.77
C LEU C 323 -42.39 5.10 13.41
N GLU C 324 -42.10 6.37 13.75
CA GLU C 324 -43.16 7.25 14.25
C GLU C 324 -44.16 7.55 13.15
N TYR C 325 -43.68 7.68 11.92
CA TYR C 325 -44.58 7.93 10.80
C TYR C 325 -45.41 6.70 10.48
N ALA C 326 -44.83 5.50 10.59
CA ALA C 326 -45.63 4.30 10.37
C ALA C 326 -46.66 4.09 11.47
N ALA C 327 -46.34 4.50 12.70
CA ALA C 327 -47.31 4.44 13.79
C ALA C 327 -48.41 5.49 13.64
N VAL C 328 -48.12 6.59 12.94
CA VAL C 328 -49.16 7.59 12.70
C VAL C 328 -50.04 7.18 11.53
N ASN C 329 -49.40 6.78 10.42
CA ASN C 329 -50.11 6.44 9.20
C ASN C 329 -50.96 5.18 9.35
N PHE C 330 -50.61 4.28 10.27
CA PHE C 330 -51.49 3.13 10.52
C PHE C 330 -52.80 3.56 11.14
N ILE C 331 -52.75 4.57 12.01
CA ILE C 331 -53.94 5.05 12.68
C ILE C 331 -54.78 5.88 11.73
N ALA C 332 -54.13 6.73 10.92
CA ALA C 332 -54.91 7.53 9.98
C ALA C 332 -55.46 6.67 8.83
N ARG C 333 -54.81 5.55 8.52
CA ARG C 333 -55.38 4.66 7.51
C ARG C 333 -56.57 3.91 8.07
N GLN C 334 -56.49 3.41 9.31
CA GLN C 334 -57.69 2.75 9.80
C GLN C 334 -58.76 3.75 10.22
N HIS C 335 -58.42 5.04 10.34
CA HIS C 335 -59.42 6.10 10.38
C HIS C 335 -60.16 6.19 9.06
N LYS C 336 -59.43 6.13 7.95
CA LYS C 336 -60.10 6.22 6.65
C LYS C 336 -60.90 4.94 6.38
N GLU C 337 -60.42 3.80 6.88
CA GLU C 337 -61.17 2.55 6.77
C GLU C 337 -62.46 2.59 7.57
N LEU C 338 -62.48 3.27 8.72
CA LEU C 338 -63.75 3.44 9.42
C LEU C 338 -64.61 4.54 8.82
N LEU C 339 -64.02 5.48 8.09
CA LEU C 339 -64.83 6.43 7.34
C LEU C 339 -65.49 5.76 6.14
N ARG C 340 -64.85 4.71 5.60
CA ARG C 340 -65.53 3.86 4.62
C ARG C 340 -66.65 3.05 5.25
N PHE C 341 -66.53 2.71 6.52
CA PHE C 341 -67.57 1.95 7.21
C PHE C 341 -68.53 2.88 7.96
N LYS C 394 -73.41 8.34 16.40
CA LYS C 394 -72.20 9.12 16.19
C LYS C 394 -70.96 8.24 16.36
N THR C 395 -71.20 7.02 16.85
CA THR C 395 -70.12 6.08 17.17
C THR C 395 -69.29 5.73 15.92
N VAL C 396 -69.91 5.76 14.75
CA VAL C 396 -69.19 5.55 13.49
C VAL C 396 -68.19 6.69 13.24
N GLU C 397 -68.53 7.91 13.65
CA GLU C 397 -67.66 9.07 13.43
C GLU C 397 -67.13 9.67 14.73
N GLU C 398 -67.40 9.06 15.87
CA GLU C 398 -66.74 9.47 17.11
C GLU C 398 -65.29 9.01 17.14
N MET C 399 -65.03 7.78 16.67
CA MET C 399 -63.66 7.31 16.53
C MET C 399 -62.91 7.98 15.38
N ARG C 400 -63.62 8.71 14.51
CA ARG C 400 -62.96 9.55 13.52
C ARG C 400 -62.20 10.68 14.21
N LYS C 401 -62.90 11.46 15.03
CA LYS C 401 -62.25 12.57 15.69
C LYS C 401 -61.36 12.09 16.83
N LEU C 402 -61.62 10.88 17.35
CA LEU C 402 -60.73 10.31 18.35
C LEU C 402 -59.40 9.93 17.71
N PHE C 403 -59.43 9.34 16.51
CA PHE C 403 -58.19 8.94 15.86
C PHE C 403 -57.45 10.15 15.30
N ILE C 404 -58.16 11.24 14.99
CA ILE C 404 -57.49 12.45 14.54
C ILE C 404 -56.78 13.14 15.72
N SER C 405 -57.46 13.25 16.86
CA SER C 405 -56.80 13.84 18.02
C SER C 405 -55.68 12.94 18.55
N ARG C 406 -55.81 11.62 18.36
CA ARG C 406 -54.73 10.71 18.73
C ARG C 406 -53.53 10.88 17.83
N ALA C 407 -53.76 11.11 16.53
CA ALA C 407 -52.64 11.23 15.60
C ALA C 407 -51.95 12.56 15.80
N LYS C 408 -52.72 13.62 16.03
CA LYS C 408 -52.09 14.93 16.17
C LYS C 408 -51.38 15.02 17.52
N ARG C 409 -51.87 14.30 18.55
CA ARG C 409 -51.15 14.31 19.82
C ARG C 409 -49.87 13.49 19.74
N ILE C 410 -49.83 12.46 18.87
CA ILE C 410 -48.56 11.77 18.68
C ILE C 410 -47.60 12.64 17.88
N ASP C 411 -48.10 13.37 16.88
CA ASP C 411 -47.20 14.18 16.07
C ASP C 411 -46.69 15.40 16.84
N THR C 412 -47.43 15.83 17.87
CA THR C 412 -46.98 16.93 18.71
C THR C 412 -45.99 16.42 19.75
N VAL C 413 -46.30 15.31 20.42
CA VAL C 413 -45.38 14.85 21.45
C VAL C 413 -44.10 14.32 20.83
N SER C 414 -44.13 13.86 19.56
CA SER C 414 -42.87 13.54 18.91
C SER C 414 -42.16 14.79 18.41
N ARG C 415 -42.92 15.85 18.11
CA ARG C 415 -42.33 17.09 17.62
C ARG C 415 -41.58 17.80 18.71
N VAL C 416 -41.96 17.53 19.97
CA VAL C 416 -41.32 18.15 21.11
C VAL C 416 -40.27 17.21 21.71
N ALA C 417 -40.56 15.91 21.74
CA ALA C 417 -39.69 14.95 22.41
C ALA C 417 -38.41 14.68 21.61
N PHE C 418 -38.51 14.57 20.28
CA PHE C 418 -37.34 14.16 19.49
C PHE C 418 -36.12 15.11 19.55
N PRO C 419 -36.25 16.44 19.58
CA PRO C 419 -35.05 17.25 19.88
C PRO C 419 -34.56 17.15 21.32
N LEU C 420 -35.44 16.88 22.29
CA LEU C 420 -35.02 16.97 23.69
C LEU C 420 -34.19 15.76 24.12
N VAL C 421 -34.58 14.54 23.73
CA VAL C 421 -33.81 13.38 24.15
C VAL C 421 -32.50 13.33 23.38
N PHE C 422 -32.47 13.89 22.16
CA PHE C 422 -31.20 13.97 21.44
C PHE C 422 -30.28 15.01 22.07
N LEU C 423 -30.83 16.08 22.64
CA LEU C 423 -29.96 17.04 23.33
C LEU C 423 -29.44 16.46 24.64
N ILE C 424 -30.27 15.66 25.32
CA ILE C 424 -29.84 15.02 26.56
C ILE C 424 -28.76 13.98 26.27
N PHE C 425 -28.92 13.23 25.17
CA PHE C 425 -27.89 12.27 24.77
C PHE C 425 -26.61 12.99 24.36
N ASN C 426 -26.71 14.13 23.67
CA ASN C 426 -25.51 14.82 23.25
C ASN C 426 -24.77 15.46 24.43
N ILE C 427 -25.51 15.80 25.50
CA ILE C 427 -24.84 16.28 26.70
C ILE C 427 -24.15 15.14 27.43
N PHE C 428 -24.85 14.00 27.58
CA PHE C 428 -24.24 12.88 28.28
C PHE C 428 -23.08 12.27 27.49
N TYR C 429 -23.11 12.45 26.17
CA TYR C 429 -22.03 11.97 25.30
C TYR C 429 -20.81 12.85 25.45
N TRP C 430 -20.98 14.17 25.38
CA TRP C 430 -19.78 14.99 25.36
C TRP C 430 -19.20 15.07 26.76
N ILE C 431 -20.04 14.89 27.79
CA ILE C 431 -19.52 14.86 29.16
C ILE C 431 -18.76 13.58 29.41
N THR C 432 -19.31 12.42 28.98
CA THR C 432 -18.65 11.15 29.27
C THR C 432 -17.39 10.97 28.43
N TYR C 433 -17.17 11.82 27.43
CA TYR C 433 -15.95 11.74 26.66
C TYR C 433 -14.91 12.76 27.11
N LYS C 434 -15.35 13.96 27.53
CA LYS C 434 -14.41 14.93 28.08
C LYS C 434 -13.80 14.43 29.38
N ILE C 435 -14.59 13.81 30.27
CA ILE C 435 -13.99 13.35 31.53
C ILE C 435 -12.99 12.22 31.28
N ILE C 436 -13.33 11.26 30.40
CA ILE C 436 -12.41 10.15 30.14
C ILE C 436 -11.12 10.63 29.47
N ARG C 437 -11.22 11.58 28.50
CA ARG C 437 -9.99 12.05 27.90
C ARG C 437 -9.15 12.83 28.91
N SER C 438 -9.81 13.61 29.78
CA SER C 438 -9.06 14.37 30.78
C SER C 438 -8.34 13.43 31.73
N GLU C 439 -9.01 12.33 32.11
CA GLU C 439 -8.42 11.34 33.01
C GLU C 439 -7.20 10.69 32.38
N ASP C 440 -7.26 10.37 31.08
CA ASP C 440 -6.14 9.73 30.40
C ASP C 440 -4.86 10.57 30.31
N ILE C 441 -4.90 11.83 30.75
CA ILE C 441 -3.77 12.75 30.73
C ILE C 441 -3.11 12.75 32.11
N HIS C 442 -3.92 12.57 33.15
CA HIS C 442 -3.42 12.67 34.52
C HIS C 442 -2.60 11.46 34.94
N LYS C 443 -2.93 10.26 34.44
CA LYS C 443 -2.16 9.08 34.79
C LYS C 443 -0.81 9.03 34.10
N GLN C 444 -0.64 9.74 32.98
CA GLN C 444 0.62 9.85 32.23
C GLN C 444 1.20 8.48 31.84
N PRO D 31 43.63 -14.06 39.09
CA PRO D 31 44.73 -13.12 39.03
C PRO D 31 45.11 -12.74 37.60
N MET D 32 44.45 -13.37 36.64
CA MET D 32 44.67 -13.08 35.23
C MET D 32 43.37 -12.63 34.57
N PRO D 33 43.45 -11.78 33.54
CA PRO D 33 42.23 -11.33 32.87
C PRO D 33 41.61 -12.46 32.07
N PRO D 34 40.28 -12.54 32.01
CA PRO D 34 39.63 -13.70 31.39
C PRO D 34 39.77 -13.75 29.87
N SER D 35 39.99 -12.61 29.22
CA SER D 35 40.20 -12.63 27.77
C SER D 35 41.50 -13.33 27.41
N GLU D 36 42.50 -13.24 28.27
CA GLU D 36 43.74 -13.96 28.06
C GLU D 36 43.64 -15.43 28.50
N PHE D 37 42.50 -15.84 29.05
CA PHE D 37 42.26 -17.25 29.32
C PHE D 37 41.26 -17.91 28.39
N LEU D 38 40.23 -17.18 27.96
CA LEU D 38 39.19 -17.79 27.13
C LEU D 38 39.70 -18.11 25.73
N ASP D 39 40.75 -17.42 25.29
CA ASP D 39 41.35 -17.73 23.99
C ASP D 39 42.31 -18.92 24.07
N LYS D 40 42.56 -19.48 25.26
CA LYS D 40 43.42 -20.65 25.35
C LYS D 40 42.63 -21.95 25.59
N LEU D 41 41.35 -21.85 25.95
CA LEU D 41 40.50 -23.04 25.97
C LEU D 41 40.21 -23.52 24.54
N MET D 42 39.73 -22.62 23.69
CA MET D 42 39.48 -22.91 22.28
C MET D 42 40.61 -22.43 21.38
N GLY D 43 41.85 -22.45 21.88
CA GLY D 43 42.99 -22.04 21.10
C GLY D 43 43.37 -23.05 20.03
N LYS D 44 44.44 -22.72 19.31
CA LYS D 44 44.94 -23.61 18.27
C LYS D 44 45.56 -24.87 18.87
N VAL D 45 46.49 -24.70 19.80
CA VAL D 45 47.07 -25.85 20.51
C VAL D 45 46.18 -26.10 21.73
N SER D 46 45.07 -26.80 21.49
CA SER D 46 44.14 -27.27 22.52
C SER D 46 43.21 -28.27 21.87
N GLY D 47 42.72 -29.21 22.67
CA GLY D 47 41.84 -30.25 22.18
C GLY D 47 40.42 -29.78 21.94
N TYR D 48 40.24 -28.78 21.08
CA TYR D 48 38.92 -28.25 20.74
C TYR D 48 38.82 -28.11 19.23
N ASP D 49 37.75 -28.67 18.67
CA ASP D 49 37.35 -28.40 17.29
C ASP D 49 36.00 -27.69 17.30
N ALA D 50 35.88 -26.65 16.49
CA ALA D 50 34.66 -25.85 16.51
C ALA D 50 33.50 -26.56 15.84
N ARG D 51 33.78 -27.29 14.75
CA ARG D 51 32.73 -28.01 14.03
C ARG D 51 32.75 -29.50 14.40
N ILE D 52 32.48 -29.76 15.68
CA ILE D 52 32.37 -31.13 16.17
C ILE D 52 31.35 -31.14 17.30
N ARG D 53 30.69 -32.28 17.47
CA ARG D 53 29.68 -32.42 18.49
C ARG D 53 30.34 -32.64 19.86
N PRO D 54 29.79 -32.09 20.93
CA PRO D 54 30.23 -32.50 22.27
C PRO D 54 29.94 -33.97 22.53
N ASN D 55 30.82 -34.59 23.31
CA ASN D 55 30.92 -36.04 23.55
C ASN D 55 30.63 -36.84 22.28
N PHE D 56 31.49 -36.62 21.28
CA PHE D 56 31.35 -37.23 19.97
C PHE D 56 31.41 -38.75 20.06
N LYS D 57 30.70 -39.41 19.13
CA LYS D 57 30.52 -40.87 19.10
C LYS D 57 29.92 -41.38 20.41
N GLY D 58 28.96 -40.62 20.96
CA GLY D 58 28.35 -40.97 22.22
C GLY D 58 26.87 -40.67 22.25
N PRO D 59 26.34 -40.41 23.45
CA PRO D 59 24.92 -40.07 23.55
C PRO D 59 24.64 -38.69 23.02
N PRO D 60 23.42 -38.41 22.56
CA PRO D 60 23.11 -37.09 21.99
C PRO D 60 23.02 -36.01 23.07
N VAL D 61 23.56 -34.84 22.73
CA VAL D 61 23.55 -33.68 23.62
C VAL D 61 22.23 -32.91 23.47
N ASN D 62 21.39 -32.94 24.50
CA ASN D 62 20.13 -32.22 24.43
C ASN D 62 20.31 -30.78 24.92
N VAL D 63 19.39 -29.92 24.47
CA VAL D 63 19.39 -28.51 24.81
C VAL D 63 18.02 -28.14 25.38
N THR D 64 17.99 -27.04 26.13
CA THR D 64 16.79 -26.53 26.76
C THR D 64 16.54 -25.12 26.22
N CYS D 65 15.35 -24.90 25.67
CA CYS D 65 15.04 -23.67 24.97
C CYS D 65 14.07 -22.82 25.78
N ASN D 66 14.11 -21.51 25.51
CA ASN D 66 13.21 -20.55 26.13
C ASN D 66 12.96 -19.41 25.14
N ILE D 67 11.71 -18.93 25.12
CA ILE D 67 11.27 -17.90 24.17
C ILE D 67 10.61 -16.78 24.97
N PHE D 68 11.07 -15.55 24.76
CA PHE D 68 10.46 -14.36 25.35
C PHE D 68 10.05 -13.41 24.23
N ILE D 69 8.74 -13.30 24.01
CA ILE D 69 8.21 -12.42 22.97
C ILE D 69 8.20 -10.99 23.50
N ASN D 70 8.87 -10.09 22.79
CA ASN D 70 8.77 -8.66 23.11
C ASN D 70 7.55 -8.04 22.44
N SER D 71 7.44 -8.18 21.12
CA SER D 71 6.37 -7.57 20.35
C SER D 71 5.73 -8.60 19.44
N PHE D 72 4.48 -8.33 19.05
CA PHE D 72 3.67 -9.26 18.30
C PHE D 72 2.66 -8.45 17.48
N GLY D 73 2.53 -8.77 16.21
CA GLY D 73 1.54 -8.10 15.39
C GLY D 73 1.91 -8.16 13.92
N SER D 74 1.33 -7.22 13.16
CA SER D 74 1.32 -7.21 11.70
C SER D 74 0.84 -8.55 11.14
N ILE D 75 -0.31 -9.00 11.65
CA ILE D 75 -0.94 -10.24 11.22
C ILE D 75 -1.64 -9.96 9.88
N ALA D 76 -1.01 -10.37 8.78
CA ALA D 76 -1.51 -10.11 7.44
C ALA D 76 -2.04 -11.39 6.82
N GLU D 77 -3.20 -11.29 6.17
CA GLU D 77 -3.86 -12.46 5.59
C GLU D 77 -3.52 -12.66 4.12
N THR D 78 -3.07 -11.61 3.44
CA THR D 78 -2.76 -11.72 2.01
C THR D 78 -1.54 -12.60 1.76
N THR D 79 -0.46 -12.36 2.50
CA THR D 79 0.72 -13.20 2.43
C THR D 79 0.77 -14.26 3.53
N MET D 80 -0.26 -14.30 4.41
CA MET D 80 -0.52 -15.40 5.33
C MET D 80 0.63 -15.63 6.31
N ASP D 81 0.95 -14.59 7.08
CA ASP D 81 2.07 -14.68 8.01
C ASP D 81 1.87 -13.67 9.14
N TYR D 82 2.83 -13.64 10.04
CA TYR D 82 2.88 -12.65 11.12
C TYR D 82 4.34 -12.46 11.49
N ARG D 83 4.61 -11.49 12.35
CA ARG D 83 5.98 -11.09 12.62
C ARG D 83 6.20 -10.92 14.11
N VAL D 84 7.32 -11.44 14.61
CA VAL D 84 7.60 -11.45 16.04
C VAL D 84 9.00 -10.90 16.28
N ASN D 85 9.25 -10.61 17.56
CA ASN D 85 10.55 -10.24 18.12
C ASN D 85 10.79 -11.16 19.32
N ILE D 86 11.67 -12.15 19.17
CA ILE D 86 11.84 -13.12 20.24
C ILE D 86 13.22 -12.96 20.87
N PHE D 87 13.33 -13.54 22.07
CA PHE D 87 14.58 -13.68 22.83
C PHE D 87 14.84 -15.17 23.00
N LEU D 88 15.46 -15.78 21.99
CA LEU D 88 15.70 -17.21 22.02
C LEU D 88 16.88 -17.49 22.94
N ARG D 89 16.67 -18.31 23.97
CA ARG D 89 17.72 -18.66 24.92
C ARG D 89 17.87 -20.17 24.95
N GLN D 90 19.10 -20.64 24.76
CA GLN D 90 19.41 -22.06 24.77
C GLN D 90 20.39 -22.36 25.91
N GLN D 91 20.25 -23.57 26.45
CA GLN D 91 21.10 -24.04 27.54
C GLN D 91 21.48 -25.48 27.25
N TRP D 92 22.76 -25.74 27.03
CA TRP D 92 23.21 -27.12 26.85
C TRP D 92 24.46 -27.40 27.67
N ASN D 93 24.73 -28.68 27.90
CA ASN D 93 25.93 -29.08 28.59
C ASN D 93 27.02 -29.46 27.59
N ASP D 94 28.27 -29.28 28.00
CA ASP D 94 29.44 -29.63 27.19
C ASP D 94 30.47 -30.24 28.13
N PRO D 95 31.07 -31.39 27.77
CA PRO D 95 31.91 -32.11 28.74
C PRO D 95 33.25 -31.45 28.98
N ARG D 96 33.86 -30.85 27.97
CA ARG D 96 35.06 -30.06 28.15
C ARG D 96 34.66 -28.62 28.53
N LEU D 97 35.63 -27.69 28.46
CA LEU D 97 35.47 -26.29 28.85
C LEU D 97 35.02 -26.18 30.31
N ALA D 98 35.90 -26.63 31.21
CA ALA D 98 35.71 -26.48 32.64
C ALA D 98 36.99 -25.93 33.26
N TYR D 99 36.83 -25.04 34.24
CA TYR D 99 37.98 -24.41 34.88
C TYR D 99 38.40 -25.18 36.13
N SER D 100 37.50 -25.24 37.12
CA SER D 100 37.68 -25.89 38.42
C SER D 100 38.82 -25.30 39.26
N GLU D 101 39.39 -24.16 38.86
CA GLU D 101 40.47 -23.55 39.63
C GLU D 101 40.42 -22.03 39.62
N TYR D 102 39.32 -21.42 39.18
CA TYR D 102 39.21 -19.97 39.10
C TYR D 102 38.08 -19.47 40.00
N PRO D 103 38.20 -18.25 40.54
CA PRO D 103 37.13 -17.75 41.43
C PRO D 103 35.87 -17.36 40.69
N ASP D 104 36.00 -16.77 39.50
CA ASP D 104 34.82 -16.37 38.72
C ASP D 104 34.14 -17.62 38.15
N ASP D 105 32.88 -17.81 38.54
CA ASP D 105 32.11 -18.97 38.11
C ASP D 105 31.47 -18.81 36.74
N SER D 106 31.45 -17.59 36.19
CA SER D 106 30.74 -17.31 34.95
C SER D 106 31.64 -16.47 34.05
N LEU D 107 31.92 -16.98 32.86
CA LEU D 107 32.71 -16.27 31.87
C LEU D 107 31.80 -15.75 30.76
N ASP D 108 32.27 -14.71 30.06
CA ASP D 108 31.52 -14.13 28.97
C ASP D 108 32.38 -14.07 27.71
N LEU D 109 31.83 -14.57 26.60
CA LEU D 109 32.52 -14.58 25.31
C LEU D 109 32.13 -13.35 24.50
N ASP D 110 33.06 -12.86 23.71
CA ASP D 110 32.82 -11.63 22.95
C ASP D 110 31.94 -11.92 21.74
N PRO D 111 30.90 -11.11 21.50
CA PRO D 111 29.96 -11.41 20.40
C PRO D 111 30.54 -11.26 19.00
N SER D 112 31.78 -10.81 18.85
CA SER D 112 32.42 -10.82 17.53
C SER D 112 32.85 -12.22 17.13
N MET D 113 33.63 -12.89 17.99
CA MET D 113 34.22 -14.18 17.64
C MET D 113 33.34 -15.34 18.13
N LEU D 114 32.07 -15.31 17.70
CA LEU D 114 31.16 -16.40 17.99
C LEU D 114 31.50 -17.66 17.21
N ASP D 115 32.33 -17.56 16.17
CA ASP D 115 32.68 -18.70 15.34
C ASP D 115 33.64 -19.66 16.03
N SER D 116 34.21 -19.28 17.16
CA SER D 116 35.14 -20.16 17.87
C SER D 116 34.43 -21.29 18.59
N ILE D 117 33.22 -21.05 19.08
CA ILE D 117 32.51 -22.03 19.88
C ILE D 117 31.57 -22.85 18.98
N TRP D 118 31.16 -24.01 19.48
CA TRP D 118 30.15 -24.83 18.81
C TRP D 118 28.76 -24.38 19.22
N LYS D 119 27.88 -24.21 18.23
CA LYS D 119 26.48 -23.91 18.49
C LYS D 119 25.61 -24.91 17.75
N PRO D 120 24.49 -25.33 18.35
CA PRO D 120 23.63 -26.32 17.68
C PRO D 120 22.84 -25.69 16.55
N ASP D 121 22.80 -26.39 15.42
CA ASP D 121 22.10 -25.90 14.23
C ASP D 121 20.59 -25.92 14.45
N LEU D 122 20.00 -24.73 14.55
CA LEU D 122 18.58 -24.58 14.81
C LEU D 122 17.99 -23.68 13.74
N PHE D 123 16.82 -24.05 13.21
CA PHE D 123 16.13 -23.15 12.30
C PHE D 123 14.63 -23.31 12.45
N PHE D 124 13.90 -22.26 12.09
CA PHE D 124 12.45 -22.29 12.18
C PHE D 124 11.87 -22.86 10.89
N ALA D 125 10.94 -23.80 11.03
CA ALA D 125 10.49 -24.58 9.88
C ALA D 125 9.56 -23.77 8.97
N ASN D 126 8.69 -22.94 9.56
CA ASN D 126 7.65 -22.24 8.82
C ASN D 126 7.89 -20.73 8.77
N GLU D 127 9.14 -20.31 8.72
CA GLU D 127 9.47 -18.89 8.70
C GLU D 127 9.70 -18.43 7.27
N LYS D 128 9.31 -17.18 7.00
CA LYS D 128 9.50 -16.57 5.70
C LYS D 128 10.83 -15.82 5.61
N GLY D 129 11.13 -15.01 6.61
CA GLY D 129 12.36 -14.25 6.65
C GLY D 129 12.75 -13.96 8.08
N ALA D 130 14.04 -13.83 8.32
CA ALA D 130 14.52 -13.62 9.67
C ALA D 130 15.79 -12.78 9.63
N ASN D 131 16.05 -12.07 10.72
CA ASN D 131 17.28 -11.32 10.85
C ASN D 131 17.61 -11.02 12.31
N PHE D 132 18.88 -10.68 12.52
CA PHE D 132 19.41 -10.29 13.82
C PHE D 132 19.06 -8.83 14.08
N HIS D 133 19.65 -8.26 15.14
CA HIS D 133 19.46 -6.86 15.48
C HIS D 133 20.80 -6.15 15.47
N GLU D 134 20.82 -4.92 14.96
CA GLU D 134 22.07 -4.23 14.67
C GLU D 134 22.13 -2.90 15.41
N VAL D 135 21.80 -2.92 16.70
CA VAL D 135 21.90 -1.74 17.57
C VAL D 135 23.38 -1.68 17.97
N THR D 136 23.78 -0.62 18.70
CA THR D 136 25.17 -0.24 18.99
C THR D 136 26.10 -1.37 19.42
N THR D 137 25.56 -2.40 20.06
CA THR D 137 26.29 -3.63 20.29
C THR D 137 25.59 -4.80 19.58
N ASP D 138 26.39 -5.80 19.24
CA ASP D 138 25.84 -7.03 18.69
C ASP D 138 25.06 -7.77 19.77
N ASN D 139 23.76 -7.95 19.53
CA ASN D 139 22.84 -8.48 20.52
C ASN D 139 23.04 -10.00 20.64
N LYS D 140 24.14 -10.37 21.28
CA LYS D 140 24.48 -11.76 21.51
C LYS D 140 24.94 -11.91 22.96
N LEU D 141 24.90 -13.15 23.44
CA LEU D 141 25.30 -13.43 24.81
C LEU D 141 25.74 -14.88 24.91
N LEU D 142 26.92 -15.10 25.49
CA LEU D 142 27.43 -16.43 25.75
C LEU D 142 27.93 -16.50 27.18
N ARG D 143 27.56 -17.56 27.89
CA ARG D 143 27.90 -17.70 29.31
C ARG D 143 28.30 -19.14 29.58
N ILE D 144 29.52 -19.34 30.08
CA ILE D 144 30.07 -20.67 30.34
C ILE D 144 30.25 -20.80 31.84
N SER D 145 29.58 -21.78 32.44
CA SER D 145 29.63 -21.99 33.89
C SER D 145 30.85 -22.84 34.25
N LYS D 146 30.90 -23.29 35.50
CA LYS D 146 32.06 -24.04 35.97
C LYS D 146 32.10 -25.44 35.37
N ASN D 147 30.99 -26.16 35.44
CA ASN D 147 30.96 -27.54 34.97
C ASN D 147 31.01 -27.66 33.45
N GLY D 148 30.71 -26.59 32.73
CA GLY D 148 30.67 -26.65 31.28
C GLY D 148 29.32 -26.37 30.67
N ASN D 149 28.35 -25.93 31.46
CA ASN D 149 27.05 -25.55 30.92
C ASN D 149 27.17 -24.24 30.15
N VAL D 150 26.52 -24.18 29.00
CA VAL D 150 26.57 -23.04 28.10
C VAL D 150 25.16 -22.45 28.00
N LEU D 151 25.07 -21.15 28.21
CA LEU D 151 23.87 -20.34 28.03
C LEU D 151 24.09 -19.39 26.86
N TYR D 152 23.21 -19.46 25.87
CA TYR D 152 23.35 -18.70 24.63
C TYR D 152 22.03 -18.00 24.36
N SER D 153 21.99 -16.68 24.50
CA SER D 153 20.76 -15.92 24.41
C SER D 153 20.91 -14.81 23.39
N ILE D 154 20.07 -14.84 22.36
CA ILE D 154 20.06 -13.85 21.29
C ILE D 154 18.71 -13.14 21.27
N ARG D 155 18.64 -12.09 20.45
CA ARG D 155 17.42 -11.31 20.27
C ARG D 155 17.23 -11.13 18.77
N ILE D 156 16.22 -11.76 18.20
CA ILE D 156 16.05 -11.79 16.76
C ILE D 156 14.62 -11.38 16.41
N THR D 157 14.43 -10.97 15.15
CA THR D 157 13.08 -10.73 14.67
C THR D 157 12.84 -11.49 13.38
N LEU D 158 11.61 -11.98 13.23
CA LEU D 158 11.36 -12.95 12.15
C LEU D 158 9.87 -13.06 11.86
N VAL D 159 9.58 -13.53 10.65
CA VAL D 159 8.23 -13.58 10.08
C VAL D 159 7.82 -15.03 9.87
N LEU D 160 6.86 -15.50 10.66
CA LEU D 160 6.42 -16.89 10.61
C LEU D 160 5.17 -17.00 9.74
N ALA D 161 5.17 -17.97 8.84
CA ALA D 161 4.02 -18.25 8.00
C ALA D 161 2.98 -19.02 8.80
N CYS D 162 1.73 -18.60 8.70
CA CYS D 162 0.62 -19.35 9.27
C CYS D 162 -0.53 -19.35 8.27
N PRO D 163 -1.18 -20.49 8.07
CA PRO D 163 -2.36 -20.52 7.19
C PRO D 163 -3.64 -20.23 7.96
N MET D 164 -4.48 -19.36 7.43
CA MET D 164 -5.73 -18.96 8.07
C MET D 164 -6.92 -19.44 7.24
N ASP D 165 -7.98 -19.86 7.92
CA ASP D 165 -9.22 -20.29 7.28
C ASP D 165 -10.32 -19.35 7.74
N LEU D 166 -10.99 -18.72 6.78
CA LEU D 166 -12.00 -17.73 7.12
C LEU D 166 -13.39 -18.12 6.63
N LYS D 167 -13.76 -19.38 6.87
CA LYS D 167 -15.11 -19.83 6.52
C LYS D 167 -16.17 -19.14 7.36
N ASN D 168 -15.84 -18.80 8.61
CA ASN D 168 -16.72 -18.05 9.50
C ASN D 168 -15.96 -16.82 10.00
N PHE D 169 -15.97 -15.74 9.21
CA PHE D 169 -14.96 -14.69 9.38
C PHE D 169 -15.12 -13.87 10.66
N PRO D 170 -16.25 -13.20 10.94
CA PRO D 170 -16.27 -12.34 12.14
C PRO D 170 -16.44 -13.08 13.45
N MET D 171 -16.46 -14.41 13.45
CA MET D 171 -16.53 -15.18 14.69
C MET D 171 -15.42 -16.22 14.79
N ASP D 172 -14.35 -16.07 14.02
CA ASP D 172 -13.35 -17.12 13.94
C ASP D 172 -12.39 -17.07 15.12
N VAL D 173 -11.80 -18.23 15.40
CA VAL D 173 -10.60 -18.34 16.22
C VAL D 173 -9.48 -18.83 15.31
N GLN D 174 -8.25 -18.42 15.64
CA GLN D 174 -7.10 -18.77 14.83
C GLN D 174 -6.03 -19.41 15.71
N THR D 175 -5.44 -20.47 15.18
CA THR D 175 -4.33 -21.15 15.84
C THR D 175 -3.06 -20.85 15.05
N CYS D 176 -2.13 -20.14 15.68
CA CYS D 176 -0.88 -19.75 15.05
C CYS D 176 0.27 -20.45 15.77
N ILE D 177 0.99 -21.31 15.07
CA ILE D 177 1.99 -22.13 15.70
C ILE D 177 3.38 -21.67 15.28
N MET D 178 4.38 -22.13 16.01
CA MET D 178 5.77 -22.06 15.59
C MET D 178 6.42 -23.38 15.94
N GLN D 179 7.47 -23.74 15.21
CA GLN D 179 8.14 -25.02 15.42
C GLN D 179 9.58 -24.87 14.97
N LEU D 180 10.50 -25.42 15.75
CA LEU D 180 11.92 -25.21 15.47
C LEU D 180 12.67 -26.53 15.38
N GLU D 181 13.45 -26.68 14.31
CA GLU D 181 14.06 -27.93 13.89
C GLU D 181 15.56 -27.85 14.06
N SER D 182 16.21 -28.98 13.79
CA SER D 182 17.63 -29.09 13.48
C SER D 182 17.80 -29.14 11.96
N PHE D 183 19.03 -28.87 11.52
CA PHE D 183 19.34 -28.84 10.10
C PHE D 183 20.51 -29.79 9.85
N GLY D 184 20.20 -31.08 9.66
CA GLY D 184 21.18 -32.08 9.32
C GLY D 184 21.62 -32.99 10.46
N TYR D 185 21.11 -32.80 11.67
CA TYR D 185 21.44 -33.66 12.80
C TYR D 185 20.24 -34.53 13.16
N THR D 186 20.48 -35.83 13.32
CA THR D 186 19.46 -36.82 13.58
C THR D 186 19.03 -36.78 15.05
N MET D 187 17.93 -37.51 15.34
CA MET D 187 17.42 -37.58 16.70
C MET D 187 18.38 -38.30 17.64
N ASN D 188 19.15 -39.26 17.13
CA ASN D 188 20.19 -39.89 17.93
C ASN D 188 21.48 -39.07 17.99
N ASP D 189 21.47 -37.85 17.48
CA ASP D 189 22.62 -36.95 17.54
C ASP D 189 22.33 -35.62 18.23
N LEU D 190 21.09 -35.16 18.22
CA LEU D 190 20.74 -33.87 18.82
C LEU D 190 19.25 -33.84 19.11
N ILE D 191 18.88 -33.60 20.36
CA ILE D 191 17.49 -33.60 20.80
C ILE D 191 17.15 -32.21 21.31
N PHE D 192 15.93 -31.75 21.04
CA PHE D 192 15.42 -30.51 21.59
C PHE D 192 14.45 -30.78 22.74
N GLU D 193 14.40 -29.84 23.68
CA GLU D 193 13.59 -29.98 24.89
C GLU D 193 13.05 -28.62 25.30
N TRP D 194 11.76 -28.57 25.62
CA TRP D 194 11.20 -27.38 26.23
C TRP D 194 11.65 -27.25 27.68
N ASP D 195 11.61 -26.02 28.19
CA ASP D 195 11.95 -25.82 29.59
C ASP D 195 10.81 -26.28 30.49
N GLU D 196 11.13 -26.53 31.75
CA GLU D 196 10.15 -27.11 32.67
C GLU D 196 9.23 -26.05 33.26
N LYS D 197 9.78 -24.89 33.61
CA LYS D 197 9.01 -23.83 34.25
C LYS D 197 9.23 -22.53 33.47
N GLY D 198 8.16 -22.01 32.87
CA GLY D 198 8.25 -20.78 32.11
C GLY D 198 9.04 -20.90 30.84
N ALA D 199 8.60 -21.79 29.93
CA ALA D 199 9.31 -21.97 28.68
C ALA D 199 9.03 -20.83 27.70
N VAL D 200 7.76 -20.44 27.58
CA VAL D 200 7.35 -19.37 26.69
C VAL D 200 6.72 -18.27 27.53
N GLN D 201 7.33 -17.09 27.53
CA GLN D 201 6.85 -15.94 28.28
C GLN D 201 6.47 -14.82 27.33
N VAL D 202 5.48 -14.03 27.74
CA VAL D 202 4.96 -12.92 26.93
C VAL D 202 4.99 -11.65 27.78
N ALA D 203 5.64 -10.62 27.25
CA ALA D 203 5.68 -9.33 27.93
C ALA D 203 4.30 -8.69 27.98
N ASP D 204 4.07 -7.86 29.00
CA ASP D 204 2.74 -7.36 29.30
C ASP D 204 2.41 -6.17 28.41
N GLY D 205 1.13 -6.04 28.09
CA GLY D 205 0.65 -4.89 27.34
C GLY D 205 1.01 -4.92 25.86
N LEU D 206 0.42 -5.85 25.11
CA LEU D 206 0.75 -5.99 23.70
C LEU D 206 -0.25 -5.26 22.79
N THR D 207 -1.55 -5.43 23.05
CA THR D 207 -2.64 -4.64 22.44
C THR D 207 -2.62 -4.79 20.92
N LEU D 208 -2.97 -6.00 20.48
CA LEU D 208 -3.15 -6.26 19.06
C LEU D 208 -4.29 -5.41 18.50
N PRO D 209 -4.19 -4.99 17.23
CA PRO D 209 -5.26 -4.17 16.65
C PRO D 209 -6.49 -4.95 16.24
N GLN D 210 -6.34 -6.25 15.95
CA GLN D 210 -7.45 -7.07 15.47
C GLN D 210 -7.84 -8.17 16.45
N PHE D 211 -6.88 -8.98 16.88
CA PHE D 211 -7.19 -10.16 17.66
C PHE D 211 -7.01 -9.90 19.16
N ILE D 212 -7.21 -10.95 19.93
CA ILE D 212 -6.90 -11.00 21.36
C ILE D 212 -6.17 -12.31 21.62
N LEU D 213 -4.94 -12.22 22.11
CA LEU D 213 -4.14 -13.39 22.42
C LEU D 213 -4.59 -14.01 23.74
N LYS D 214 -4.54 -15.32 23.82
CA LYS D 214 -4.97 -16.07 25.00
C LYS D 214 -3.75 -16.71 25.67
N GLU D 215 -3.89 -16.98 26.97
CA GLU D 215 -2.81 -17.57 27.74
C GLU D 215 -2.88 -19.09 27.78
N GLU D 216 -3.01 -19.71 26.60
CA GLU D 216 -2.98 -21.17 26.53
C GLU D 216 -1.54 -21.68 26.49
N LYS D 217 -0.82 -21.32 25.42
CA LYS D 217 0.62 -21.59 25.25
C LYS D 217 0.96 -23.08 25.37
N ASP D 218 0.19 -23.91 24.67
CA ASP D 218 0.42 -25.34 24.74
C ASP D 218 1.65 -25.70 23.90
N LEU D 219 2.53 -26.51 24.49
CA LEU D 219 3.84 -26.81 23.90
C LEU D 219 3.90 -28.28 23.53
N ARG D 220 4.08 -28.58 22.25
CA ARG D 220 4.02 -29.97 21.81
C ARG D 220 5.37 -30.37 21.18
N TYR D 221 5.40 -31.58 20.65
CA TYR D 221 6.58 -32.16 20.02
C TYR D 221 6.23 -32.60 18.61
N CYS D 222 7.21 -32.56 17.72
CA CYS D 222 7.12 -33.27 16.45
C CYS D 222 8.41 -34.06 16.19
N THR D 223 8.26 -35.14 15.44
CA THR D 223 9.40 -35.94 14.99
C THR D 223 9.34 -36.03 13.48
N LYS D 224 10.22 -35.30 12.81
CA LYS D 224 10.28 -35.23 11.35
C LYS D 224 10.84 -36.55 10.82
N HIS D 225 9.94 -37.44 10.37
CA HIS D 225 10.35 -38.72 9.82
C HIS D 225 10.69 -38.53 8.35
N TYR D 226 11.96 -38.68 8.00
CA TYR D 226 12.42 -38.57 6.63
C TYR D 226 13.03 -39.90 6.19
N ASN D 227 13.61 -39.91 4.98
CA ASN D 227 14.36 -41.08 4.52
C ASN D 227 15.63 -41.28 5.33
N THR D 228 16.29 -40.18 5.72
CA THR D 228 17.58 -40.28 6.41
C THR D 228 17.39 -40.72 7.86
N GLY D 229 16.34 -40.24 8.52
CA GLY D 229 16.10 -40.59 9.90
C GLY D 229 15.18 -39.59 10.56
N LYS D 230 14.92 -39.85 11.84
CA LYS D 230 14.05 -38.99 12.63
C LYS D 230 14.77 -37.71 13.03
N PHE D 231 14.07 -36.58 12.93
CA PHE D 231 14.60 -35.30 13.34
C PHE D 231 13.75 -34.74 14.47
N THR D 232 14.38 -34.01 15.38
CA THR D 232 13.69 -33.50 16.56
C THR D 232 12.91 -32.24 16.25
N CYS D 233 11.84 -32.00 17.01
CA CYS D 233 11.10 -30.76 16.87
C CYS D 233 10.34 -30.48 18.15
N ILE D 234 10.24 -29.20 18.48
CA ILE D 234 9.32 -28.71 19.49
C ILE D 234 8.53 -27.56 18.86
N GLU D 235 7.31 -27.37 19.34
CA GLU D 235 6.36 -26.48 18.70
C GLU D 235 5.53 -25.74 19.74
N ALA D 236 5.55 -24.42 19.68
CA ALA D 236 4.64 -23.59 20.46
C ALA D 236 3.38 -23.33 19.64
N ARG D 237 2.33 -22.90 20.32
CA ARG D 237 1.01 -22.82 19.70
C ARG D 237 0.19 -21.75 20.41
N PHE D 238 -0.14 -20.68 19.71
CA PHE D 238 -0.88 -19.56 20.27
C PHE D 238 -2.31 -19.58 19.75
N HIS D 239 -3.23 -19.13 20.60
CA HIS D 239 -4.64 -19.01 20.25
C HIS D 239 -5.01 -17.53 20.19
N LEU D 240 -5.63 -17.14 19.07
CA LEU D 240 -6.07 -15.76 18.85
C LEU D 240 -7.58 -15.77 18.63
N GLU D 241 -8.27 -14.86 19.29
CA GLU D 241 -9.72 -14.74 19.14
C GLU D 241 -10.04 -13.36 18.62
N ARG D 242 -10.92 -13.29 17.62
CA ARG D 242 -11.21 -12.03 16.96
C ARG D 242 -12.40 -11.36 17.64
N GLN D 243 -12.26 -10.07 17.96
CA GLN D 243 -13.37 -9.31 18.49
C GLN D 243 -14.38 -9.03 17.39
N MET D 244 -15.66 -9.07 17.76
CA MET D 244 -16.75 -8.72 16.86
C MET D 244 -17.49 -7.46 17.31
N GLY D 245 -16.83 -6.60 18.09
CA GLY D 245 -17.49 -5.39 18.57
C GLY D 245 -17.74 -4.39 17.46
N TYR D 246 -16.72 -4.10 16.64
CA TYR D 246 -16.90 -3.20 15.52
C TYR D 246 -17.77 -3.83 14.44
N TYR D 247 -17.63 -5.14 14.24
CA TYR D 247 -18.38 -5.85 13.21
C TYR D 247 -19.85 -6.01 13.57
N LEU D 248 -20.25 -5.64 14.79
CA LEU D 248 -21.63 -5.70 15.24
C LEU D 248 -22.30 -4.35 15.07
N ILE D 249 -21.62 -3.29 15.50
CA ILE D 249 -22.14 -1.94 15.36
C ILE D 249 -22.25 -1.58 13.88
N GLN D 250 -21.25 -1.98 13.09
CA GLN D 250 -21.22 -1.69 11.67
C GLN D 250 -21.35 -2.98 10.88
N MET D 251 -22.24 -2.98 9.88
CA MET D 251 -22.62 -4.01 8.90
C MET D 251 -23.62 -5.04 9.43
N TYR D 252 -24.04 -4.95 10.70
CA TYR D 252 -25.06 -5.83 11.27
C TYR D 252 -26.27 -5.05 11.74
N ILE D 253 -26.06 -4.08 12.64
CA ILE D 253 -27.19 -3.25 13.10
C ILE D 253 -27.81 -2.42 11.98
N PRO D 254 -27.05 -1.74 11.08
CA PRO D 254 -27.75 -1.04 9.99
C PRO D 254 -28.49 -1.97 9.03
N SER D 255 -27.92 -3.14 8.72
CA SER D 255 -28.60 -4.06 7.82
C SER D 255 -29.87 -4.63 8.44
N LEU D 256 -29.85 -4.84 9.76
CA LEU D 256 -31.06 -5.32 10.44
C LEU D 256 -32.10 -4.21 10.45
N LEU D 257 -31.65 -2.98 10.70
CA LEU D 257 -32.60 -1.88 10.83
C LEU D 257 -33.24 -1.60 9.47
N ILE D 258 -32.48 -1.74 8.38
CA ILE D 258 -33.10 -1.51 7.08
C ILE D 258 -33.96 -2.70 6.64
N VAL D 259 -33.77 -3.89 7.20
CA VAL D 259 -34.79 -4.93 6.98
C VAL D 259 -36.09 -4.55 7.70
N ILE D 260 -35.98 -3.98 8.90
CA ILE D 260 -37.20 -3.55 9.59
C ILE D 260 -37.80 -2.35 8.86
N LEU D 261 -36.96 -1.54 8.21
CA LEU D 261 -37.45 -0.43 7.40
C LEU D 261 -38.13 -0.92 6.14
N SER D 262 -37.69 -2.05 5.59
CA SER D 262 -38.39 -2.61 4.44
C SER D 262 -39.73 -3.20 4.88
N TRP D 263 -39.82 -3.60 6.14
CA TRP D 263 -41.07 -4.17 6.64
C TRP D 263 -42.14 -3.10 6.90
N VAL D 264 -41.78 -1.82 6.80
CA VAL D 264 -42.74 -0.74 6.95
C VAL D 264 -43.76 -0.78 5.81
N SER D 265 -43.35 -1.24 4.63
CA SER D 265 -44.23 -1.35 3.46
C SER D 265 -45.34 -2.38 3.61
N PHE D 266 -45.36 -3.17 4.68
CA PHE D 266 -46.50 -4.02 4.97
C PHE D 266 -47.59 -3.32 5.78
N TRP D 267 -47.34 -2.08 6.21
CA TRP D 267 -48.29 -1.34 7.02
C TRP D 267 -48.84 -0.10 6.30
N ILE D 268 -48.61 0.02 5.00
CA ILE D 268 -49.09 1.13 4.20
C ILE D 268 -50.10 0.60 3.19
N ASN D 269 -51.17 1.38 2.96
CA ASN D 269 -52.26 0.97 2.10
C ASN D 269 -51.80 0.82 0.65
N MET D 270 -52.56 0.03 -0.10
CA MET D 270 -52.15 -0.38 -1.44
C MET D 270 -52.33 0.72 -2.48
N ASP D 271 -53.32 1.60 -2.29
CA ASP D 271 -53.57 2.64 -3.29
C ASP D 271 -52.49 3.72 -3.29
N ALA D 272 -51.68 3.83 -2.24
CA ALA D 272 -50.49 4.69 -2.26
C ALA D 272 -49.37 3.93 -2.95
N ALA D 273 -49.44 3.93 -4.30
CA ALA D 273 -48.50 3.12 -5.06
C ALA D 273 -47.08 3.69 -5.10
N PRO D 274 -46.84 4.96 -5.46
CA PRO D 274 -45.44 5.42 -5.52
C PRO D 274 -44.79 5.58 -4.16
N ALA D 275 -45.57 5.58 -3.08
CA ALA D 275 -44.97 5.62 -1.75
C ALA D 275 -44.31 4.28 -1.43
N ARG D 276 -45.06 3.19 -1.62
CA ARG D 276 -44.52 1.88 -1.27
C ARG D 276 -43.47 1.43 -2.28
N VAL D 277 -43.61 1.85 -3.54
CA VAL D 277 -42.57 1.53 -4.52
C VAL D 277 -41.29 2.31 -4.22
N GLY D 278 -41.42 3.60 -3.89
CA GLY D 278 -40.27 4.40 -3.56
C GLY D 278 -39.60 3.97 -2.27
N LEU D 279 -40.37 3.41 -1.34
CA LEU D 279 -39.74 2.85 -0.15
C LEU D 279 -39.04 1.53 -0.48
N GLY D 280 -39.61 0.72 -1.37
CA GLY D 280 -39.08 -0.60 -1.61
C GLY D 280 -37.77 -0.56 -2.36
N ILE D 281 -37.73 0.26 -3.41
CA ILE D 281 -36.54 0.24 -4.25
C ILE D 281 -35.41 0.98 -3.52
N THR D 282 -35.76 2.00 -2.72
CA THR D 282 -34.71 2.71 -2.00
C THR D 282 -34.18 1.86 -0.86
N THR D 283 -34.99 0.96 -0.30
CA THR D 283 -34.47 0.02 0.69
C THR D 283 -33.51 -0.97 0.05
N VAL D 284 -33.81 -1.38 -1.19
CA VAL D 284 -32.86 -2.22 -1.93
C VAL D 284 -31.57 -1.46 -2.22
N LEU D 285 -31.70 -0.18 -2.59
CA LEU D 285 -30.55 0.68 -2.84
C LEU D 285 -29.73 0.88 -1.58
N THR D 286 -30.40 1.00 -0.44
CA THR D 286 -29.71 1.14 0.83
C THR D 286 -28.96 -0.13 1.19
N MET D 287 -29.56 -1.29 0.90
CA MET D 287 -28.87 -2.55 1.18
C MET D 287 -27.66 -2.75 0.28
N THR D 288 -27.74 -2.32 -0.98
CA THR D 288 -26.58 -2.48 -1.88
C THR D 288 -25.46 -1.53 -1.49
N THR D 289 -25.78 -0.25 -1.22
CA THR D 289 -24.70 0.67 -0.83
C THR D 289 -24.17 0.37 0.56
N GLN D 290 -24.94 -0.32 1.40
CA GLN D 290 -24.41 -0.81 2.67
C GLN D 290 -23.45 -1.97 2.46
N SER D 291 -23.76 -2.86 1.51
CA SER D 291 -22.89 -4.01 1.27
C SER D 291 -21.61 -3.62 0.52
N SER D 292 -21.76 -2.99 -0.65
CA SER D 292 -20.62 -2.63 -1.47
C SER D 292 -19.77 -1.51 -0.87
N GLY D 293 -20.35 -0.69 0.01
CA GLY D 293 -19.56 0.32 0.69
C GLY D 293 -18.60 -0.23 1.72
N SER D 294 -18.82 -1.47 2.18
CA SER D 294 -18.01 -2.07 3.23
C SER D 294 -17.00 -3.09 2.70
N ARG D 295 -17.02 -3.38 1.40
CA ARG D 295 -16.19 -4.45 0.86
C ARG D 295 -14.70 -4.10 0.87
N ALA D 296 -14.36 -2.81 0.86
CA ALA D 296 -12.95 -2.43 0.93
C ALA D 296 -12.37 -2.67 2.33
N SER D 297 -13.21 -2.66 3.36
CA SER D 297 -12.72 -2.87 4.72
C SER D 297 -12.52 -4.34 5.04
N LEU D 298 -13.26 -5.23 4.38
CA LEU D 298 -13.15 -6.65 4.65
C LEU D 298 -11.88 -7.23 4.02
N PRO D 299 -11.36 -8.32 4.58
CA PRO D 299 -10.26 -9.03 3.92
C PRO D 299 -10.74 -9.72 2.65
N LYS D 300 -9.79 -9.95 1.74
CA LYS D 300 -10.09 -10.43 0.40
C LYS D 300 -9.76 -11.91 0.28
N VAL D 301 -10.79 -12.74 0.11
CA VAL D 301 -10.64 -14.15 -0.20
C VAL D 301 -11.59 -14.50 -1.34
N SER D 302 -11.46 -15.73 -1.84
CA SER D 302 -12.25 -16.16 -3.00
C SER D 302 -13.38 -17.11 -2.63
N TYR D 303 -13.47 -17.54 -1.38
CA TYR D 303 -14.56 -18.40 -0.93
C TYR D 303 -15.53 -17.58 -0.08
N VAL D 304 -16.62 -18.23 0.30
CA VAL D 304 -17.67 -17.54 1.04
C VAL D 304 -17.26 -17.38 2.50
N LYS D 305 -17.82 -16.36 3.13
CA LYS D 305 -17.63 -16.06 4.55
C LYS D 305 -18.98 -16.02 5.25
N ALA D 306 -18.96 -15.62 6.51
CA ALA D 306 -20.20 -15.46 7.26
C ALA D 306 -20.88 -14.13 7.00
N ILE D 307 -20.13 -13.13 6.51
CA ILE D 307 -20.68 -11.79 6.33
C ILE D 307 -21.54 -11.72 5.07
N ASP D 308 -21.08 -12.32 3.97
CA ASP D 308 -21.85 -12.19 2.74
C ASP D 308 -23.01 -13.17 2.64
N ILE D 309 -23.09 -14.18 3.52
CA ILE D 309 -24.34 -14.92 3.67
C ILE D 309 -25.41 -14.05 4.32
N TRP D 310 -25.01 -13.27 5.33
CA TRP D 310 -25.94 -12.33 5.93
C TRP D 310 -26.31 -11.21 4.96
N MET D 311 -25.37 -10.79 4.11
CA MET D 311 -25.69 -9.76 3.14
C MET D 311 -26.55 -10.31 2.01
N ALA D 312 -26.47 -11.61 1.75
CA ALA D 312 -27.29 -12.21 0.71
C ALA D 312 -28.71 -12.39 1.21
N VAL D 313 -28.89 -12.83 2.45
CA VAL D 313 -30.24 -13.05 2.96
C VAL D 313 -30.90 -11.69 3.23
N CYS D 314 -30.13 -10.70 3.70
CA CYS D 314 -30.67 -9.38 3.90
C CYS D 314 -31.04 -8.70 2.58
N LEU D 315 -30.33 -9.02 1.49
CA LEU D 315 -30.76 -8.50 0.19
C LEU D 315 -31.97 -9.30 -0.33
N LEU D 316 -32.07 -10.58 0.01
CA LEU D 316 -33.18 -11.38 -0.49
C LEU D 316 -34.48 -11.05 0.24
N PHE D 317 -34.38 -10.48 1.43
CA PHE D 317 -35.59 -10.08 2.14
C PHE D 317 -36.17 -8.79 1.54
N VAL D 318 -35.32 -7.80 1.26
CA VAL D 318 -35.81 -6.59 0.63
C VAL D 318 -36.17 -6.85 -0.84
N PHE D 319 -35.65 -7.94 -1.42
CA PHE D 319 -36.16 -8.43 -2.71
C PHE D 319 -37.56 -8.99 -2.57
N SER D 320 -37.82 -9.73 -1.49
CA SER D 320 -39.11 -10.42 -1.40
C SER D 320 -40.21 -9.48 -0.91
N ALA D 321 -39.84 -8.41 -0.19
CA ALA D 321 -40.84 -7.44 0.22
C ALA D 321 -41.31 -6.57 -0.94
N LEU D 322 -40.56 -6.53 -2.04
CA LEU D 322 -41.02 -5.83 -3.22
C LEU D 322 -41.76 -6.77 -4.16
N LEU D 323 -41.34 -8.05 -4.19
CA LEU D 323 -42.10 -9.01 -5.00
C LEU D 323 -43.48 -9.29 -4.40
N GLU D 324 -43.60 -9.15 -3.06
CA GLU D 324 -44.93 -9.29 -2.44
C GLU D 324 -45.81 -8.12 -2.85
N TYR D 325 -45.22 -6.93 -2.99
CA TYR D 325 -45.98 -5.77 -3.41
C TYR D 325 -46.38 -5.87 -4.87
N ALA D 326 -45.50 -6.42 -5.72
CA ALA D 326 -45.89 -6.61 -7.11
C ALA D 326 -46.97 -7.67 -7.25
N ALA D 327 -46.96 -8.70 -6.39
CA ALA D 327 -48.02 -9.70 -6.39
C ALA D 327 -49.33 -9.15 -5.85
N VAL D 328 -49.27 -8.12 -5.01
CA VAL D 328 -50.49 -7.51 -4.51
C VAL D 328 -51.06 -6.52 -5.53
N ASN D 329 -50.18 -5.65 -6.05
CA ASN D 329 -50.59 -4.60 -6.98
C ASN D 329 -51.06 -5.16 -8.32
N PHE D 330 -50.60 -6.36 -8.72
CA PHE D 330 -51.15 -6.96 -9.94
C PHE D 330 -52.61 -7.33 -9.75
N ILE D 331 -52.96 -7.80 -8.56
CA ILE D 331 -54.33 -8.22 -8.29
C ILE D 331 -55.22 -7.00 -8.12
N ALA D 332 -54.73 -5.97 -7.42
CA ALA D 332 -55.56 -4.78 -7.25
C ALA D 332 -55.68 -3.99 -8.55
N ARG D 333 -54.71 -4.12 -9.46
CA ARG D 333 -54.84 -3.47 -10.76
C ARG D 333 -55.85 -4.20 -11.62
N GLN D 334 -55.80 -5.54 -11.65
CA GLN D 334 -56.83 -6.20 -12.44
C GLN D 334 -58.19 -6.20 -11.75
N HIS D 335 -58.24 -5.87 -10.45
CA HIS D 335 -59.50 -5.51 -9.80
C HIS D 335 -60.04 -4.21 -10.39
N LYS D 336 -59.17 -3.21 -10.57
CA LYS D 336 -59.65 -1.96 -11.12
C LYS D 336 -60.01 -2.12 -12.59
N GLU D 337 -59.31 -3.01 -13.31
CA GLU D 337 -59.65 -3.32 -14.69
C GLU D 337 -61.00 -4.01 -14.80
N LEU D 338 -61.37 -4.84 -13.83
CA LEU D 338 -62.72 -5.40 -13.85
C LEU D 338 -63.77 -4.42 -13.33
N LEU D 339 -63.36 -3.43 -12.52
CA LEU D 339 -64.29 -2.35 -12.18
C LEU D 339 -64.56 -1.45 -13.38
N ARG D 340 -63.59 -1.33 -14.29
CA ARG D 340 -63.85 -0.69 -15.57
C ARG D 340 -64.78 -1.53 -16.45
N PHE D 341 -64.75 -2.84 -16.30
CA PHE D 341 -65.62 -3.71 -17.09
C PHE D 341 -66.90 -4.06 -16.32
N LYS D 394 -74.25 -9.86 -10.22
CA LYS D 394 -73.29 -9.42 -9.21
C LYS D 394 -71.90 -9.94 -9.56
N THR D 395 -71.85 -10.82 -10.56
CA THR D 395 -70.61 -11.48 -10.96
C THR D 395 -69.55 -10.48 -11.42
N VAL D 396 -69.98 -9.34 -11.98
CA VAL D 396 -69.06 -8.26 -12.33
C VAL D 396 -68.40 -7.67 -11.10
N GLU D 397 -69.11 -7.60 -9.97
CA GLU D 397 -68.58 -7.03 -8.74
C GLU D 397 -68.42 -8.04 -7.61
N GLU D 398 -68.67 -9.32 -7.88
CA GLU D 398 -68.33 -10.35 -6.89
C GLU D 398 -66.83 -10.60 -6.84
N MET D 399 -66.18 -10.61 -8.01
CA MET D 399 -64.72 -10.68 -8.05
C MET D 399 -64.05 -9.39 -7.59
N ARG D 400 -64.80 -8.30 -7.45
CA ARG D 400 -64.26 -7.10 -6.81
C ARG D 400 -63.96 -7.38 -5.34
N LYS D 401 -64.97 -7.85 -4.59
CA LYS D 401 -64.74 -8.10 -3.19
C LYS D 401 -63.92 -9.36 -2.97
N LEU D 402 -63.91 -10.26 -3.96
CA LEU D 402 -63.04 -11.42 -3.87
C LEU D 402 -61.58 -11.01 -4.00
N PHE D 403 -61.28 -10.10 -4.93
CA PHE D 403 -59.90 -9.67 -5.11
C PHE D 403 -59.45 -8.75 -3.98
N ILE D 404 -60.40 -8.05 -3.33
CA ILE D 404 -60.03 -7.22 -2.18
C ILE D 404 -59.72 -8.11 -0.97
N SER D 405 -60.55 -9.12 -0.70
CA SER D 405 -60.26 -10.02 0.41
C SER D 405 -59.02 -10.87 0.13
N ARG D 406 -58.75 -11.15 -1.15
CA ARG D 406 -57.52 -11.87 -1.52
C ARG D 406 -56.29 -10.99 -1.27
N ALA D 407 -56.40 -9.70 -1.57
CA ALA D 407 -55.24 -8.83 -1.42
C ALA D 407 -54.98 -8.56 0.05
N LYS D 408 -56.05 -8.37 0.84
CA LYS D 408 -55.83 -8.07 2.24
C LYS D 408 -55.38 -9.32 2.99
N ARG D 409 -55.77 -10.51 2.53
CA ARG D 409 -55.29 -11.73 3.17
C ARG D 409 -53.83 -11.99 2.82
N ILE D 410 -53.37 -11.54 1.63
CA ILE D 410 -51.95 -11.65 1.34
C ILE D 410 -51.16 -10.63 2.17
N ASP D 411 -51.71 -9.43 2.34
CA ASP D 411 -50.97 -8.41 3.08
C ASP D 411 -50.93 -8.72 4.57
N THR D 412 -51.90 -9.50 5.06
CA THR D 412 -51.90 -9.91 6.45
C THR D 412 -50.96 -11.10 6.65
N VAL D 413 -51.04 -12.11 5.78
CA VAL D 413 -50.19 -13.26 5.99
C VAL D 413 -48.73 -12.90 5.71
N SER D 414 -48.45 -11.89 4.88
CA SER D 414 -47.07 -11.44 4.77
C SER D 414 -46.68 -10.56 5.95
N ARG D 415 -47.66 -9.88 6.56
CA ARG D 415 -47.38 -8.99 7.69
C ARG D 415 -47.02 -9.81 8.92
N VAL D 416 -47.48 -11.05 8.97
CA VAL D 416 -47.21 -11.93 10.09
C VAL D 416 -46.03 -12.85 9.78
N ALA D 417 -45.95 -13.33 8.54
CA ALA D 417 -44.94 -14.32 8.17
C ALA D 417 -43.55 -13.71 8.06
N PHE D 418 -43.41 -12.51 7.49
CA PHE D 418 -42.08 -11.96 7.25
C PHE D 418 -41.20 -11.71 8.49
N PRO D 419 -41.70 -11.28 9.65
CA PRO D 419 -40.83 -11.32 10.84
C PRO D 419 -40.54 -12.71 11.37
N LEU D 420 -41.44 -13.68 11.18
CA LEU D 420 -41.26 -14.98 11.83
C LEU D 420 -40.19 -15.83 11.15
N VAL D 421 -40.18 -15.89 9.82
CA VAL D 421 -39.17 -16.70 9.16
C VAL D 421 -37.80 -16.05 9.27
N PHE D 422 -37.75 -14.71 9.39
CA PHE D 422 -36.47 -14.06 9.63
C PHE D 422 -35.98 -14.31 11.05
N LEU D 423 -36.88 -14.45 12.02
CA LEU D 423 -36.43 -14.79 13.36
C LEU D 423 -35.96 -16.23 13.44
N ILE D 424 -36.61 -17.12 12.69
CA ILE D 424 -36.20 -18.53 12.64
C ILE D 424 -34.84 -18.65 11.97
N PHE D 425 -34.63 -17.89 10.89
CA PHE D 425 -33.33 -17.89 10.22
C PHE D 425 -32.25 -17.30 11.13
N ASN D 426 -32.57 -16.25 11.89
CA ASN D 426 -31.56 -15.65 12.75
C ASN D 426 -31.21 -16.56 13.93
N ILE D 427 -32.15 -17.40 14.34
CA ILE D 427 -31.84 -18.39 15.38
C ILE D 427 -30.95 -19.49 14.81
N PHE D 428 -31.32 -20.01 13.63
CA PHE D 428 -30.53 -21.09 13.04
C PHE D 428 -29.15 -20.59 12.61
N TYR D 429 -29.03 -19.30 12.32
CA TYR D 429 -27.76 -18.69 11.95
C TYR D 429 -26.85 -18.57 13.17
N TRP D 430 -27.38 -18.03 14.28
CA TRP D 430 -26.48 -17.77 15.37
C TRP D 430 -26.14 -19.07 16.08
N ILE D 431 -27.02 -20.06 15.98
CA ILE D 431 -26.73 -21.37 16.57
C ILE D 431 -25.68 -22.09 15.74
N THR D 432 -25.82 -22.07 14.40
CA THR D 432 -24.87 -22.81 13.57
C THR D 432 -23.51 -22.14 13.53
N TYR D 433 -23.41 -20.91 14.04
CA TYR D 433 -22.10 -20.26 14.08
C TYR D 433 -21.47 -20.36 15.47
N LYS D 434 -22.28 -20.30 16.53
CA LYS D 434 -21.74 -20.51 17.88
C LYS D 434 -21.20 -21.93 18.04
N ILE D 435 -21.91 -22.96 17.54
CA ILE D 435 -21.39 -24.32 17.72
C ILE D 435 -20.09 -24.51 16.94
N ILE D 436 -20.00 -24.02 15.70
CA ILE D 436 -18.79 -24.20 14.91
C ILE D 436 -17.61 -23.44 15.52
N ARG D 437 -17.83 -22.20 16.02
CA ARG D 437 -16.70 -21.50 16.63
C ARG D 437 -16.27 -22.22 17.91
N SER D 438 -17.24 -22.74 18.70
CA SER D 438 -16.89 -23.42 19.92
C SER D 438 -16.06 -24.67 19.61
N GLU D 439 -16.45 -25.39 18.55
CA GLU D 439 -15.75 -26.59 18.15
C GLU D 439 -14.31 -26.28 17.74
N ASP D 440 -14.10 -25.18 17.01
CA ASP D 440 -12.75 -24.81 16.57
C ASP D 440 -11.76 -24.47 17.69
N ILE D 441 -12.23 -24.44 18.95
CA ILE D 441 -11.40 -24.14 20.11
C ILE D 441 -10.98 -25.44 20.77
N HIS D 442 -11.83 -26.46 20.69
CA HIS D 442 -11.58 -27.72 21.38
C HIS D 442 -10.52 -28.55 20.70
N LYS D 443 -10.43 -28.50 19.36
CA LYS D 443 -9.42 -29.28 18.66
C LYS D 443 -8.01 -28.70 18.81
N GLN D 444 -7.90 -27.40 19.13
CA GLN D 444 -6.63 -26.71 19.37
C GLN D 444 -5.64 -26.84 18.21
N PRO E 31 39.88 -43.13 13.61
CA PRO E 31 40.68 -42.77 14.80
C PRO E 31 41.12 -41.32 14.79
N MET E 32 40.81 -40.60 13.71
CA MET E 32 41.14 -39.19 13.59
C MET E 32 39.87 -38.38 13.38
N PRO E 33 39.85 -37.12 13.83
CA PRO E 33 38.66 -36.29 13.64
C PRO E 33 38.50 -35.90 12.18
N PRO E 34 37.27 -35.83 11.68
CA PRO E 34 37.07 -35.63 10.23
C PRO E 34 37.42 -34.24 9.74
N SER E 35 37.41 -33.23 10.62
CA SER E 35 37.81 -31.89 10.20
C SER E 35 39.29 -31.84 9.87
N GLU E 36 40.10 -32.66 10.54
CA GLU E 36 41.51 -32.75 10.21
C GLU E 36 41.77 -33.66 9.02
N PHE E 37 40.72 -34.28 8.46
CA PHE E 37 40.85 -35.03 7.22
C PHE E 37 40.21 -34.34 6.01
N LEU E 38 39.09 -33.65 6.20
CA LEU E 38 38.39 -33.05 5.07
C LEU E 38 39.17 -31.87 4.50
N ASP E 39 40.03 -31.24 5.28
CA ASP E 39 40.87 -30.16 4.79
C ASP E 39 42.11 -30.68 4.06
N LYS E 40 42.34 -32.00 4.02
CA LYS E 40 43.47 -32.52 3.26
C LYS E 40 43.06 -33.17 1.94
N LEU E 41 41.76 -33.43 1.75
CA LEU E 41 41.28 -33.82 0.42
C LEU E 41 41.34 -32.65 -0.55
N MET E 42 40.75 -31.51 -0.17
CA MET E 42 40.80 -30.30 -0.96
C MET E 42 41.85 -29.32 -0.47
N GLY E 43 42.97 -29.83 0.06
CA GLY E 43 44.05 -29.01 0.54
C GLY E 43 44.85 -28.37 -0.60
N LYS E 44 45.86 -27.61 -0.19
CA LYS E 44 46.74 -26.97 -1.17
C LYS E 44 47.59 -27.98 -1.90
N VAL E 45 48.29 -28.84 -1.17
CA VAL E 45 49.07 -29.93 -1.80
C VAL E 45 48.13 -31.12 -1.89
N SER E 46 47.31 -31.09 -2.95
CA SER E 46 46.43 -32.19 -3.33
C SER E 46 45.91 -31.90 -4.73
N GLY E 47 45.60 -32.96 -5.48
CA GLY E 47 45.12 -32.82 -6.83
C GLY E 47 43.66 -32.39 -6.93
N TYR E 48 43.34 -31.23 -6.36
CA TYR E 48 41.99 -30.68 -6.41
C TYR E 48 42.06 -29.21 -6.80
N ASP E 49 41.29 -28.83 -7.82
CA ASP E 49 41.02 -27.44 -8.14
C ASP E 49 39.54 -27.16 -7.92
N ALA E 50 39.25 -26.03 -7.29
CA ALA E 50 37.86 -25.73 -6.94
C ALA E 50 37.06 -25.31 -8.16
N ARG E 51 37.67 -24.55 -9.07
CA ARG E 51 36.99 -24.08 -10.28
C ARG E 51 37.37 -24.95 -11.48
N ILE E 52 37.01 -26.23 -11.39
CA ILE E 52 37.22 -27.16 -12.49
C ILE E 52 36.10 -28.20 -12.46
N ARG E 53 35.78 -28.72 -13.64
CA ARG E 53 34.70 -29.70 -13.74
C ARG E 53 35.21 -31.07 -13.30
N PRO E 54 34.37 -31.87 -12.64
CA PRO E 54 34.71 -33.28 -12.43
C PRO E 54 34.82 -34.02 -13.77
N ASN E 55 35.73 -35.00 -13.79
CA ASN E 55 36.20 -35.73 -14.99
C ASN E 55 36.33 -34.82 -16.21
N PHE E 56 37.21 -33.83 -16.05
CA PHE E 56 37.44 -32.81 -17.06
C PHE E 56 37.91 -33.42 -18.38
N LYS E 57 37.55 -32.75 -19.48
CA LYS E 57 37.79 -33.21 -20.85
C LYS E 57 37.19 -34.60 -21.08
N GLY E 58 36.00 -34.82 -20.53
CA GLY E 58 35.33 -36.11 -20.63
C GLY E 58 33.84 -35.97 -20.80
N PRO E 59 33.09 -36.99 -20.36
CA PRO E 59 31.64 -36.92 -20.47
C PRO E 59 31.05 -35.93 -19.47
N PRO E 60 29.88 -35.36 -19.77
CA PRO E 60 29.29 -34.36 -18.87
C PRO E 60 28.75 -34.98 -17.58
N VAL E 61 28.98 -34.29 -16.47
CA VAL E 61 28.52 -34.73 -15.16
C VAL E 61 27.08 -34.25 -14.92
N ASN E 62 26.14 -35.20 -14.89
CA ASN E 62 24.76 -34.84 -14.66
C ASN E 62 24.45 -34.81 -13.17
N VAL E 63 23.39 -34.06 -12.82
CA VAL E 63 22.95 -33.89 -11.45
C VAL E 63 21.46 -34.25 -11.36
N THR E 64 21.02 -34.57 -10.15
CA THR E 64 19.65 -34.94 -9.86
C THR E 64 19.09 -33.93 -8.87
N CYS E 65 17.99 -33.29 -9.21
CA CYS E 65 17.43 -32.20 -8.43
C CYS E 65 16.16 -32.63 -7.70
N ASN E 66 15.87 -31.93 -6.62
CA ASN E 66 14.65 -32.14 -5.84
C ASN E 66 14.23 -30.82 -5.22
N ILE E 67 12.92 -30.58 -5.19
CA ILE E 67 12.35 -29.32 -4.70
C ILE E 67 11.29 -29.65 -3.66
N PHE E 68 11.41 -29.04 -2.48
CA PHE E 68 10.42 -29.17 -1.42
C PHE E 68 9.92 -27.77 -1.06
N ILE E 69 8.67 -27.47 -1.43
CA ILE E 69 8.07 -26.18 -1.14
C ILE E 69 7.57 -26.18 0.30
N ASN E 70 8.06 -25.22 1.11
CA ASN E 70 7.51 -25.02 2.44
C ASN E 70 6.28 -24.13 2.40
N SER E 71 6.40 -22.95 1.82
CA SER E 71 5.32 -21.97 1.79
C SER E 71 5.13 -21.45 0.37
N PHE E 72 3.92 -20.96 0.11
CA PHE E 72 3.51 -20.54 -1.23
C PHE E 72 2.45 -19.47 -1.07
N GLY E 73 2.59 -18.37 -1.81
CA GLY E 73 1.58 -17.34 -1.79
C GLY E 73 2.15 -15.99 -2.19
N SER E 74 1.44 -14.94 -1.78
CA SER E 74 1.64 -13.56 -2.23
C SER E 74 1.64 -13.48 -3.76
N ILE E 75 0.60 -14.08 -4.36
CA ILE E 75 0.41 -14.08 -5.81
C ILE E 75 -0.14 -12.71 -6.20
N ALA E 76 0.73 -11.84 -6.72
CA ALA E 76 0.37 -10.48 -7.07
C ALA E 76 0.32 -10.32 -8.59
N GLU E 77 -0.73 -9.64 -9.07
CA GLU E 77 -0.94 -9.47 -10.50
C GLU E 77 -0.36 -8.18 -11.05
N THR E 78 -0.12 -7.19 -10.18
CA THR E 78 0.39 -5.90 -10.65
C THR E 78 1.83 -6.02 -11.13
N THR E 79 2.68 -6.67 -10.35
CA THR E 79 4.05 -6.94 -10.75
C THR E 79 4.24 -8.33 -11.32
N MET E 80 3.16 -9.13 -11.39
CA MET E 80 3.10 -10.37 -12.17
C MET E 80 4.12 -11.41 -11.70
N ASP E 81 4.02 -11.78 -10.43
CA ASP E 81 4.98 -12.72 -9.86
C ASP E 81 4.33 -13.42 -8.66
N TYR E 82 5.12 -14.31 -8.05
CA TYR E 82 4.74 -14.95 -6.80
C TYR E 82 6.02 -15.30 -6.06
N ARG E 83 5.88 -15.78 -4.83
CA ARG E 83 7.03 -15.93 -3.95
C ARG E 83 6.97 -17.28 -3.26
N VAL E 84 8.12 -17.98 -3.22
CA VAL E 84 8.19 -19.33 -2.69
C VAL E 84 9.33 -19.41 -1.67
N ASN E 85 9.29 -20.53 -0.93
CA ASN E 85 10.35 -20.97 -0.02
C ASN E 85 10.68 -22.41 -0.37
N ILE E 86 11.80 -22.64 -1.03
CA ILE E 86 12.09 -23.99 -1.51
C ILE E 86 13.26 -24.59 -0.74
N PHE E 87 13.37 -25.90 -0.82
CA PHE E 87 14.48 -26.71 -0.32
C PHE E 87 15.14 -27.39 -1.52
N LEU E 88 16.02 -26.69 -2.19
CA LEU E 88 16.66 -27.23 -3.39
C LEU E 88 17.72 -28.22 -2.97
N ARG E 89 17.61 -29.45 -3.44
CA ARG E 89 18.57 -30.50 -3.12
C ARG E 89 19.14 -31.07 -4.42
N GLN E 90 20.47 -31.09 -4.52
CA GLN E 90 21.16 -31.62 -5.69
C GLN E 90 22.01 -32.81 -5.29
N GLN E 91 22.14 -33.75 -6.24
CA GLN E 91 22.92 -34.96 -6.04
C GLN E 91 23.74 -35.19 -7.31
N TRP E 92 25.06 -35.12 -7.20
CA TRP E 92 25.90 -35.46 -8.35
C TRP E 92 27.06 -36.36 -7.95
N ASN E 93 27.63 -37.03 -8.94
CA ASN E 93 28.79 -37.87 -8.70
C ASN E 93 30.06 -37.09 -9.02
N ASP E 94 31.16 -37.46 -8.34
CA ASP E 94 32.46 -36.88 -8.55
C ASP E 94 33.49 -38.00 -8.48
N PRO E 95 34.43 -38.07 -9.43
CA PRO E 95 35.28 -39.27 -9.50
C PRO E 95 36.35 -39.32 -8.41
N ARG E 96 36.90 -38.17 -8.01
CA ARG E 96 37.79 -38.12 -6.86
C ARG E 96 36.95 -37.95 -5.59
N LEU E 97 37.62 -37.60 -4.48
CA LEU E 97 37.03 -37.47 -3.14
C LEU E 97 36.37 -38.78 -2.71
N ALA E 98 37.19 -39.81 -2.56
CA ALA E 98 36.77 -41.10 -2.03
C ALA E 98 37.74 -41.53 -0.94
N TYR E 99 37.20 -42.14 0.12
CA TYR E 99 38.03 -42.56 1.24
C TYR E 99 38.46 -44.01 1.08
N SER E 100 37.50 -44.93 1.07
CA SER E 100 37.67 -46.39 0.96
C SER E 100 38.46 -47.00 2.11
N GLU E 101 38.74 -46.24 3.18
CA GLU E 101 39.48 -46.80 4.31
C GLU E 101 39.01 -46.27 5.66
N TYR E 102 37.86 -45.61 5.72
CA TYR E 102 37.36 -45.03 6.95
C TYR E 102 36.02 -45.65 7.33
N PRO E 103 35.71 -45.73 8.63
CA PRO E 103 34.43 -46.36 9.03
C PRO E 103 33.22 -45.48 8.75
N ASP E 104 33.34 -44.17 8.94
CA ASP E 104 32.23 -43.26 8.67
C ASP E 104 32.01 -43.13 7.17
N ASP E 105 30.81 -43.52 6.72
CA ASP E 105 30.47 -43.49 5.31
C ASP E 105 30.01 -42.13 4.82
N SER E 106 29.72 -41.19 5.72
CA SER E 106 29.15 -39.90 5.36
C SER E 106 29.89 -38.81 6.10
N LEU E 107 30.46 -37.87 5.35
CA LEU E 107 31.16 -36.73 5.92
C LEU E 107 30.30 -35.47 5.75
N ASP E 108 30.56 -34.48 6.59
CA ASP E 108 29.83 -33.22 6.54
C ASP E 108 30.80 -32.06 6.45
N LEU E 109 30.58 -31.18 5.48
CA LEU E 109 31.41 -29.99 5.28
C LEU E 109 30.81 -28.79 5.99
N ASP E 110 31.67 -27.91 6.47
CA ASP E 110 31.21 -26.76 7.25
C ASP E 110 30.62 -25.70 6.33
N PRO E 111 29.44 -25.15 6.66
CA PRO E 111 28.78 -24.19 5.75
C PRO E 111 29.49 -22.85 5.60
N SER E 112 30.57 -22.60 6.35
CA SER E 112 31.36 -21.39 6.13
C SER E 112 32.21 -21.51 4.87
N MET E 113 33.02 -22.57 4.79
CA MET E 113 34.00 -22.71 3.71
C MET E 113 33.43 -23.55 2.57
N LEU E 114 32.28 -23.09 2.06
CA LEU E 114 31.67 -23.71 0.88
C LEU E 114 32.45 -23.43 -0.39
N ASP E 115 33.36 -22.44 -0.37
CA ASP E 115 34.13 -22.08 -1.55
C ASP E 115 35.21 -23.10 -1.89
N SER E 116 35.49 -24.05 -1.01
CA SER E 116 36.53 -25.04 -1.27
C SER E 116 36.06 -26.10 -2.27
N ILE E 117 34.77 -26.42 -2.29
CA ILE E 117 34.27 -27.49 -3.13
C ILE E 117 33.73 -26.89 -4.44
N TRP E 118 33.60 -27.75 -5.44
CA TRP E 118 32.98 -27.37 -6.71
C TRP E 118 31.47 -27.54 -6.61
N LYS E 119 30.73 -26.54 -7.05
CA LYS E 119 29.27 -26.63 -7.14
C LYS E 119 28.83 -26.24 -8.54
N PRO E 120 27.80 -26.91 -9.08
CA PRO E 120 27.36 -26.60 -10.44
C PRO E 120 26.59 -25.29 -10.49
N ASP E 121 26.90 -24.47 -11.49
CA ASP E 121 26.28 -23.17 -11.64
C ASP E 121 24.81 -23.32 -12.07
N LEU E 122 23.91 -22.99 -11.16
CA LEU E 122 22.47 -23.13 -11.38
C LEU E 122 21.81 -21.79 -11.11
N PHE E 123 20.89 -21.38 -11.97
CA PHE E 123 20.10 -20.18 -11.67
C PHE E 123 18.70 -20.33 -12.24
N PHE E 124 17.76 -19.60 -11.64
CA PHE E 124 16.38 -19.65 -12.10
C PHE E 124 16.17 -18.61 -13.19
N ALA E 125 15.53 -19.04 -14.29
CA ALA E 125 15.49 -18.21 -15.49
C ALA E 125 14.51 -17.05 -15.34
N ASN E 126 13.36 -17.29 -14.69
CA ASN E 126 12.29 -16.31 -14.62
C ASN E 126 12.09 -15.75 -13.22
N GLU E 127 13.17 -15.60 -12.46
CA GLU E 127 13.09 -15.10 -11.10
C GLU E 127 13.38 -13.60 -11.06
N LYS E 128 12.69 -12.91 -10.16
CA LYS E 128 12.89 -11.47 -9.97
C LYS E 128 13.95 -11.18 -8.92
N GLY E 129 13.85 -11.85 -7.77
CA GLY E 129 14.80 -11.67 -6.69
C GLY E 129 14.89 -12.91 -5.85
N ALA E 130 16.05 -13.14 -5.26
CA ALA E 130 16.26 -14.36 -4.49
C ALA E 130 17.23 -14.07 -3.36
N ASN E 131 17.12 -14.85 -2.29
CA ASN E 131 18.07 -14.76 -1.19
C ASN E 131 18.08 -16.04 -0.36
N PHE E 132 19.16 -16.17 0.41
CA PHE E 132 19.38 -17.26 1.34
C PHE E 132 18.60 -16.99 2.63
N HIS E 133 18.85 -17.80 3.65
CA HIS E 133 18.22 -17.64 4.96
C HIS E 133 19.31 -17.42 6.01
N GLU E 134 19.05 -16.52 6.96
CA GLU E 134 20.08 -16.05 7.86
C GLU E 134 19.65 -16.28 9.32
N VAL E 135 19.17 -17.49 9.61
CA VAL E 135 18.81 -17.89 10.96
C VAL E 135 20.14 -18.31 11.61
N THR E 136 20.12 -18.63 12.92
CA THR E 136 21.28 -18.83 13.79
C THR E 136 22.44 -19.64 13.20
N THR E 137 22.11 -20.59 12.32
CA THR E 137 23.13 -21.26 11.52
C THR E 137 22.89 -20.98 10.03
N ASP E 138 23.98 -21.02 9.27
CA ASP E 138 23.89 -20.92 7.82
C ASP E 138 23.20 -22.16 7.27
N ASN E 139 22.05 -21.96 6.63
CA ASN E 139 21.19 -23.04 6.17
C ASN E 139 21.78 -23.68 4.92
N LYS E 140 22.85 -24.45 5.13
CA LYS E 140 23.52 -25.16 4.06
C LYS E 140 23.81 -26.58 4.54
N LEU E 141 24.05 -27.47 3.57
CA LEU E 141 24.31 -28.87 3.89
C LEU E 141 25.13 -29.48 2.76
N LEU E 142 26.22 -30.14 3.12
CA LEU E 142 27.06 -30.87 2.17
C LEU E 142 27.35 -32.24 2.73
N ARG E 143 27.19 -33.27 1.88
CA ARG E 143 27.36 -34.65 2.32
C ARG E 143 28.10 -35.42 1.23
N ILE E 144 29.24 -36.01 1.60
CA ILE E 144 30.10 -36.73 0.67
C ILE E 144 30.10 -38.19 1.10
N SER E 145 29.65 -39.06 0.20
CA SER E 145 29.56 -40.49 0.49
C SER E 145 30.90 -41.16 0.22
N LYS E 146 30.91 -42.50 0.23
CA LYS E 146 32.15 -43.25 0.08
C LYS E 146 32.67 -43.16 -1.35
N ASN E 147 31.80 -43.44 -2.33
CA ASN E 147 32.23 -43.48 -3.73
C ASN E 147 32.53 -42.10 -4.29
N GLY E 148 32.04 -41.05 -3.66
CA GLY E 148 32.22 -39.70 -4.18
C GLY E 148 30.95 -38.99 -4.56
N ASN E 149 29.79 -39.54 -4.21
CA ASN E 149 28.54 -38.86 -4.45
C ASN E 149 28.38 -37.69 -3.49
N VAL E 150 27.91 -36.56 -4.00
CA VAL E 150 27.76 -35.32 -3.25
C VAL E 150 26.28 -34.97 -3.20
N LEU E 151 25.80 -34.71 -2.00
CA LEU E 151 24.44 -34.22 -1.71
C LEU E 151 24.55 -32.81 -1.16
N TYR E 152 23.88 -31.87 -1.82
CA TYR E 152 23.98 -30.45 -1.49
C TYR E 152 22.56 -29.91 -1.38
N SER E 153 22.13 -29.58 -0.15
CA SER E 153 20.76 -29.19 0.12
C SER E 153 20.74 -27.85 0.83
N ILE E 154 20.08 -26.86 0.21
CA ILE E 154 19.96 -25.53 0.75
C ILE E 154 18.48 -25.21 0.96
N ARG E 155 18.22 -24.08 1.61
CA ARG E 155 16.88 -23.58 1.87
C ARG E 155 16.86 -22.11 1.50
N ILE E 156 16.15 -21.77 0.42
CA ILE E 156 16.21 -20.41 -0.11
C ILE E 156 14.78 -19.89 -0.31
N THR E 157 14.66 -18.57 -0.39
CA THR E 157 13.38 -17.99 -0.76
C THR E 157 13.55 -17.03 -1.93
N LEU E 158 12.55 -17.02 -2.80
CA LEU E 158 12.72 -16.34 -4.09
C LEU E 158 11.38 -16.04 -4.75
N VAL E 159 11.41 -15.06 -5.65
CA VAL E 159 10.22 -14.50 -6.30
C VAL E 159 10.27 -14.79 -7.78
N LEU E 160 9.38 -15.67 -8.25
CA LEU E 160 9.35 -16.10 -9.65
C LEU E 160 8.33 -15.26 -10.41
N ALA E 161 8.74 -14.76 -11.58
CA ALA E 161 7.83 -14.03 -12.45
C ALA E 161 6.95 -15.00 -13.21
N CYS E 162 5.65 -14.71 -13.25
CA CYS E 162 4.73 -15.47 -14.08
C CYS E 162 3.78 -14.50 -14.76
N PRO E 163 3.52 -14.69 -16.06
CA PRO E 163 2.52 -13.83 -16.73
C PRO E 163 1.12 -14.41 -16.63
N MET E 164 0.15 -13.57 -16.29
CA MET E 164 -1.24 -14.00 -16.11
C MET E 164 -2.11 -13.34 -17.17
N ASP E 165 -3.10 -14.09 -17.67
CA ASP E 165 -4.06 -13.59 -18.65
C ASP E 165 -5.43 -13.64 -18.01
N LEU E 166 -6.12 -12.51 -17.95
CA LEU E 166 -7.40 -12.44 -17.26
C LEU E 166 -8.54 -12.08 -18.21
N LYS E 167 -8.57 -12.72 -19.38
CA LYS E 167 -9.67 -12.50 -20.31
C LYS E 167 -10.99 -13.02 -19.76
N ASN E 168 -10.95 -14.08 -18.96
CA ASN E 168 -12.13 -14.62 -18.27
C ASN E 168 -11.81 -14.69 -16.78
N PHE E 169 -12.03 -13.59 -16.07
CA PHE E 169 -11.38 -13.40 -14.76
C PHE E 169 -11.94 -14.32 -13.67
N PRO E 170 -13.24 -14.31 -13.34
CA PRO E 170 -13.67 -15.12 -12.18
C PRO E 170 -13.81 -16.61 -12.48
N MET E 171 -13.46 -17.08 -13.68
CA MET E 171 -13.48 -18.50 -13.99
C MET E 171 -12.14 -19.00 -14.54
N ASP E 172 -11.06 -18.25 -14.31
CA ASP E 172 -9.81 -18.58 -14.97
C ASP E 172 -9.07 -19.70 -14.26
N VAL E 173 -8.22 -20.39 -15.01
CA VAL E 173 -7.18 -21.24 -14.48
C VAL E 173 -5.85 -20.60 -14.85
N GLN E 174 -4.85 -20.80 -14.00
CA GLN E 174 -3.54 -20.21 -14.21
C GLN E 174 -2.47 -21.29 -14.17
N THR E 175 -1.52 -21.20 -15.10
CA THR E 175 -0.37 -22.08 -15.15
C THR E 175 0.85 -21.29 -14.73
N CYS E 176 1.45 -21.67 -13.60
CA CYS E 176 2.62 -20.97 -13.08
C CYS E 176 3.79 -21.94 -13.10
N ILE E 177 4.82 -21.60 -13.87
CA ILE E 177 5.92 -22.52 -14.10
C ILE E 177 7.17 -22.01 -13.39
N MET E 178 8.14 -22.90 -13.26
CA MET E 178 9.50 -22.52 -12.89
C MET E 178 10.44 -23.33 -13.76
N GLN E 179 11.64 -22.81 -13.99
CA GLN E 179 12.61 -23.47 -14.84
C GLN E 179 14.00 -23.05 -14.41
N LEU E 180 14.92 -24.01 -14.36
CA LEU E 180 16.23 -23.73 -13.82
C LEU E 180 17.34 -24.12 -14.80
N GLU E 181 18.27 -23.20 -15.02
CA GLU E 181 19.25 -23.27 -16.09
C GLU E 181 20.64 -23.45 -15.48
N SER E 182 21.62 -23.61 -16.39
CA SER E 182 23.03 -23.41 -16.14
C SER E 182 23.43 -22.01 -16.62
N PHE E 183 24.57 -21.54 -16.13
CA PHE E 183 25.07 -20.21 -16.46
C PHE E 183 26.48 -20.34 -17.03
N GLY E 184 26.56 -20.61 -18.34
CA GLY E 184 27.83 -20.68 -19.04
C GLY E 184 28.34 -22.07 -19.35
N TYR E 185 27.64 -23.13 -18.94
CA TYR E 185 28.03 -24.49 -19.26
C TYR E 185 27.09 -25.09 -20.29
N THR E 186 27.66 -25.70 -21.32
CA THR E 186 26.94 -26.26 -22.45
C THR E 186 26.30 -27.60 -22.09
N MET E 187 25.44 -28.08 -22.98
CA MET E 187 24.77 -29.37 -22.77
C MET E 187 25.76 -30.54 -22.81
N ASN E 188 26.83 -30.42 -23.59
CA ASN E 188 27.89 -31.42 -23.58
C ASN E 188 28.87 -31.24 -22.42
N ASP E 189 28.57 -30.34 -21.49
CA ASP E 189 29.41 -30.12 -20.32
C ASP E 189 28.67 -30.29 -19.00
N LEU E 190 27.36 -30.08 -18.97
CA LEU E 190 26.58 -30.19 -17.73
C LEU E 190 25.12 -30.39 -18.08
N ILE E 191 24.52 -31.46 -17.59
CA ILE E 191 23.13 -31.83 -17.88
C ILE E 191 22.36 -31.81 -16.58
N PHE E 192 21.10 -31.37 -16.64
CA PHE E 192 20.20 -31.43 -15.51
C PHE E 192 19.20 -32.55 -15.68
N GLU E 193 18.75 -33.11 -14.56
CA GLU E 193 17.85 -34.26 -14.56
C GLU E 193 16.89 -34.17 -13.38
N TRP E 194 15.60 -34.39 -13.63
CA TRP E 194 14.65 -34.53 -12.55
C TRP E 194 14.85 -35.87 -11.83
N ASP E 195 14.39 -35.92 -10.58
CA ASP E 195 14.46 -37.17 -9.85
C ASP E 195 13.37 -38.13 -10.33
N GLU E 196 13.58 -39.41 -10.04
CA GLU E 196 12.68 -40.43 -10.58
C GLU E 196 11.42 -40.59 -9.73
N LYS E 197 11.57 -40.54 -8.40
CA LYS E 197 10.45 -40.73 -7.49
C LYS E 197 10.41 -39.57 -6.51
N GLY E 198 9.33 -38.79 -6.58
CA GLY E 198 9.17 -37.65 -5.68
C GLY E 198 10.14 -36.53 -5.96
N ALA E 199 10.10 -35.98 -7.18
CA ALA E 199 11.00 -34.88 -7.51
C ALA E 199 10.54 -33.57 -6.90
N VAL E 200 9.25 -33.27 -6.98
CA VAL E 200 8.68 -32.04 -6.43
C VAL E 200 7.65 -32.43 -5.38
N GLN E 201 7.91 -32.04 -4.13
CA GLN E 201 7.02 -32.33 -3.02
C GLN E 201 6.48 -31.03 -2.43
N VAL E 202 5.26 -31.11 -1.90
CA VAL E 202 4.57 -29.96 -1.35
C VAL E 202 4.12 -30.31 0.07
N ALA E 203 4.52 -29.48 1.04
CA ALA E 203 4.09 -29.68 2.42
C ALA E 203 2.60 -29.43 2.57
N ASP E 204 2.02 -30.10 3.56
CA ASP E 204 0.56 -30.16 3.69
C ASP E 204 0.03 -28.90 4.37
N GLY E 205 -1.18 -28.51 3.98
CA GLY E 205 -1.85 -27.39 4.62
C GLY E 205 -1.29 -26.03 4.25
N LEU E 206 -1.47 -25.63 2.98
CA LEU E 206 -0.93 -24.36 2.51
C LEU E 206 -1.96 -23.23 2.56
N THR E 207 -3.18 -23.48 2.08
CA THR E 207 -4.35 -22.60 2.25
C THR E 207 -4.08 -21.22 1.65
N LEU E 208 -4.00 -21.22 0.32
CA LEU E 208 -3.90 -19.98 -0.43
C LEU E 208 -5.14 -19.11 -0.21
N PRO E 209 -4.98 -17.79 -0.21
CA PRO E 209 -6.15 -16.91 0.02
C PRO E 209 -7.04 -16.75 -1.20
N GLN E 210 -6.51 -16.94 -2.41
CA GLN E 210 -7.26 -16.74 -3.65
C GLN E 210 -7.45 -18.02 -4.43
N PHE E 211 -6.38 -18.75 -4.72
CA PHE E 211 -6.44 -19.88 -5.64
C PHE E 211 -6.55 -21.19 -4.87
N ILE E 212 -6.56 -22.28 -5.62
CA ILE E 212 -6.45 -23.64 -5.11
C ILE E 212 -5.43 -24.36 -5.98
N LEU E 213 -4.36 -24.83 -5.35
CA LEU E 213 -3.31 -25.57 -6.05
C LEU E 213 -3.76 -27.00 -6.31
N LYS E 214 -3.34 -27.53 -7.46
CA LYS E 214 -3.70 -28.88 -7.87
C LYS E 214 -2.47 -29.77 -7.86
N GLU E 215 -2.70 -31.08 -7.73
CA GLU E 215 -1.61 -32.05 -7.66
C GLU E 215 -1.26 -32.60 -9.04
N GLU E 216 -1.04 -31.72 -10.01
CA GLU E 216 -0.60 -32.15 -11.33
C GLU E 216 0.92 -32.34 -11.36
N LYS E 217 1.66 -31.25 -11.15
CA LYS E 217 3.13 -31.23 -10.99
C LYS E 217 3.84 -31.87 -12.17
N ASP E 218 3.45 -31.48 -13.39
CA ASP E 218 4.06 -32.04 -14.58
C ASP E 218 5.44 -31.43 -14.78
N LEU E 219 6.44 -32.28 -15.03
CA LEU E 219 7.84 -31.89 -15.08
C LEU E 219 8.36 -32.07 -16.50
N ARG E 220 8.79 -30.97 -17.12
CA ARG E 220 9.20 -31.03 -18.51
C ARG E 220 10.67 -30.63 -18.64
N TYR E 221 11.12 -30.55 -19.90
CA TYR E 221 12.49 -30.21 -20.26
C TYR E 221 12.48 -29.04 -21.22
N CYS E 222 13.53 -28.22 -21.14
CA CYS E 222 13.82 -27.28 -22.22
C CYS E 222 15.29 -27.35 -22.60
N THR E 223 15.57 -27.01 -23.86
CA THR E 223 16.95 -26.91 -24.35
C THR E 223 17.12 -25.52 -24.95
N LYS E 224 17.84 -24.67 -24.22
CA LYS E 224 18.08 -23.29 -24.61
C LYS E 224 19.05 -23.26 -25.79
N HIS E 225 18.52 -23.12 -27.00
CA HIS E 225 19.35 -23.07 -28.20
C HIS E 225 19.82 -21.63 -28.39
N TYR E 226 21.12 -21.40 -28.24
CA TYR E 226 21.72 -20.09 -28.45
C TYR E 226 22.74 -20.16 -29.58
N ASN E 227 23.46 -19.06 -29.78
CA ASN E 227 24.56 -19.06 -30.74
C ASN E 227 25.72 -19.93 -30.27
N THR E 228 25.98 -19.94 -28.96
CA THR E 228 27.12 -20.67 -28.42
C THR E 228 26.88 -22.17 -28.40
N GLY E 229 25.65 -22.58 -28.09
CA GLY E 229 25.33 -23.99 -28.05
C GLY E 229 24.07 -24.22 -27.24
N LYS E 230 23.72 -25.51 -27.13
CA LYS E 230 22.54 -25.92 -26.38
C LYS E 230 22.81 -25.88 -24.89
N PHE E 231 21.85 -25.36 -24.13
CA PHE E 231 21.93 -25.33 -22.68
C PHE E 231 20.80 -26.17 -22.09
N THR E 232 21.07 -26.78 -20.95
CA THR E 232 20.11 -27.69 -20.34
C THR E 232 19.05 -26.92 -19.54
N CYS E 233 17.86 -27.51 -19.42
CA CYS E 233 16.82 -26.94 -18.59
C CYS E 233 15.84 -28.02 -18.17
N ILE E 234 15.35 -27.88 -16.95
CA ILE E 234 14.19 -28.61 -16.48
C ILE E 234 13.22 -27.59 -15.89
N GLU E 235 11.93 -27.94 -15.96
CA GLU E 235 10.86 -26.99 -15.65
C GLU E 235 9.73 -27.69 -14.92
N ALA E 236 9.38 -27.16 -13.76
CA ALA E 236 8.18 -27.57 -13.05
C ALA E 236 7.02 -26.67 -13.48
N ARG E 237 5.80 -27.13 -13.20
CA ARG E 237 4.61 -26.47 -13.74
C ARG E 237 3.44 -26.74 -12.81
N PHE E 238 2.93 -25.70 -12.17
CA PHE E 238 1.83 -25.81 -11.23
C PHE E 238 0.55 -25.27 -11.86
N HIS E 239 -0.58 -25.88 -11.48
CA HIS E 239 -1.90 -25.46 -11.92
C HIS E 239 -2.65 -24.87 -10.74
N LEU E 240 -3.20 -23.67 -10.93
CA LEU E 240 -3.96 -22.97 -9.91
C LEU E 240 -5.36 -22.71 -10.46
N GLU E 241 -6.38 -22.99 -9.65
CA GLU E 241 -7.76 -22.76 -10.05
C GLU E 241 -8.38 -21.77 -9.08
N ARG E 242 -9.10 -20.79 -9.61
CA ARG E 242 -9.64 -19.73 -8.78
C ARG E 242 -11.05 -20.09 -8.33
N GLN E 243 -11.31 -19.93 -7.04
CA GLN E 243 -12.66 -20.13 -6.54
C GLN E 243 -13.56 -18.97 -6.96
N MET E 244 -14.81 -19.28 -7.27
CA MET E 244 -15.82 -18.28 -7.58
C MET E 244 -16.93 -18.24 -6.55
N GLY E 245 -16.66 -18.69 -5.33
CA GLY E 245 -17.69 -18.70 -4.29
C GLY E 245 -18.07 -17.30 -3.83
N TYR E 246 -17.05 -16.48 -3.52
CA TYR E 246 -17.33 -15.10 -3.12
C TYR E 246 -17.82 -14.28 -4.31
N TYR E 247 -17.29 -14.56 -5.50
CA TYR E 247 -17.66 -13.81 -6.70
C TYR E 247 -19.05 -14.14 -7.18
N LEU E 248 -19.71 -15.15 -6.59
CA LEU E 248 -21.07 -15.55 -6.93
C LEU E 248 -22.06 -14.88 -6.00
N ILE E 249 -21.78 -14.95 -4.69
CA ILE E 249 -22.64 -14.33 -3.69
C ILE E 249 -22.62 -12.82 -3.88
N GLN E 250 -21.46 -12.25 -4.17
CA GLN E 250 -21.30 -10.81 -4.35
C GLN E 250 -20.95 -10.52 -5.81
N MET E 251 -21.66 -9.55 -6.40
CA MET E 251 -21.59 -8.98 -7.76
C MET E 251 -22.33 -9.80 -8.82
N TYR E 252 -22.93 -10.93 -8.47
CA TYR E 252 -23.72 -11.74 -9.39
C TYR E 252 -25.17 -11.86 -8.91
N ILE E 253 -25.37 -12.38 -7.70
CA ILE E 253 -26.73 -12.49 -7.16
C ILE E 253 -27.40 -11.13 -6.98
N PRO E 254 -26.75 -10.08 -6.42
CA PRO E 254 -27.45 -8.78 -6.36
C PRO E 254 -27.76 -8.18 -7.72
N SER E 255 -26.84 -8.32 -8.70
CA SER E 255 -27.10 -7.77 -10.02
C SER E 255 -28.24 -8.51 -10.71
N LEU E 256 -28.34 -9.82 -10.49
CA LEU E 256 -29.46 -10.56 -11.07
C LEU E 256 -30.75 -10.17 -10.40
N LEU E 257 -30.72 -9.99 -9.08
CA LEU E 257 -31.94 -9.69 -8.36
C LEU E 257 -32.43 -8.30 -8.74
N ILE E 258 -31.52 -7.35 -8.98
CA ILE E 258 -31.99 -6.02 -9.38
C ILE E 258 -32.41 -5.99 -10.85
N VAL E 259 -31.97 -6.94 -11.69
CA VAL E 259 -32.62 -7.07 -12.99
C VAL E 259 -34.05 -7.57 -12.83
N ILE E 260 -34.27 -8.49 -11.90
CA ILE E 260 -35.65 -8.95 -11.68
C ILE E 260 -36.47 -7.82 -11.03
N LEU E 261 -35.81 -6.97 -10.25
CA LEU E 261 -36.47 -5.80 -9.66
C LEU E 261 -36.79 -4.76 -10.72
N SER E 262 -35.98 -4.66 -11.78
CA SER E 262 -36.33 -3.75 -12.86
C SER E 262 -37.49 -4.32 -13.66
N TRP E 263 -37.65 -5.64 -13.65
CA TRP E 263 -38.75 -6.26 -14.39
C TRP E 263 -40.09 -6.10 -13.69
N VAL E 264 -40.10 -5.57 -12.45
CA VAL E 264 -41.34 -5.30 -11.74
C VAL E 264 -42.14 -4.21 -12.46
N SER E 265 -41.45 -3.28 -13.12
CA SER E 265 -42.09 -2.19 -13.86
C SER E 265 -42.88 -2.65 -15.09
N PHE E 266 -42.81 -3.93 -15.46
CA PHE E 266 -43.71 -4.45 -16.49
C PHE E 266 -45.04 -4.92 -15.94
N TRP E 267 -45.23 -4.91 -14.62
CA TRP E 267 -46.45 -5.37 -13.99
C TRP E 267 -47.22 -4.25 -13.29
N ILE E 268 -46.85 -3.00 -13.53
CA ILE E 268 -47.50 -1.85 -12.93
C ILE E 268 -48.18 -1.05 -14.04
N ASN E 269 -49.37 -0.53 -13.75
CA ASN E 269 -50.18 0.17 -14.74
C ASN E 269 -49.50 1.47 -15.19
N MET E 270 -49.89 1.92 -16.38
CA MET E 270 -49.19 3.02 -17.04
C MET E 270 -49.53 4.38 -16.45
N ASP E 271 -50.74 4.56 -15.91
CA ASP E 271 -51.13 5.85 -15.38
C ASP E 271 -50.41 6.20 -14.08
N ALA E 272 -49.82 5.22 -13.39
CA ALA E 272 -48.94 5.48 -12.26
C ALA E 272 -47.56 5.85 -12.81
N ALA E 273 -47.43 7.10 -13.25
CA ALA E 273 -46.20 7.50 -13.93
C ALA E 273 -45.01 7.69 -12.99
N PRO E 274 -45.09 8.45 -11.88
CA PRO E 274 -43.88 8.62 -11.06
C PRO E 274 -43.50 7.39 -10.28
N ALA E 275 -44.39 6.39 -10.18
CA ALA E 275 -44.02 5.14 -9.53
C ALA E 275 -43.07 4.35 -10.41
N ARG E 276 -43.44 4.17 -11.69
CA ARG E 276 -42.62 3.37 -12.58
C ARG E 276 -41.36 4.12 -12.98
N VAL E 277 -41.42 5.46 -13.05
CA VAL E 277 -40.20 6.23 -13.33
C VAL E 277 -39.26 6.17 -12.14
N GLY E 278 -39.78 6.33 -10.92
CA GLY E 278 -38.96 6.25 -9.73
C GLY E 278 -38.39 4.86 -9.50
N LEU E 279 -39.09 3.82 -9.93
CA LEU E 279 -38.50 2.49 -9.87
C LEU E 279 -37.42 2.32 -10.92
N GLY E 280 -37.62 2.89 -12.12
CA GLY E 280 -36.70 2.63 -13.21
C GLY E 280 -35.37 3.32 -13.00
N ILE E 281 -35.40 4.59 -12.58
CA ILE E 281 -34.15 5.31 -12.51
C ILE E 281 -33.41 4.85 -11.26
N THR E 282 -34.13 4.46 -10.20
CA THR E 282 -33.44 4.00 -9.01
C THR E 282 -32.84 2.61 -9.23
N THR E 283 -33.45 1.81 -10.12
CA THR E 283 -32.83 0.53 -10.48
C THR E 283 -31.55 0.76 -11.27
N VAL E 284 -31.53 1.79 -12.13
CA VAL E 284 -30.30 2.16 -12.82
C VAL E 284 -29.25 2.65 -11.83
N LEU E 285 -29.69 3.43 -10.84
CA LEU E 285 -28.79 3.94 -9.79
C LEU E 285 -28.25 2.79 -8.95
N THR E 286 -29.09 1.79 -8.70
CA THR E 286 -28.64 0.63 -7.94
C THR E 286 -27.62 -0.18 -8.73
N MET E 287 -27.82 -0.29 -10.04
CA MET E 287 -26.86 -1.02 -10.87
C MET E 287 -25.52 -0.28 -10.96
N THR E 288 -25.54 1.06 -11.00
CA THR E 288 -24.28 1.79 -11.08
C THR E 288 -23.53 1.72 -9.74
N THR E 289 -24.23 1.92 -8.61
CA THR E 289 -23.51 1.84 -7.34
C THR E 289 -23.13 0.41 -6.98
N GLN E 290 -23.78 -0.59 -7.58
CA GLN E 290 -23.32 -1.96 -7.44
C GLN E 290 -22.06 -2.21 -8.25
N SER E 291 -21.96 -1.62 -9.44
CA SER E 291 -20.77 -1.82 -10.28
C SER E 291 -19.57 -1.03 -9.76
N SER E 292 -19.72 0.29 -9.62
CA SER E 292 -18.62 1.16 -9.21
C SER E 292 -18.22 0.95 -7.75
N GLY E 293 -19.12 0.43 -6.91
CA GLY E 293 -18.75 0.11 -5.55
C GLY E 293 -17.83 -1.08 -5.42
N SER E 294 -17.75 -1.93 -6.44
CA SER E 294 -16.96 -3.16 -6.39
C SER E 294 -15.66 -3.05 -7.15
N ARG E 295 -15.40 -1.93 -7.83
CA ARG E 295 -14.23 -1.83 -8.71
C ARG E 295 -12.93 -1.76 -7.93
N ALA E 296 -12.96 -1.32 -6.67
CA ALA E 296 -11.74 -1.31 -5.87
C ALA E 296 -11.32 -2.71 -5.45
N SER E 297 -12.27 -3.65 -5.38
CA SER E 297 -11.93 -5.02 -4.98
C SER E 297 -11.38 -5.84 -6.13
N LEU E 298 -11.74 -5.49 -7.36
CA LEU E 298 -11.27 -6.24 -8.52
C LEU E 298 -9.81 -5.91 -8.83
N PRO E 299 -9.09 -6.82 -9.47
CA PRO E 299 -7.76 -6.49 -9.96
C PRO E 299 -7.83 -5.53 -11.14
N LYS E 300 -6.74 -4.79 -11.35
CA LYS E 300 -6.70 -3.69 -12.30
C LYS E 300 -5.95 -4.11 -13.56
N VAL E 301 -6.67 -4.19 -14.68
CA VAL E 301 -6.09 -4.40 -15.99
C VAL E 301 -6.73 -3.41 -16.96
N SER E 302 -6.19 -3.37 -18.18
CA SER E 302 -6.65 -2.42 -19.19
C SER E 302 -7.51 -3.05 -20.27
N TYR E 303 -7.65 -4.37 -20.28
CA TYR E 303 -8.50 -5.05 -21.24
C TYR E 303 -9.78 -5.52 -20.56
N VAL E 304 -10.69 -6.07 -21.35
CA VAL E 304 -11.99 -6.49 -20.83
C VAL E 304 -11.84 -7.81 -20.09
N LYS E 305 -12.75 -8.03 -19.14
CA LYS E 305 -12.84 -9.26 -18.37
C LYS E 305 -14.24 -9.85 -18.53
N ALA E 306 -14.51 -10.90 -17.76
CA ALA E 306 -15.84 -11.50 -17.77
C ALA E 306 -16.82 -10.77 -16.86
N ILE E 307 -16.32 -10.00 -15.90
CA ILE E 307 -17.19 -9.34 -14.93
C ILE E 307 -17.85 -8.11 -15.54
N ASP E 308 -17.10 -7.30 -16.28
CA ASP E 308 -17.69 -6.08 -16.80
C ASP E 308 -18.51 -6.28 -18.07
N ILE E 309 -18.42 -7.45 -18.71
CA ILE E 309 -19.41 -7.80 -19.72
C ILE E 309 -20.76 -8.07 -19.07
N TRP E 310 -20.75 -8.76 -17.93
CA TRP E 310 -21.99 -8.96 -17.17
C TRP E 310 -22.52 -7.65 -16.61
N MET E 311 -21.62 -6.75 -16.21
CA MET E 311 -22.08 -5.47 -15.69
C MET E 311 -22.58 -4.56 -16.81
N ALA E 312 -22.10 -4.77 -18.04
CA ALA E 312 -22.58 -3.98 -19.16
C ALA E 312 -23.94 -4.46 -19.61
N VAL E 313 -24.15 -5.78 -19.66
CA VAL E 313 -25.44 -6.27 -20.11
C VAL E 313 -26.50 -6.04 -19.03
N CYS E 314 -26.10 -6.16 -17.76
CA CYS E 314 -27.02 -5.87 -16.66
C CYS E 314 -27.38 -4.39 -16.60
N LEU E 315 -26.46 -3.49 -17.00
CA LEU E 315 -26.83 -2.09 -17.10
C LEU E 315 -27.68 -1.83 -18.36
N LEU E 316 -27.46 -2.59 -19.42
CA LEU E 316 -28.22 -2.36 -20.65
C LEU E 316 -29.65 -2.87 -20.54
N PHE E 317 -29.89 -3.80 -19.60
CA PHE E 317 -31.25 -4.28 -19.40
C PHE E 317 -32.07 -3.26 -18.62
N VAL E 318 -31.50 -2.68 -17.56
CA VAL E 318 -32.23 -1.65 -16.83
C VAL E 318 -32.29 -0.36 -17.65
N PHE E 319 -31.40 -0.20 -18.64
CA PHE E 319 -31.57 0.85 -19.65
C PHE E 319 -32.77 0.57 -20.55
N SER E 320 -32.95 -0.69 -20.95
CA SER E 320 -34.00 -0.97 -21.93
C SER E 320 -35.36 -1.06 -21.28
N ALA E 321 -35.42 -1.37 -19.98
CA ALA E 321 -36.71 -1.38 -19.30
C ALA E 321 -37.23 0.02 -19.03
N LEU E 322 -36.37 1.04 -19.11
CA LEU E 322 -36.85 2.41 -19.01
C LEU E 322 -37.14 2.98 -20.39
N LEU E 323 -36.39 2.55 -21.42
CA LEU E 323 -36.72 3.00 -22.76
C LEU E 323 -38.04 2.39 -23.23
N GLU E 324 -38.39 1.19 -22.74
CA GLU E 324 -39.68 0.61 -23.08
C GLU E 324 -40.81 1.43 -22.43
N TYR E 325 -40.55 1.95 -21.23
CA TYR E 325 -41.55 2.78 -20.56
C TYR E 325 -41.69 4.12 -21.24
N ALA E 326 -40.58 4.69 -21.73
CA ALA E 326 -40.70 5.95 -22.47
C ALA E 326 -41.42 5.76 -23.81
N ALA E 327 -41.23 4.59 -24.44
CA ALA E 327 -41.95 4.29 -25.67
C ALA E 327 -43.42 4.01 -25.42
N VAL E 328 -43.78 3.57 -24.21
CA VAL E 328 -45.19 3.36 -23.89
C VAL E 328 -45.85 4.69 -23.50
N ASN E 329 -45.19 5.45 -22.62
CA ASN E 329 -45.74 6.69 -22.10
C ASN E 329 -45.85 7.77 -23.18
N PHE E 330 -45.02 7.71 -24.24
CA PHE E 330 -45.20 8.67 -25.33
C PHE E 330 -46.51 8.42 -26.06
N ILE E 331 -46.88 7.14 -26.21
CA ILE E 331 -48.10 6.79 -26.93
C ILE E 331 -49.30 7.09 -26.07
N ALA E 332 -49.23 6.78 -24.77
CA ALA E 332 -50.37 7.06 -23.90
C ALA E 332 -50.53 8.56 -23.65
N ARG E 333 -49.43 9.34 -23.75
CA ARG E 333 -49.57 10.77 -23.63
C ARG E 333 -50.20 11.37 -24.88
N GLN E 334 -49.78 10.92 -26.07
CA GLN E 334 -50.45 11.48 -27.23
C GLN E 334 -51.84 10.88 -27.44
N HIS E 335 -52.16 9.77 -26.74
CA HIS E 335 -53.55 9.35 -26.59
C HIS E 335 -54.35 10.35 -25.80
N LYS E 336 -53.78 10.85 -24.69
CA LYS E 336 -54.50 11.82 -23.89
C LYS E 336 -54.60 13.15 -24.63
N GLU E 337 -53.58 13.48 -25.42
CA GLU E 337 -53.62 14.68 -26.25
C GLU E 337 -54.70 14.60 -27.33
N LEU E 338 -54.95 13.40 -27.88
CA LEU E 338 -56.08 13.29 -28.80
C LEU E 338 -57.41 13.17 -28.09
N LEU E 339 -57.42 12.75 -26.81
CA LEU E 339 -58.65 12.84 -26.04
C LEU E 339 -58.99 14.28 -25.69
N ARG E 340 -57.98 15.14 -25.58
CA ARG E 340 -58.23 16.58 -25.50
C ARG E 340 -58.76 17.14 -26.81
N PHE E 341 -58.38 16.54 -27.93
CA PHE E 341 -58.84 17.01 -29.24
C PHE E 341 -60.07 16.22 -29.69
N LYS E 394 -66.27 8.75 -35.25
CA LYS E 394 -65.62 7.92 -34.23
C LYS E 394 -64.11 8.01 -34.37
N THR E 395 -63.67 8.65 -35.46
CA THR E 395 -62.25 8.74 -35.79
C THR E 395 -61.46 9.48 -34.71
N VAL E 396 -62.12 10.42 -34.01
CA VAL E 396 -61.50 11.09 -32.87
C VAL E 396 -61.20 10.11 -31.73
N GLU E 397 -62.07 9.11 -31.54
CA GLU E 397 -61.89 8.14 -30.46
C GLU E 397 -61.61 6.72 -30.96
N GLU E 398 -61.45 6.54 -32.27
CA GLU E 398 -60.99 5.24 -32.77
C GLU E 398 -59.49 5.06 -32.50
N MET E 399 -58.71 6.13 -32.67
CA MET E 399 -57.30 6.08 -32.31
C MET E 399 -57.09 6.08 -30.79
N ARG E 400 -58.13 6.35 -30.01
CA ARG E 400 -58.05 6.15 -28.57
C ARG E 400 -57.89 4.67 -28.24
N LYS E 401 -58.81 3.85 -28.74
CA LYS E 401 -58.73 2.42 -28.45
C LYS E 401 -57.63 1.76 -29.26
N LEU E 402 -57.22 2.38 -30.38
CA LEU E 402 -56.09 1.85 -31.11
C LEU E 402 -54.80 2.06 -30.32
N PHE E 403 -54.63 3.24 -29.71
CA PHE E 403 -53.42 3.51 -28.95
C PHE E 403 -53.42 2.76 -27.62
N ILE E 404 -54.59 2.42 -27.09
CA ILE E 404 -54.64 1.62 -25.87
C ILE E 404 -54.26 0.17 -26.17
N SER E 405 -54.82 -0.40 -27.26
CA SER E 405 -54.43 -1.77 -27.61
C SER E 405 -52.99 -1.84 -28.08
N ARG E 406 -52.46 -0.75 -28.65
CA ARG E 406 -51.05 -0.70 -29.01
C ARG E 406 -50.16 -0.67 -27.78
N ALA E 407 -50.58 0.06 -26.75
CA ALA E 407 -49.75 0.17 -25.56
C ALA E 407 -49.78 -1.12 -24.78
N LYS E 408 -50.96 -1.75 -24.69
CA LYS E 408 -51.04 -2.97 -23.90
C LYS E 408 -50.36 -4.12 -24.64
N ARG E 409 -50.34 -4.09 -25.98
CA ARG E 409 -49.62 -5.13 -26.70
C ARG E 409 -48.11 -4.93 -26.59
N ILE E 410 -47.65 -3.69 -26.43
CA ILE E 410 -46.21 -3.50 -26.17
C ILE E 410 -45.88 -3.95 -24.75
N ASP E 411 -46.76 -3.68 -23.78
CA ASP E 411 -46.44 -4.04 -22.41
C ASP E 411 -46.53 -5.55 -22.20
N THR E 412 -47.29 -6.24 -23.05
CA THR E 412 -47.37 -7.70 -22.98
C THR E 412 -46.18 -8.33 -23.68
N VAL E 413 -45.85 -7.85 -24.89
CA VAL E 413 -44.74 -8.48 -25.59
C VAL E 413 -43.42 -8.15 -24.90
N SER E 414 -43.34 -7.02 -24.17
CA SER E 414 -42.14 -6.82 -23.36
C SER E 414 -42.17 -7.63 -22.08
N ARG E 415 -43.38 -7.93 -21.58
CA ARG E 415 -43.52 -8.69 -20.34
C ARG E 415 -43.12 -10.14 -20.57
N VAL E 416 -43.22 -10.60 -21.80
CA VAL E 416 -42.86 -11.96 -22.14
C VAL E 416 -41.45 -12.04 -22.71
N ALA E 417 -41.06 -11.04 -23.50
CA ALA E 417 -39.77 -11.08 -24.20
C ALA E 417 -38.60 -10.81 -23.25
N PHE E 418 -38.73 -9.87 -22.31
CA PHE E 418 -37.59 -9.51 -21.47
C PHE E 418 -37.00 -10.61 -20.59
N PRO E 419 -37.77 -11.53 -19.98
CA PRO E 419 -37.09 -12.68 -19.37
C PRO E 419 -36.49 -13.68 -20.36
N LEU E 420 -37.05 -13.81 -21.56
CA LEU E 420 -36.61 -14.87 -22.45
C LEU E 420 -35.26 -14.57 -23.10
N VAL E 421 -35.05 -13.34 -23.57
CA VAL E 421 -33.77 -13.04 -24.21
C VAL E 421 -32.66 -12.97 -23.15
N PHE E 422 -33.01 -12.61 -21.91
CA PHE E 422 -32.02 -12.66 -20.85
C PHE E 422 -31.67 -14.10 -20.46
N LEU E 423 -32.63 -15.02 -20.56
CA LEU E 423 -32.30 -16.42 -20.29
C LEU E 423 -31.45 -17.00 -21.41
N ILE E 424 -31.71 -16.59 -22.66
CA ILE E 424 -30.93 -17.04 -23.79
C ILE E 424 -29.50 -16.50 -23.69
N PHE E 425 -29.36 -15.23 -23.30
CA PHE E 425 -28.03 -14.66 -23.10
C PHE E 425 -27.30 -15.33 -21.94
N ASN E 426 -28.01 -15.68 -20.86
CA ASN E 426 -27.34 -16.32 -19.73
C ASN E 426 -26.92 -17.74 -20.06
N ILE E 427 -27.63 -18.39 -20.98
CA ILE E 427 -27.20 -19.71 -21.43
C ILE E 427 -25.98 -19.59 -22.32
N PHE E 428 -26.00 -18.66 -23.28
CA PHE E 428 -24.87 -18.51 -24.18
C PHE E 428 -23.64 -17.98 -23.44
N TYR E 429 -23.85 -17.26 -22.34
CA TYR E 429 -22.76 -16.76 -21.52
C TYR E 429 -22.11 -17.88 -20.74
N TRP E 430 -22.92 -18.71 -20.07
CA TRP E 430 -22.29 -19.69 -19.20
C TRP E 430 -21.70 -20.81 -20.03
N ILE E 431 -22.25 -21.04 -21.24
CA ILE E 431 -21.68 -22.05 -22.11
C ILE E 431 -20.37 -21.55 -22.70
N THR E 432 -20.31 -20.28 -23.15
CA THR E 432 -19.09 -19.80 -23.78
C THR E 432 -17.99 -19.57 -22.77
N TYR E 433 -18.30 -19.63 -21.48
CA TYR E 433 -17.25 -19.50 -20.47
C TYR E 433 -16.82 -20.86 -19.92
N LYS E 434 -17.76 -21.80 -19.79
CA LYS E 434 -17.37 -23.16 -19.38
C LYS E 434 -16.48 -23.82 -20.42
N ILE E 435 -16.79 -23.67 -21.72
CA ILE E 435 -15.94 -24.33 -22.72
C ILE E 435 -14.54 -23.72 -22.73
N ILE E 436 -14.44 -22.39 -22.65
CA ILE E 436 -13.12 -21.75 -22.70
C ILE E 436 -12.30 -22.11 -21.46
N ARG E 437 -12.92 -22.14 -20.26
CA ARG E 437 -12.13 -22.51 -19.09
C ARG E 437 -11.70 -23.97 -19.18
N SER E 438 -12.58 -24.85 -19.69
CA SER E 438 -12.23 -26.26 -19.80
C SER E 438 -11.06 -26.43 -20.76
N GLU E 439 -11.07 -25.66 -21.87
CA GLU E 439 -10.00 -25.73 -22.85
C GLU E 439 -8.67 -25.29 -22.25
N ASP E 440 -8.68 -24.23 -21.44
CA ASP E 440 -7.45 -23.74 -20.82
C ASP E 440 -6.76 -24.70 -19.85
N ILE E 441 -7.38 -25.85 -19.57
CA ILE E 441 -6.85 -26.87 -18.67
C ILE E 441 -6.16 -27.96 -19.50
N HIS E 442 -6.69 -28.20 -20.69
CA HIS E 442 -6.19 -29.30 -21.52
C HIS E 442 -4.84 -28.99 -22.17
N LYS E 443 -4.60 -27.72 -22.51
CA LYS E 443 -3.32 -27.36 -23.11
C LYS E 443 -2.17 -27.35 -22.10
N GLN E 444 -2.47 -27.21 -20.82
CA GLN E 444 -1.49 -27.24 -19.72
C GLN E 444 -0.35 -26.23 -19.90
C1 NAG F . 36.96 2.35 -32.43
C2 NAG F . 36.65 3.80 -32.81
C3 NAG F . 37.73 4.38 -33.73
C4 NAG F . 39.12 4.13 -33.16
C5 NAG F . 39.30 2.65 -32.88
C6 NAG F . 40.64 2.31 -32.27
C7 NAG F . 34.87 3.40 -34.52
C8 NAG F . 33.46 3.73 -34.89
N2 NAG F . 35.33 3.96 -33.39
O3 NAG F . 37.52 5.78 -33.89
O4 NAG F . 40.17 4.67 -33.96
O5 NAG F . 38.30 2.25 -31.92
O6 NAG F . 40.71 0.95 -31.89
O7 NAG F . 35.56 2.66 -35.22
C1 NAG F . 40.12 4.39 -35.38
C2 NAG F . 40.27 5.71 -36.12
C3 NAG F . 40.24 5.47 -37.62
C4 NAG F . 41.23 4.37 -38.02
C5 NAG F . 41.07 3.14 -37.12
C6 NAG F . 42.13 2.10 -37.35
C7 NAG F . 39.44 7.97 -35.63
C8 NAG F . 38.25 8.79 -35.22
N2 NAG F . 39.24 6.65 -35.73
O3 NAG F . 40.55 6.67 -38.30
O4 NAG F . 41.02 3.99 -39.37
O5 NAG F . 41.17 3.54 -35.74
O6 NAG F . 43.43 2.62 -37.15
O7 NAG F . 40.53 8.48 -35.88
C1 NAG G . 38.89 29.92 3.42
C2 NAG G . 38.24 30.79 4.50
C3 NAG G . 39.23 31.82 5.08
C4 NAG G . 40.54 31.14 5.47
C5 NAG G . 41.09 30.36 4.28
C6 NAG G . 42.37 29.63 4.59
C7 NAG G . 36.90 32.33 3.05
C8 NAG G . 35.51 32.83 2.79
N2 NAG G . 37.01 31.44 4.06
O3 NAG G . 38.64 32.44 6.22
O4 NAG G . 41.50 32.03 6.03
O5 NAG G . 40.12 29.37 3.90
O6 NAG G . 42.76 28.80 3.50
O7 NAG G . 37.86 32.71 2.39
C1 NAG G . 41.72 33.28 5.32
C2 NAG G . 41.60 34.42 6.33
C3 NAG G . 41.84 35.75 5.62
C4 NAG G . 43.14 35.71 4.83
C5 NAG G . 43.22 34.45 3.95
C6 NAG G . 44.55 34.27 3.28
C7 NAG G . 40.09 34.76 8.24
C8 NAG G . 38.68 34.69 8.73
N2 NAG G . 40.29 34.40 6.97
O3 NAG G . 41.89 36.79 6.59
O4 NAG G . 43.24 36.86 3.99
O5 NAG G . 43.00 33.28 4.78
O6 NAG G . 45.62 34.22 4.23
O7 NAG G . 41.02 35.12 8.96
C1 NAG H . 27.93 5.94 39.99
C2 NAG H . 26.92 5.26 40.92
C3 NAG H . 27.49 5.06 42.33
C4 NAG H . 28.87 4.41 42.27
C5 NAG H . 29.77 5.21 41.35
C6 NAG H . 31.16 4.63 41.19
C7 NAG H . 25.43 7.21 41.39
C8 NAG H . 24.01 7.68 41.32
N2 NAG H . 25.64 5.95 40.96
O3 NAG H . 26.61 4.24 43.08
O4 NAG H . 29.45 4.17 43.54
O5 NAG H . 29.19 5.25 40.04
O6 NAG H . 31.92 5.32 40.23
O7 NAG H . 26.33 7.93 41.81
C1 NAG H . 29.41 5.26 44.48
C2 NAG H . 28.84 4.73 45.79
C3 NAG H . 28.80 5.86 46.83
C4 NAG H . 30.16 6.54 46.93
C5 NAG H . 30.70 6.91 45.55
C6 NAG H . 32.11 7.42 45.60
C7 NAG H . 27.04 3.12 46.26
C8 NAG H . 25.65 2.69 45.92
N2 NAG H . 27.51 4.18 45.58
O3 NAG H . 28.41 5.33 48.08
O4 NAG H . 30.04 7.72 47.71
O5 NAG H . 30.71 5.73 44.72
O6 NAG H . 33.00 6.49 46.18
O7 NAG H . 27.71 2.55 47.11
C1 NAG I . 19.30 -36.29 26.95
C2 NAG I . 18.40 -37.38 26.31
C3 NAG I . 18.80 -38.78 26.78
C4 NAG I . 20.30 -38.99 26.59
C5 NAG I . 21.06 -37.89 27.31
C6 NAG I . 22.57 -38.00 27.16
C7 NAG I . 16.37 -37.07 27.74
C8 NAG I . 14.90 -36.79 27.70
N2 NAG I . 16.98 -37.11 26.54
O3 NAG I . 18.08 -39.73 26.00
O4 NAG I . 20.74 -40.29 26.98
O5 NAG I . 20.68 -36.63 26.73
O6 NAG I . 23.23 -36.87 27.71
O7 NAG I . 16.97 -37.24 28.81
C1 NAG I . 20.27 -40.79 28.25
C2 NAG I . 19.68 -42.18 28.03
C3 NAG I . 19.18 -42.74 29.35
C4 NAG I . 20.27 -42.66 30.43
C5 NAG I . 20.87 -41.25 30.47
C6 NAG I . 22.07 -41.15 31.39
C7 NAG I . 18.36 -43.12 26.18
C8 NAG I . 17.21 -42.91 25.25
N2 NAG I . 18.61 -42.13 27.05
O3 NAG I . 18.78 -44.10 29.16
O4 NAG I . 19.71 -42.96 31.70
O5 NAG I . 21.34 -40.89 29.15
O6 NAG I . 23.09 -42.07 31.01
O7 NAG I . 19.05 -44.14 26.15
C1 NAG J . 24.77 -38.59 -17.76
C2 NAG J . 24.30 -38.34 -19.20
C3 NAG J . 25.01 -39.27 -20.20
C4 NAG J . 26.52 -39.24 -19.97
C5 NAG J . 26.83 -39.54 -18.51
C6 NAG J . 28.31 -39.50 -18.19
C7 NAG J . 22.09 -39.50 -19.11
C8 NAG J . 20.62 -39.31 -19.34
N2 NAG J . 22.86 -38.41 -19.35
O3 NAG J . 24.70 -38.86 -21.51
O4 NAG J . 27.25 -40.06 -20.88
O5 NAG J . 26.19 -38.55 -17.69
O6 NAG J . 28.54 -39.65 -16.80
O7 NAG J . 22.55 -40.58 -18.74
C1 NAG J . 26.76 -41.41 -21.06
C2 NAG J . 26.62 -41.66 -22.56
C3 NAG J . 26.13 -43.08 -22.80
C4 NAG J . 26.98 -44.09 -22.04
C5 NAG J . 27.15 -43.67 -20.57
C6 NAG J . 28.14 -44.54 -19.82
C7 NAG J . 25.90 -40.21 -24.40
C8 NAG J . 24.88 -39.21 -24.87
N2 NAG J . 25.73 -40.68 -23.16
O3 NAG J . 26.15 -43.36 -24.19
O4 NAG J . 26.36 -45.37 -22.08
O5 NAG J . 27.66 -42.33 -20.52
O6 NAG J . 29.41 -44.54 -20.44
O7 NAG J . 26.83 -40.56 -25.11
O4 PX4 K . -12.36 7.47 -34.98
C6 PX4 K . -13.26 6.34 -34.94
C7 PX4 K . -14.25 6.51 -33.77
C8 PX4 K . -13.61 5.98 -32.47
O5 PX4 K . -14.64 5.59 -31.57
C9 PX4 K . -14.30 4.45 -30.78
O6 PX4 K . -13.22 3.98 -30.83
C10 PX4 K . -15.36 3.82 -29.84
C11 PX4 K . -16.76 4.41 -30.17
C12 PX4 K . -17.81 3.90 -29.15
C13 PX4 K . -18.94 4.93 -29.00
C14 PX4 K . -18.36 6.28 -28.53
O7 PX4 K . -14.55 7.87 -33.62
C23 PX4 K . -15.43 8.38 -34.60
O8 PX4 K . -15.04 9.15 -35.41
C24 PX4 K . -16.91 7.93 -34.61
C25 PX4 K . -17.73 8.80 -33.62
C26 PX4 K . -18.90 7.96 -33.06
C27 PX4 K . -19.91 7.63 -34.20
C28 PX4 K . -21.26 7.19 -33.59
O1 PIO L . -35.12 32.71 -22.82
P1 PIO L . -34.20 31.40 -23.24
O11 PIO L . -34.45 31.05 -24.69
O12 PIO L . -32.75 31.73 -23.03
O13 PIO L . -34.62 30.12 -22.28
C1A PIO L . -31.67 27.72 -21.74
O1A PIO L . -30.60 28.13 -22.06
C1B PIO L . -33.24 26.50 -26.10
O1B PIO L . -34.02 27.15 -26.71
C1C PIO L . -34.95 28.91 -22.91
C2A PIO L . -31.81 26.33 -21.12
C2B PIO L . -32.30 25.54 -26.82
C2C PIO L . -33.73 27.99 -22.86
O2C PIO L . -32.81 28.52 -21.94
C3A PIO L . -30.75 26.08 -20.04
C3B PIO L . -30.85 26.01 -26.79
C3C PIO L . -33.09 27.92 -24.24
O3C PIO L . -33.19 26.60 -24.70
C4A PIO L . -29.53 25.34 -20.59
C4B PIO L . -29.86 24.85 -26.77
C5A PIO L . -28.27 26.21 -20.54
C5B PIO L . -28.98 24.85 -25.53
C6A PIO L . -27.01 25.39 -20.29
C6B PIO L . -28.10 23.60 -25.44
C7A PIO L . -26.12 26.01 -19.21
C7B PIO L . -26.71 23.91 -24.89
C8A PIO L . -24.64 25.75 -19.46
C8B PIO L . -25.92 22.65 -24.58
O4 PX4 M . -9.01 35.89 -8.25
C6 PX4 M . -9.54 35.49 -9.52
C7 PX4 M . -10.69 34.49 -9.32
C8 PX4 M . -10.12 33.07 -9.19
O5 PX4 M . -11.10 32.13 -9.59
C9 PX4 M . -10.58 30.98 -10.25
O6 PX4 M . -9.41 30.83 -10.35
C10 PX4 M . -11.55 29.93 -10.86
C11 PX4 M . -12.98 30.50 -10.87
C12 PX4 M . -13.97 29.39 -11.34
C13 PX4 M . -15.37 29.64 -10.72
C14 PX4 M . -15.26 29.64 -9.18
O7 PX4 M . -11.38 34.82 -8.15
C23 PX4 M . -12.22 35.95 -8.28
O8 PX4 M . -11.96 36.96 -7.72
C24 PX4 M . -13.51 35.87 -9.15
C25 PX4 M . -14.66 35.25 -8.31
C26 PX4 M . -15.62 34.49 -9.26
C27 PX4 M . -16.33 35.49 -10.22
C28 PX4 M . -17.57 34.81 -10.86
O1 PIO N . -39.45 33.87 11.04
P1 PIO N . -38.15 33.78 10.03
O11 PIO N . -38.07 35.04 9.19
O12 PIO N . -36.88 33.65 10.85
O13 PIO N . -38.31 32.47 9.04
C1A PIO N . -34.91 31.03 7.99
O1A PIO N . -33.97 31.43 8.59
C1B PIO N . -35.44 34.77 5.04
O1B PIO N . -36.28 35.60 5.19
C1C PIO N . -38.19 32.66 7.66
C2A PIO N . -34.73 29.98 6.90
C2B PIO N . -34.18 35.09 4.25
C2C PIO N . -36.78 32.26 7.24
O2C PIO N . -36.17 31.54 8.29
C3A PIO N . -33.81 28.84 7.33
C3B PIO N . -32.95 35.17 5.14
C3C PIO N . -35.96 33.51 6.95
O3C PIO N . -35.62 33.49 5.59
C4A PIO N . -32.37 29.06 6.90
C4B PIO N . -31.67 34.72 4.41
C5A PIO N . -31.42 29.27 8.08
C5B PIO N . -31.02 33.52 5.09
C6A PIO N . -30.03 28.71 7.81
C6B PIO N . -29.85 32.97 4.27
C7A PIO N . -29.52 27.87 8.98
C7B PIO N . -28.69 32.51 5.15
C8A PIO N . -28.00 27.96 9.14
C8B PIO N . -27.62 31.77 4.36
O1 PX4 O . -9.00 23.12 -20.03
P1 PX4 O . -10.07 24.06 -19.75
O3 PX4 O . -10.60 23.92 -18.17
C1 PX4 O . -9.62 23.78 -17.13
C2 PX4 O . -9.57 25.09 -16.30
N1 PX4 O . -8.17 25.53 -16.10
C3 PX4 O . -7.42 24.52 -15.35
C4 PX4 O . -8.16 26.76 -15.34
C5 PX4 O . -7.51 25.76 -17.37
O4 PX4 O . -11.35 23.88 -20.83
C6 PX4 O . -11.26 22.84 -21.83
C7 PX4 O . -12.42 22.99 -22.82
C8 PX4 O . -11.97 22.54 -24.22
O5 PX4 O . -12.00 21.13 -24.30
C9 PX4 O . -12.37 20.63 -25.59
O6 PX4 O . -11.58 20.02 -26.24
C10 PX4 O . -13.79 20.89 -26.14
C11 PX4 O . -13.75 20.93 -27.69
C12 PX4 O . -14.59 22.13 -28.20
C13 PX4 O . -16.09 21.74 -28.19
C14 PX4 O . -16.88 22.73 -29.10
O7 PX4 O . -13.49 22.19 -22.40
C23 PX4 O . -14.39 22.86 -21.53
O8 PX4 O . -14.88 23.88 -21.85
C24 PX4 O . -14.72 22.22 -20.16
C25 PX4 O . -14.11 23.09 -19.02
C26 PX4 O . -15.20 23.44 -17.98
C27 PX4 O . -15.03 24.92 -17.53
C28 PX4 O . -13.60 25.13 -16.94
O1 PX4 P . -12.28 27.04 11.25
P1 PX4 P . -13.61 27.15 11.84
O3 PX4 P . -14.30 25.63 12.08
C1 PX4 P . -13.48 24.58 12.60
C2 PX4 P . -13.91 24.27 14.06
N1 PX4 P . -12.73 24.19 14.96
C3 PX4 P . -11.86 23.11 14.53
C4 PX4 P . -13.19 23.92 16.31
C5 PX4 P . -12.00 25.44 14.94
O4 PX4 P . -14.62 28.13 10.92
C6 PX4 P . -14.11 28.69 9.70
C7 PX4 P . -15.11 29.71 9.14
C8 PX4 P . -14.35 30.84 8.43
O5 PX4 P . -13.98 30.40 7.13
C9 PX4 P . -14.00 31.45 6.15
O6 PX4 P . -13.00 31.80 5.64
C10 PX4 P . -15.35 32.10 5.75
C11 PX4 P . -15.10 33.56 5.29
C12 PX4 P . -16.16 34.50 5.92
C13 PX4 P . -17.48 34.41 5.12
C14 PX4 P . -18.37 35.62 5.45
O7 PX4 P . -15.95 29.08 8.24
C23 PX4 P . -17.12 28.52 8.83
O8 PX4 P . -17.83 29.20 9.49
C24 PX4 P . -17.46 27.02 8.62
C25 PX4 P . -17.27 26.26 9.95
C26 PX4 P . -18.56 25.45 10.27
C27 PX4 P . -18.88 25.55 11.79
C28 PX4 P . -17.67 25.03 12.62
O4 PX4 Q . -17.56 20.59 26.50
C6 PX4 Q . -17.77 21.66 25.56
C7 PX4 Q . -18.61 21.15 24.39
C8 PX4 Q . -17.69 20.51 23.34
O5 PX4 Q . -18.30 20.57 22.06
C9 PX4 Q . -17.38 20.77 20.98
O6 PX4 Q . -16.21 20.77 21.18
C10 PX4 Q . -17.92 20.99 19.54
C11 PX4 Q . -19.45 21.25 19.59
C12 PX4 Q . -20.00 21.32 18.14
C13 PX4 Q . -21.48 20.89 18.14
C14 PX4 Q . -21.60 19.44 18.68
O7 PX4 Q . -19.52 20.20 24.84
C23 PX4 Q . -20.62 20.75 25.55
O8 PX4 Q . -20.73 20.58 26.71
C24 PX4 Q . -21.69 21.58 24.78
C25 PX4 Q . -22.73 20.62 24.16
C26 PX4 Q . -23.30 21.26 22.86
C27 PX4 Q . -24.10 22.54 23.21
C28 PX4 Q . -25.00 22.94 22.01
O1 PIO R . -48.62 2.90 21.56
P1 PIO R . -47.22 3.77 21.54
O11 PIO R . -47.38 4.99 22.41
O12 PIO R . -46.09 2.91 22.09
O13 PIO R . -46.86 4.23 20.01
C1A PIO R . -43.09 4.58 19.44
O1A PIO R . -42.38 4.13 20.28
C1B PIO R . -44.22 8.69 21.63
O1B PIO R . -45.26 8.88 22.15
C1C PIO R . -46.61 5.58 19.75
C2A PIO R . -42.47 5.22 18.19
C2B PIO R . -43.00 9.50 22.05
C2C PIO R . -45.09 5.78 19.69
O2C PIO R . -44.47 4.52 19.58
C3A PIO R . -41.33 4.37 17.61
C3B PIO R . -41.98 8.65 22.80
C3C PIO R . -44.62 6.48 20.97
O3C PIO R . -44.11 7.73 20.62
C4A PIO R . -39.96 4.82 18.11
C4B PIO R . -40.55 9.13 22.56
C5A PIO R . -39.29 3.75 18.98
C5B PIO R . -39.68 8.05 21.91
C6A PIO R . -37.78 3.75 18.83
C6B PIO R . -38.30 8.58 21.52
C7A PIO R . -37.22 2.34 18.63
C7B PIO R . -37.19 7.55 21.76
C8A PIO R . -35.82 2.18 19.23
C8B PIO R . -35.85 7.99 21.17
O1 PX4 S . -20.75 -0.58 23.89
P1 PX4 S . -22.12 -1.06 23.77
O3 PX4 S . -22.39 -1.78 22.27
C1 PX4 S . -21.39 -2.67 21.76
C2 PX4 S . -21.91 -4.13 21.83
N1 PX4 S . -20.89 -5.04 22.41
C3 PX4 S . -19.71 -5.06 21.59
C4 PX4 S . -21.44 -6.38 22.47
C5 PX4 S . -20.55 -4.61 23.75
O4 PX4 S . -23.23 0.19 24.03
C6 PX4 S . -22.73 1.50 24.30
C7 PX4 S . -23.89 2.42 24.72
C8 PX4 S . -23.38 3.47 25.73
O5 PX4 S . -22.73 4.51 25.04
C9 PX4 S . -22.91 5.80 25.63
O6 PX4 S . -21.97 6.36 26.11
C10 PX4 S . -24.31 6.45 25.67
C11 PX4 S . -24.41 7.39 26.91
C12 PX4 S . -25.78 7.16 27.61
C13 PX4 S . -26.88 7.92 26.86
C14 PX4 S . -28.12 8.07 27.77
O7 PX4 S . -24.39 3.07 23.59
C23 PX4 S . -25.42 2.36 22.92
O8 PX4 S . -26.37 2.01 23.52
C24 PX4 S . -25.29 2.05 21.41
C25 PX4 S . -25.08 0.53 21.21
C26 PX4 S . -26.12 -0.01 20.19
C27 PX4 S . -26.66 -1.39 20.68
C28 PX4 S . -25.49 -2.39 20.86
O4 PX4 T . -26.10 -16.94 21.44
C6 PX4 T . -26.46 -15.67 22.02
C7 PX4 T . -26.95 -14.73 20.92
C8 PX4 T . -25.75 -14.01 20.29
O5 PX4 T . -26.18 -12.76 19.75
C9 PX4 T . -25.20 -11.72 19.86
O6 PX4 T . -24.11 -11.94 20.29
C10 PX4 T . -25.57 -10.28 19.42
C11 PX4 T . -27.10 -10.18 19.20
C12 PX4 T . -27.45 -8.78 18.62
C13 PX4 T . -28.74 -8.88 17.76
C14 PX4 T . -28.51 -9.87 16.61
O7 PX4 T . -27.61 -15.46 19.93
C23 PX4 T . -28.91 -15.88 20.31
O8 PX4 T . -29.13 -17.03 20.51
C24 PX4 T . -30.06 -14.84 20.47
C25 PX4 T . -30.68 -14.55 19.10
C26 PX4 T . -31.21 -13.09 19.06
C27 PX4 T . -32.39 -12.94 20.07
C28 PX4 T . -33.19 -11.65 19.74
O1 PIO U . -49.92 -17.45 -5.67
P1 PIO U . -48.84 -17.19 -4.45
O11 PIO U . -49.45 -17.57 -3.12
O12 PIO U . -47.60 -18.04 -4.69
O13 PIO U . -48.40 -15.60 -4.43
C1A PIO U . -44.83 -15.07 -3.12
O1A PIO U . -44.16 -16.05 -3.02
C1B PIO U . -47.38 -15.64 0.90
O1B PIO U . -48.50 -16.03 0.91
C1C PIO U . -48.51 -14.90 -3.23
C2A PIO U . -44.25 -13.71 -2.76
C2B PIO U . -46.50 -15.79 2.15
C2C PIO U . -47.12 -14.83 -2.60
O2C PIO U . -46.16 -15.18 -3.56
C3A PIO U . -42.86 -13.51 -3.35
C3B PIO U . -45.40 -16.82 1.96
C3C PIO U . -47.05 -15.79 -1.41
O3C PIO U . -46.86 -15.04 -0.25
C4A PIO U . -41.75 -13.87 -2.36
C4B PIO U . -44.14 -16.48 2.75
C5A PIO U . -40.94 -15.07 -2.82
C5B PIO U . -42.93 -16.29 1.85
C6A PIO U . -39.48 -14.99 -2.40
C6B PIO U . -41.71 -15.79 2.62
C7A PIO U . -38.53 -15.31 -3.55
C7B PIO U . -40.41 -16.41 2.13
C8A PIO U . -37.24 -15.98 -3.06
C8B PIO U . -39.17 -15.75 2.73
O1 PX4 V . -22.88 -21.90 0.68
P1 PX4 V . -24.04 -21.91 -0.21
O3 PX4 V . -23.88 -20.75 -1.41
C1 PX4 V . -22.61 -20.61 -2.06
C2 PX4 V . -22.70 -21.16 -3.50
N1 PX4 V . -21.56 -22.06 -3.82
C3 PX4 V . -20.32 -21.34 -3.72
C4 PX4 V . -21.71 -22.56 -5.17
C5 PX4 V . -21.55 -23.18 -2.91
O4 PX4 V . -25.48 -21.68 0.65
C6 PX4 V . -25.41 -21.50 2.06
C7 PX4 V . -26.82 -21.52 2.65
C8 PX4 V . -26.78 -22.13 4.06
O5 PX4 V . -26.36 -21.13 4.99
C9 PX4 V . -26.98 -21.25 6.27
O6 PX4 V . -26.32 -21.53 7.23
C10 PX4 V . -28.50 -21.01 6.43
C11 PX4 V . -29.03 -21.83 7.63
C12 PX4 V . -30.36 -22.52 7.23
C13 PX4 V . -31.52 -21.52 7.33
C14 PX4 V . -32.87 -22.28 7.36
O7 PX4 V . -27.32 -20.22 2.72
C23 PX4 V . -28.01 -19.81 1.55
O8 PX4 V . -28.90 -20.46 1.13
C24 PX4 V . -27.59 -18.50 0.83
C25 PX4 V . -26.94 -18.86 -0.53
C26 PX4 V . -27.63 -18.05 -1.67
C27 PX4 V . -27.83 -18.96 -2.91
C28 PX4 V . -26.45 -19.52 -3.38
O1 PX4 W . -15.57 -7.45 -26.66
P1 PX4 W . -16.54 -6.57 -27.31
O3 PX4 W . -16.54 -5.05 -26.60
C1 PX4 W . -15.29 -4.43 -26.28
C2 PX4 W . -15.01 -3.27 -27.27
N1 PX4 W . -13.63 -3.32 -27.81
C3 PX4 W . -12.67 -3.21 -26.74
C4 PX4 W . -13.45 -2.22 -28.73
C5 PX4 W . -13.43 -4.57 -28.52
O4 PX4 W . -18.09 -7.23 -27.28
C6 PX4 W . -18.27 -8.50 -26.64
C7 PX4 W . -19.69 -9.02 -26.93
C8 PX4 W . -19.69 -10.55 -27.01
O5 PX4 W . -19.69 -11.09 -25.70
C9 PX4 W . -20.42 -12.32 -25.58
O6 PX4 W . -19.86 -13.33 -25.32
C10 PX4 W . -21.96 -12.32 -25.79
C11 PX4 W . -22.40 -13.70 -26.32
C12 PX4 W . -23.41 -13.52 -27.49
C13 PX4 W . -24.81 -13.22 -26.91
C14 PX4 W . -25.88 -13.47 -28.00
O7 PX4 W . -20.55 -8.61 -25.91
C23 PX4 W . -21.15 -7.34 -26.13
O8 PX4 W . -21.76 -7.14 -27.12
C24 PX4 W . -21.01 -6.22 -25.05
C25 PX4 W . -20.11 -5.10 -25.59
C26 PX4 W . -20.83 -3.74 -25.45
C27 PX4 W . -20.58 -2.88 -26.72
C28 PX4 W . -19.06 -2.68 -26.94
O4 PX4 X . -23.01 -25.09 -16.40
C6 PX4 X . -23.80 -25.19 -15.20
C7 PX4 X . -24.38 -23.81 -14.86
C8 PX4 X . -23.34 -23.01 -14.03
O5 PX4 X . -24.02 -22.05 -13.23
C9 PX4 X . -23.41 -21.84 -11.95
O6 PX4 X . -22.38 -22.35 -11.69
C10 PX4 X . -24.11 -20.91 -10.92
C11 PX4 X . -25.55 -20.61 -11.38
C12 PX4 X . -26.20 -19.57 -10.42
C13 PX4 X . -27.27 -18.76 -11.19
C14 PX4 X . -26.62 -18.03 -12.38
O7 PX4 X . -24.66 -23.12 -16.03
C23 PX4 X . -25.82 -23.57 -16.70
O8 PX4 X . -25.73 -24.14 -17.72
C24 PX4 X . -27.23 -23.32 -16.07
C25 PX4 X . -27.71 -21.90 -16.45
C26 PX4 X . -28.62 -21.34 -15.32
C27 PX4 X . -29.92 -22.20 -15.24
C28 PX4 X . -31.00 -21.42 -14.44
O1 PIO Y . -41.67 0.97 -32.97
P1 PIO Y . -40.89 -0.11 -32.01
O11 PIO Y . -41.56 -1.45 -32.12
O12 PIO Y . -39.45 -0.22 -32.46
O13 PIO Y . -40.93 0.41 -30.45
C1A PIO Y . -37.88 -0.77 -28.44
O1A PIO Y . -36.98 -1.22 -29.07
C1B PIO Y . -40.70 -4.64 -28.45
O1B PIO Y . -41.65 -4.75 -29.15
C1C PIO Y . -41.39 -0.48 -29.46
C2A PIO Y . -37.76 -0.64 -26.92
C2B PIO Y . -40.00 -5.89 -27.92
C2C PIO Y . -40.19 -1.09 -28.76
O2C PIO Y . -39.04 -0.35 -29.10
C3A PIO Y . -36.41 -0.08 -26.49
C3B PIO Y . -38.63 -6.11 -28.56
C3C PIO Y . -40.01 -2.54 -29.22
O3C PIO Y . -40.20 -3.37 -28.12
C4A PIO Y . -35.40 -1.17 -26.15
C4B PIO Y . -37.65 -6.78 -27.60
C5A PIO Y . -34.22 -1.18 -27.13
C5B PIO Y . -36.42 -5.91 -27.34
C6A PIO Y . -32.92 -1.61 -26.46
C6B PIO Y . -35.52 -6.50 -26.26
C7A PIO Y . -31.76 -0.67 -26.83
C7B PIO Y . -34.03 -6.30 -26.58
C8A PIO Y . -30.42 -1.40 -26.86
C8B PIO Y . -33.13 -6.69 -25.40
#